data_3TUZ
#
_entry.id   3TUZ
#
_cell.length_a   83.310
_cell.length_b   138.890
_cell.length_c   147.510
_cell.angle_alpha   90.000
_cell.angle_beta   95.720
_cell.angle_gamma   90.000
#
_symmetry.space_group_name_H-M   'P 1 21 1'
#
loop_
_entity.id
_entity.type
_entity.pdbx_description
1 polymer 'D-methionine transport system permease protein metI'
2 polymer 'Methionine import ATP-binding protein MetN'
3 non-polymer SELENOMETHIONINE
4 non-polymer "ADENOSINE-5'-DIPHOSPHATE"
#
loop_
_entity_poly.entity_id
_entity_poly.type
_entity_poly.pdbx_seq_one_letter_code
_entity_poly.pdbx_strand_id
1 'polypeptide(L)'
;MSEPMMWLLVRGVWETLAMTFVSGFFGFVIGLPVGVLLYVTRPGQIIANAKLYRTVSAIVNIFRSIPFIILLVWMIPFTR
VIVGTSIGLQAAIVPLTVGAAPFIARMVENALLEIPTGLIEASRAMGATPMQIVRKVLLPEALPGLVNAATITLITLVGY
SAMGGAVGAGGLGQIGYQYGYIGYNATVMNTVLVLLVILVYLIQFAGDRIVRAVTRK
;
A,B,E,F
2 'polypeptide(L)'
;MGHHHHHHHHHHSSGHIDDDDKHMIKLSNITKVFHQGTRTIQALNNVSLHVPAGQIYGVIGASGAGKSTLIRCVNLLERP
TEGSVLVDGQELTTLSESELTKARRQIGMIFQHFNLLSSRTVFGNVALPLELDNTPKDEVKRRVTELLSLVGLGDKHDSY
PSNLSGGQKQRVAIARALASNPKVLLCDQATSALDPATTRSILELLKDINRRLGLTILLITHEMDVVKRICDCVAVISNG
ELIEQDTVSEVFSHPKTPLAQKFIQSTLHLDIPEDYQERLQAEPFTDCVPMLRLEFTGQSVDAPLLSETARRFNVNNNII
SAQMDYAGGVKFGIMLTEMHGTQQDTQAAIAWLQEHHVKVEVLGYV
;
C,D,G,H
#
loop_
_chem_comp.id
_chem_comp.type
_chem_comp.name
_chem_comp.formula
ADP non-polymer ADENOSINE-5'-DIPHOSPHATE 'C10 H15 N5 O10 P2'
#
# COMPACT_ATOMS: atom_id res chain seq x y z
N MET A 1 -9.98 -34.39 -74.76
CA MET A 1 -8.71 -35.03 -74.43
C MET A 1 -8.13 -35.85 -75.61
N SER A 2 -6.91 -35.51 -76.03
CA SER A 2 -6.25 -36.22 -77.11
C SER A 2 -5.66 -37.54 -76.61
N GLU A 3 -5.49 -38.51 -77.51
CA GLU A 3 -4.76 -39.72 -77.15
C GLU A 3 -3.27 -39.43 -76.92
N PRO A 4 -2.67 -38.50 -77.69
CA PRO A 4 -1.30 -38.05 -77.36
C PRO A 4 -1.29 -37.25 -76.06
N MET A 5 -2.43 -36.66 -75.71
CA MET A 5 -2.54 -35.83 -74.52
C MET A 5 -2.48 -36.68 -73.26
N MET A 6 -3.15 -37.82 -73.29
CA MET A 6 -3.15 -38.70 -72.16
C MET A 6 -1.76 -39.24 -71.85
N TRP A 7 -1.10 -39.82 -72.85
CA TRP A 7 0.27 -40.33 -72.70
C TRP A 7 1.28 -39.18 -72.41
N LEU A 8 0.77 -37.95 -72.40
CA LEU A 8 1.58 -36.76 -72.14
C LEU A 8 1.53 -36.32 -70.69
N LEU A 9 0.33 -36.28 -70.15
CA LEU A 9 0.10 -35.95 -68.75
C LEU A 9 0.77 -36.98 -67.87
N VAL A 10 0.66 -38.24 -68.26
CA VAL A 10 1.37 -39.30 -67.59
C VAL A 10 2.86 -38.99 -67.50
N ARG A 11 3.45 -38.48 -68.57
CA ARG A 11 4.83 -38.04 -68.45
C ARG A 11 4.91 -36.81 -67.54
N GLY A 12 3.92 -35.93 -67.59
CA GLY A 12 3.90 -34.78 -66.70
C GLY A 12 3.88 -35.18 -65.23
N VAL A 13 2.86 -35.92 -64.85
CA VAL A 13 2.79 -36.45 -63.50
C VAL A 13 4.09 -37.14 -63.09
N TRP A 14 4.72 -37.85 -64.02
CA TRP A 14 6.01 -38.47 -63.73
C TRP A 14 7.09 -37.43 -63.48
N GLU A 15 7.19 -36.44 -64.36
CA GLU A 15 8.19 -35.39 -64.19
C GLU A 15 7.95 -34.58 -62.91
N THR A 16 6.68 -34.40 -62.56
CA THR A 16 6.32 -33.67 -61.33
C THR A 16 6.74 -34.44 -60.08
N LEU A 17 6.37 -35.72 -60.01
CA LEU A 17 6.76 -36.58 -58.91
C LEU A 17 8.25 -36.70 -58.77
N ALA A 18 8.94 -36.87 -59.89
CA ALA A 18 10.38 -37.00 -59.88
C ALA A 18 11.09 -35.76 -59.30
N MET A 19 10.64 -34.57 -59.71
CA MET A 19 11.22 -33.32 -59.22
C MET A 19 11.00 -33.10 -57.74
N THR A 20 9.77 -33.27 -57.27
CA THR A 20 9.47 -32.97 -55.85
C THR A 20 10.17 -33.92 -54.90
N PHE A 21 10.16 -35.21 -55.22
CA PHE A 21 10.81 -36.18 -54.34
C PHE A 21 12.32 -36.14 -54.36
N VAL A 22 12.90 -36.00 -55.55
CA VAL A 22 14.35 -35.88 -55.61
C VAL A 22 14.84 -34.58 -54.97
N SER A 23 14.22 -33.45 -55.31
CA SER A 23 14.58 -32.18 -54.70
C SER A 23 14.39 -32.24 -53.20
N GLY A 24 13.30 -32.86 -52.78
CA GLY A 24 13.01 -33.04 -51.38
C GLY A 24 14.10 -33.85 -50.74
N PHE A 25 14.53 -34.89 -51.46
CA PHE A 25 15.56 -35.75 -50.93
C PHE A 25 16.88 -35.00 -50.78
N PHE A 26 17.29 -34.34 -51.84
CA PHE A 26 18.54 -33.58 -51.79
C PHE A 26 18.49 -32.40 -50.82
N GLY A 27 17.37 -31.68 -50.79
CA GLY A 27 17.16 -30.62 -49.81
C GLY A 27 17.34 -31.08 -48.37
N PHE A 28 17.12 -32.38 -48.13
CA PHE A 28 17.29 -32.98 -46.80
C PHE A 28 18.71 -33.51 -46.57
N VAL A 29 19.30 -34.12 -47.59
CA VAL A 29 20.69 -34.51 -47.45
C VAL A 29 21.50 -33.26 -47.09
N ILE A 30 21.03 -32.10 -47.52
CA ILE A 30 21.70 -30.87 -47.15
C ILE A 30 21.07 -30.18 -45.93
N GLY A 31 19.76 -29.95 -45.93
CA GLY A 31 19.12 -29.21 -44.85
C GLY A 31 19.15 -29.80 -43.44
N LEU A 32 19.04 -31.12 -43.35
CA LEU A 32 19.06 -31.87 -42.09
C LEU A 32 20.36 -31.65 -41.30
N PRO A 33 21.53 -31.73 -41.97
CA PRO A 33 22.80 -31.36 -41.33
C PRO A 33 22.89 -29.87 -41.02
N VAL A 34 22.31 -29.02 -41.87
CA VAL A 34 22.29 -27.58 -41.63
C VAL A 34 21.45 -27.24 -40.40
N GLY A 35 20.29 -27.88 -40.31
CA GLY A 35 19.36 -27.71 -39.18
C GLY A 35 19.88 -28.25 -37.86
N VAL A 36 20.40 -29.48 -37.86
CA VAL A 36 21.04 -30.03 -36.65
C VAL A 36 22.25 -29.18 -36.25
N LEU A 37 23.08 -28.77 -37.22
CA LEU A 37 24.26 -27.95 -36.88
C LEU A 37 23.88 -26.48 -36.67
N LEU A 38 22.60 -26.17 -36.81
CA LEU A 38 22.04 -24.87 -36.41
C LEU A 38 21.51 -24.86 -34.96
N TYR A 39 20.94 -25.98 -34.56
CA TYR A 39 20.41 -26.22 -33.22
C TYR A 39 21.54 -26.32 -32.17
N VAL A 40 22.63 -27.03 -32.51
CA VAL A 40 23.74 -27.29 -31.58
C VAL A 40 24.67 -26.11 -31.38
N THR A 41 24.41 -24.99 -32.04
CA THR A 41 25.27 -23.82 -31.89
C THR A 41 24.55 -22.67 -31.19
N ARG A 42 23.27 -22.88 -30.85
CA ARG A 42 22.46 -21.89 -30.14
C ARG A 42 22.92 -21.68 -28.69
N PRO A 43 22.81 -20.44 -28.17
CA PRO A 43 23.37 -20.17 -26.84
C PRO A 43 22.94 -21.20 -25.80
N GLY A 44 23.93 -21.81 -25.13
CA GLY A 44 23.70 -22.78 -24.07
C GLY A 44 23.73 -24.23 -24.50
N GLN A 45 23.92 -24.44 -25.78
CA GLN A 45 23.92 -25.79 -26.32
C GLN A 45 25.30 -26.42 -26.22
N ILE A 46 25.40 -27.63 -26.78
CA ILE A 46 26.62 -28.43 -26.72
C ILE A 46 27.83 -27.71 -27.34
N ILE A 47 27.58 -26.97 -28.42
CA ILE A 47 28.65 -26.20 -29.08
C ILE A 47 28.15 -24.79 -29.47
N ALA A 48 27.83 -23.97 -28.47
CA ALA A 48 27.22 -22.67 -28.69
C ALA A 48 28.21 -21.62 -29.22
N ASN A 49 28.04 -21.24 -30.49
CA ASN A 49 28.79 -20.12 -31.06
C ASN A 49 27.83 -19.00 -31.43
N ALA A 50 27.81 -17.92 -30.66
CA ALA A 50 26.98 -16.77 -31.02
C ALA A 50 27.46 -16.16 -32.34
N LYS A 51 28.65 -16.57 -32.78
CA LYS A 51 29.26 -16.03 -34.01
C LYS A 51 29.01 -16.92 -35.22
N LEU A 52 29.20 -18.23 -35.03
CA LEU A 52 28.95 -19.22 -36.08
C LEU A 52 27.47 -19.31 -36.39
N TYR A 53 26.65 -19.27 -35.34
CA TYR A 53 25.20 -19.32 -35.50
C TYR A 53 24.73 -18.14 -36.34
N ARG A 54 25.07 -16.91 -35.94
CA ARG A 54 24.61 -15.72 -36.68
C ARG A 54 24.85 -15.80 -38.19
N THR A 55 25.92 -16.51 -38.58
CA THR A 55 26.32 -16.67 -39.99
C THR A 55 25.47 -17.73 -40.74
N VAL A 56 25.44 -18.95 -40.21
CA VAL A 56 24.66 -20.02 -40.79
C VAL A 56 23.18 -19.64 -40.80
N SER A 57 22.76 -18.91 -39.79
CA SER A 57 21.39 -18.37 -39.70
C SER A 57 21.15 -17.24 -40.70
N ALA A 58 22.16 -16.39 -40.90
CA ALA A 58 22.07 -15.24 -41.80
C ALA A 58 21.98 -15.64 -43.28
N ILE A 59 22.68 -16.72 -43.67
CA ILE A 59 22.64 -17.20 -45.06
C ILE A 59 21.29 -17.89 -45.39
N VAL A 60 20.80 -18.73 -44.47
CA VAL A 60 19.52 -19.43 -44.67
C VAL A 60 18.37 -18.45 -44.75
N ASN A 61 18.45 -17.40 -43.91
CA ASN A 61 17.47 -16.32 -43.91
C ASN A 61 17.45 -15.57 -45.25
N ILE A 62 18.64 -15.38 -45.81
CA ILE A 62 18.84 -14.74 -47.10
C ILE A 62 18.31 -15.58 -48.27
N PHE A 63 18.74 -16.83 -48.32
CA PHE A 63 18.26 -17.80 -49.31
C PHE A 63 16.76 -18.02 -49.19
N ARG A 64 16.32 -18.21 -47.95
CA ARG A 64 14.93 -18.42 -47.62
C ARG A 64 14.10 -17.20 -47.97
N SER A 65 14.77 -16.04 -47.99
CA SER A 65 14.14 -14.76 -48.27
C SER A 65 13.98 -14.50 -49.77
N ILE A 66 14.63 -15.32 -50.60
CA ILE A 66 14.59 -15.15 -52.06
C ILE A 66 13.46 -15.93 -52.71
N PRO A 67 12.49 -15.21 -53.31
CA PRO A 67 11.33 -15.89 -53.95
C PRO A 67 11.81 -16.91 -54.98
N PHE A 68 11.19 -18.10 -55.01
CA PHE A 68 11.77 -19.21 -55.79
C PHE A 68 11.99 -18.94 -57.25
N ILE A 69 10.95 -18.44 -57.90
CA ILE A 69 11.05 -18.18 -59.32
C ILE A 69 12.30 -17.31 -59.59
N ILE A 70 12.52 -16.28 -58.77
CA ILE A 70 13.70 -15.43 -58.88
C ILE A 70 15.00 -16.17 -58.55
N LEU A 71 14.95 -17.02 -57.55
CA LEU A 71 16.10 -17.83 -57.18
C LEU A 71 16.49 -18.74 -58.33
N LEU A 72 15.50 -19.38 -58.96
CA LEU A 72 15.69 -20.27 -60.11
C LEU A 72 16.25 -19.58 -61.35
N VAL A 73 15.61 -18.49 -61.74
CA VAL A 73 16.02 -17.71 -62.89
C VAL A 73 17.45 -17.20 -62.74
N TRP A 74 17.79 -16.72 -61.55
CA TRP A 74 19.13 -16.24 -61.25
C TRP A 74 20.15 -17.38 -61.22
N MET A 75 19.68 -18.59 -60.94
CA MET A 75 20.55 -19.73 -60.84
C MET A 75 20.81 -20.38 -62.17
N ILE A 76 20.12 -19.88 -63.20
CA ILE A 76 20.24 -20.46 -64.53
C ILE A 76 21.70 -20.62 -65.02
N PRO A 77 22.55 -19.59 -64.87
CA PRO A 77 23.98 -19.78 -65.20
C PRO A 77 24.65 -20.95 -64.45
N PHE A 78 24.49 -21.04 -63.13
CA PHE A 78 25.08 -22.13 -62.33
C PHE A 78 24.56 -23.49 -62.80
N THR A 79 23.26 -23.54 -63.08
CA THR A 79 22.59 -24.77 -63.50
C THR A 79 23.25 -25.36 -64.75
N ARG A 80 23.39 -24.53 -65.79
CA ARG A 80 24.06 -24.92 -67.04
C ARG A 80 25.52 -25.29 -66.78
N VAL A 81 26.15 -24.61 -65.82
CA VAL A 81 27.54 -24.87 -65.46
C VAL A 81 27.72 -26.26 -64.84
N ILE A 82 26.76 -26.62 -63.99
CA ILE A 82 26.84 -27.89 -63.27
C ILE A 82 26.14 -29.03 -64.01
N VAL A 83 24.98 -28.74 -64.59
CA VAL A 83 24.25 -29.76 -65.32
C VAL A 83 24.78 -29.85 -66.76
N GLY A 84 25.14 -28.70 -67.32
CA GLY A 84 25.52 -28.61 -68.72
C GLY A 84 24.31 -28.21 -69.54
N THR A 85 23.18 -28.02 -68.85
CA THR A 85 21.89 -27.68 -69.44
C THR A 85 21.07 -26.79 -68.52
N SER A 86 20.21 -25.95 -69.10
CA SER A 86 19.28 -25.18 -68.28
C SER A 86 17.87 -25.71 -68.39
N ILE A 87 17.60 -26.43 -69.46
CA ILE A 87 16.26 -26.96 -69.69
C ILE A 87 16.16 -28.43 -69.24
N GLY A 88 15.02 -28.80 -68.66
CA GLY A 88 14.72 -30.17 -68.38
C GLY A 88 14.36 -30.52 -66.96
N LEU A 89 14.10 -31.81 -66.78
CA LEU A 89 13.74 -32.39 -65.48
C LEU A 89 14.93 -32.31 -64.52
N GLN A 90 16.06 -32.92 -64.92
CA GLN A 90 17.27 -32.93 -64.10
C GLN A 90 18.02 -31.59 -64.05
N ALA A 91 17.60 -30.66 -64.90
CA ALA A 91 18.08 -29.29 -64.82
C ALA A 91 17.40 -28.58 -63.64
N ALA A 92 16.10 -28.86 -63.47
CA ALA A 92 15.27 -28.28 -62.42
C ALA A 92 15.52 -28.84 -61.02
N ILE A 93 15.95 -30.09 -60.94
CA ILE A 93 16.34 -30.72 -59.67
C ILE A 93 17.55 -30.02 -59.03
N VAL A 94 17.95 -28.87 -59.57
CA VAL A 94 19.05 -28.13 -58.96
C VAL A 94 18.55 -26.88 -58.20
N PRO A 95 17.78 -26.00 -58.88
CA PRO A 95 17.25 -24.81 -58.20
C PRO A 95 16.16 -25.24 -57.25
N LEU A 96 15.52 -26.38 -57.53
CA LEU A 96 14.52 -26.91 -56.61
C LEU A 96 15.14 -27.43 -55.30
N THR A 97 16.33 -28.04 -55.36
CA THR A 97 16.94 -28.45 -54.10
C THR A 97 17.60 -27.27 -53.39
N VAL A 98 18.16 -26.35 -54.14
CA VAL A 98 18.73 -25.20 -53.48
C VAL A 98 17.62 -24.33 -52.90
N GLY A 99 16.47 -24.31 -53.56
CA GLY A 99 15.30 -23.61 -53.05
C GLY A 99 14.77 -24.26 -51.79
N ALA A 100 14.78 -25.59 -51.77
CA ALA A 100 14.28 -26.38 -50.63
C ALA A 100 15.16 -26.34 -49.35
N ALA A 101 16.49 -26.32 -49.50
CA ALA A 101 17.40 -26.44 -48.34
C ALA A 101 17.23 -25.34 -47.25
N PRO A 102 17.05 -24.04 -47.62
CA PRO A 102 16.90 -22.98 -46.61
C PRO A 102 15.65 -23.22 -45.74
N PHE A 103 14.57 -23.70 -46.36
CA PHE A 103 13.33 -24.05 -45.66
C PHE A 103 13.51 -25.25 -44.76
N ILE A 104 14.21 -26.26 -45.25
CA ILE A 104 14.45 -27.47 -44.47
C ILE A 104 15.26 -27.18 -43.20
N ALA A 105 16.29 -26.34 -43.30
CA ALA A 105 17.12 -26.10 -42.13
C ALA A 105 16.31 -25.45 -41.00
N ARG A 106 15.53 -24.43 -41.36
CA ARG A 106 14.70 -23.76 -40.34
C ARG A 106 13.78 -24.76 -39.72
N MET A 107 13.19 -25.62 -40.52
CA MET A 107 12.25 -26.56 -39.91
C MET A 107 12.92 -27.60 -39.02
N VAL A 108 14.05 -28.15 -39.47
CA VAL A 108 14.78 -29.14 -38.69
C VAL A 108 15.19 -28.56 -37.33
N GLU A 109 15.79 -27.36 -37.30
CA GLU A 109 16.15 -26.67 -36.06
C GLU A 109 14.93 -26.39 -35.19
N ASN A 110 13.85 -25.96 -35.81
CA ASN A 110 12.64 -25.76 -35.06
C ASN A 110 12.00 -27.02 -34.53
N ALA A 111 12.10 -28.10 -35.29
CA ALA A 111 11.61 -29.40 -34.82
C ALA A 111 12.41 -29.92 -33.65
N LEU A 112 13.72 -29.63 -33.64
CA LEU A 112 14.59 -30.08 -32.57
C LEU A 112 14.29 -29.30 -31.29
N LEU A 113 13.74 -28.10 -31.42
CA LEU A 113 13.45 -27.27 -30.26
C LEU A 113 12.26 -27.79 -29.47
N GLU A 114 11.47 -28.69 -30.07
CA GLU A 114 10.36 -29.36 -29.39
C GLU A 114 10.85 -30.34 -28.34
N ILE A 115 12.03 -30.94 -28.59
CA ILE A 115 12.68 -31.82 -27.62
C ILE A 115 13.04 -31.06 -26.32
N PRO A 116 12.47 -31.51 -25.18
CA PRO A 116 12.73 -30.94 -23.85
C PRO A 116 14.21 -31.03 -23.46
N THR A 117 14.84 -29.91 -23.08
CA THR A 117 16.30 -29.86 -22.97
C THR A 117 16.95 -30.80 -21.94
N GLY A 118 16.21 -31.15 -20.91
CA GLY A 118 16.71 -32.10 -19.94
C GLY A 118 17.05 -33.44 -20.61
N LEU A 119 16.49 -33.72 -21.78
CA LEU A 119 16.83 -34.95 -22.48
C LEU A 119 18.27 -34.90 -22.92
N ILE A 120 18.71 -33.72 -23.36
CA ILE A 120 20.13 -33.50 -23.70
C ILE A 120 21.03 -33.68 -22.47
N GLU A 121 20.60 -33.03 -21.37
CA GLU A 121 21.29 -33.04 -20.09
C GLU A 121 21.40 -34.48 -19.56
N ALA A 122 20.34 -35.26 -19.75
CA ALA A 122 20.33 -36.65 -19.33
C ALA A 122 21.35 -37.45 -20.11
N SER A 123 21.44 -37.18 -21.41
CA SER A 123 22.40 -37.89 -22.26
C SER A 123 23.83 -37.72 -21.80
N ARG A 124 24.21 -36.48 -21.53
CA ARG A 124 25.55 -36.20 -21.06
C ARG A 124 25.83 -36.92 -19.72
N ALA A 125 24.84 -36.93 -18.85
CA ALA A 125 25.03 -37.63 -17.59
C ALA A 125 25.46 -39.08 -17.77
N MET A 126 25.01 -39.71 -18.87
CA MET A 126 25.29 -41.11 -19.07
C MET A 126 26.67 -41.31 -19.65
N GLY A 127 27.22 -40.25 -20.22
CA GLY A 127 28.53 -40.29 -20.84
C GLY A 127 28.45 -40.36 -22.35
N ALA A 128 27.47 -39.65 -22.90
CA ALA A 128 27.25 -39.64 -24.34
C ALA A 128 28.12 -38.59 -25.00
N THR A 129 28.76 -38.96 -26.10
CA THR A 129 29.55 -38.01 -26.87
C THR A 129 28.61 -37.09 -27.68
N PRO A 130 29.07 -35.85 -28.00
CA PRO A 130 28.17 -34.90 -28.66
C PRO A 130 27.63 -35.43 -30.00
N MET A 131 28.38 -36.30 -30.67
CA MET A 131 27.89 -36.87 -31.92
C MET A 131 26.86 -37.94 -31.66
N GLN A 132 27.08 -38.73 -30.61
CA GLN A 132 26.13 -39.76 -30.27
C GLN A 132 24.75 -39.16 -29.95
N ILE A 133 24.71 -38.10 -29.16
CA ILE A 133 23.42 -37.55 -28.74
C ILE A 133 22.57 -37.12 -29.93
N VAL A 134 23.20 -36.77 -31.04
CA VAL A 134 22.45 -36.41 -32.24
C VAL A 134 21.76 -37.62 -32.87
N ARG A 135 22.53 -38.64 -33.24
CA ARG A 135 21.97 -39.83 -33.88
C ARG A 135 21.17 -40.75 -32.92
N LYS A 136 21.47 -40.67 -31.62
CA LYS A 136 20.86 -41.57 -30.61
C LYS A 136 19.62 -40.97 -29.96
N VAL A 137 19.65 -39.66 -29.71
CA VAL A 137 18.60 -39.00 -28.97
C VAL A 137 17.83 -37.94 -29.77
N LEU A 138 18.53 -36.96 -30.34
CA LEU A 138 17.81 -35.84 -30.98
C LEU A 138 16.96 -36.21 -32.20
N LEU A 139 17.57 -36.84 -33.19
CA LEU A 139 16.83 -37.13 -34.41
C LEU A 139 15.61 -37.98 -34.06
N PRO A 140 15.80 -39.04 -33.25
CA PRO A 140 14.67 -39.91 -32.86
C PRO A 140 13.50 -39.22 -32.13
N GLU A 141 13.81 -38.30 -31.23
CA GLU A 141 12.77 -37.65 -30.45
C GLU A 141 11.99 -36.65 -31.31
N ALA A 142 12.68 -36.06 -32.29
CA ALA A 142 12.06 -35.08 -33.17
C ALA A 142 11.54 -35.71 -34.46
N LEU A 143 11.62 -37.04 -34.56
CA LEU A 143 11.23 -37.78 -35.78
C LEU A 143 9.83 -37.47 -36.30
N PRO A 144 8.82 -37.42 -35.40
CA PRO A 144 7.51 -36.94 -35.89
C PRO A 144 7.55 -35.48 -36.41
N GLY A 145 8.29 -34.61 -35.73
CA GLY A 145 8.49 -33.26 -36.22
C GLY A 145 9.14 -33.27 -37.61
N LEU A 146 10.19 -34.06 -37.78
CA LEU A 146 10.90 -34.17 -39.03
C LEU A 146 10.05 -34.82 -40.12
N VAL A 147 9.37 -35.91 -39.78
CA VAL A 147 8.47 -36.52 -40.76
C VAL A 147 7.41 -35.54 -41.16
N ASN A 148 6.89 -34.79 -40.21
CA ASN A 148 5.96 -33.72 -40.55
C ASN A 148 6.62 -32.61 -41.42
N ALA A 149 7.84 -32.19 -41.09
CA ALA A 149 8.51 -31.16 -41.89
C ALA A 149 8.70 -31.61 -43.35
N ALA A 150 9.02 -32.89 -43.52
CA ALA A 150 9.24 -33.46 -44.84
C ALA A 150 7.96 -33.42 -45.68
N THR A 151 6.82 -33.76 -45.08
CA THR A 151 5.55 -33.65 -45.78
C THR A 151 5.28 -32.26 -46.26
N ILE A 152 5.46 -31.30 -45.37
CA ILE A 152 5.19 -29.92 -45.67
C ILE A 152 6.23 -29.48 -46.71
N THR A 153 7.40 -30.09 -46.65
CA THR A 153 8.45 -29.85 -47.65
C THR A 153 8.13 -30.30 -49.07
N LEU A 154 7.71 -31.55 -49.19
CA LEU A 154 7.37 -32.14 -50.47
C LEU A 154 6.28 -31.34 -51.12
N ILE A 155 5.29 -30.94 -50.32
CA ILE A 155 4.16 -30.18 -50.81
C ILE A 155 4.58 -28.81 -51.33
N THR A 156 5.40 -28.07 -50.59
CA THR A 156 5.84 -26.81 -51.16
C THR A 156 6.60 -27.13 -52.45
N LEU A 157 7.25 -28.28 -52.50
CA LEU A 157 8.01 -28.64 -53.69
C LEU A 157 7.12 -29.06 -54.87
N VAL A 158 5.89 -29.49 -54.61
CA VAL A 158 4.90 -29.62 -55.69
C VAL A 158 4.60 -28.25 -56.30
N GLY A 159 4.30 -27.26 -55.47
CA GLY A 159 4.06 -25.91 -55.96
C GLY A 159 5.27 -25.30 -56.64
N TYR A 160 6.44 -25.81 -56.27
CA TYR A 160 7.72 -25.30 -56.72
C TYR A 160 8.13 -25.84 -58.10
N SER A 161 7.95 -27.14 -58.31
CA SER A 161 8.28 -27.74 -59.59
C SER A 161 7.32 -27.19 -60.63
N ALA A 162 6.14 -26.81 -60.19
CA ALA A 162 5.18 -26.18 -61.09
C ALA A 162 5.71 -24.86 -61.64
N MET A 163 6.10 -23.97 -60.76
CA MET A 163 6.61 -22.71 -61.23
C MET A 163 7.75 -22.96 -62.19
N GLY A 164 8.43 -24.09 -62.03
CA GLY A 164 9.53 -24.44 -62.92
C GLY A 164 9.05 -24.69 -64.35
N GLY A 165 7.79 -25.11 -64.49
CA GLY A 165 7.22 -25.46 -65.78
C GLY A 165 6.92 -24.27 -66.67
N ALA A 166 7.08 -23.07 -66.13
CA ALA A 166 6.92 -21.84 -66.90
C ALA A 166 8.24 -21.36 -67.47
N VAL A 167 9.32 -21.84 -66.85
CA VAL A 167 10.68 -21.54 -67.28
C VAL A 167 11.43 -22.83 -67.64
N GLY A 168 10.68 -23.85 -68.05
CA GLY A 168 11.23 -25.04 -68.67
C GLY A 168 11.78 -26.14 -67.77
N ALA A 169 10.99 -26.55 -66.79
CA ALA A 169 11.37 -27.70 -65.97
C ALA A 169 10.57 -28.89 -66.44
N GLY A 170 9.60 -28.64 -67.32
CA GLY A 170 8.68 -29.68 -67.70
C GLY A 170 7.67 -29.93 -66.59
N GLY A 171 7.19 -31.16 -66.46
CA GLY A 171 6.21 -31.55 -65.47
C GLY A 171 4.80 -31.07 -65.76
N LEU A 172 3.89 -31.24 -64.81
CA LEU A 172 2.53 -30.76 -64.99
C LEU A 172 2.50 -29.21 -64.99
N GLY A 173 3.58 -28.60 -64.50
CA GLY A 173 3.70 -27.15 -64.48
C GLY A 173 3.80 -26.62 -65.88
N GLN A 174 4.47 -27.38 -66.74
CA GLN A 174 4.62 -26.96 -68.12
C GLN A 174 3.28 -27.09 -68.85
N ILE A 175 2.68 -28.25 -68.74
CA ILE A 175 1.41 -28.55 -69.39
C ILE A 175 0.26 -27.63 -69.04
N GLY A 176 0.31 -27.07 -67.85
CA GLY A 176 -0.70 -26.11 -67.47
C GLY A 176 -0.36 -24.72 -67.99
N TYR A 177 0.92 -24.51 -68.29
CA TYR A 177 1.40 -23.20 -68.67
C TYR A 177 1.17 -22.95 -70.14
N GLN A 178 1.41 -23.98 -70.94
CA GLN A 178 1.25 -23.96 -72.39
C GLN A 178 -0.22 -23.96 -72.76
N TYR A 179 -0.95 -24.90 -72.17
CA TYR A 179 -2.33 -25.19 -72.53
C TYR A 179 -3.34 -24.58 -71.57
N GLY A 180 -2.89 -23.69 -70.69
CA GLY A 180 -3.81 -22.96 -69.83
C GLY A 180 -3.62 -21.45 -69.88
N TYR A 181 -2.44 -21.01 -70.28
CA TYR A 181 -2.10 -19.59 -70.29
C TYR A 181 -1.90 -19.05 -71.67
N ILE A 182 -0.92 -19.65 -72.34
CA ILE A 182 -0.53 -19.30 -73.71
C ILE A 182 -1.66 -19.60 -74.66
N GLY A 183 -1.96 -20.87 -74.83
CA GLY A 183 -3.11 -21.25 -75.62
C GLY A 183 -4.03 -22.01 -74.73
N TYR A 184 -5.30 -21.69 -74.68
CA TYR A 184 -6.16 -22.31 -73.68
C TYR A 184 -7.00 -23.52 -74.19
N ASN A 185 -6.93 -24.65 -73.47
CA ASN A 185 -7.87 -25.77 -73.68
C ASN A 185 -8.50 -26.15 -72.34
N ALA A 186 -9.82 -26.32 -72.33
CA ALA A 186 -10.51 -26.51 -71.07
C ALA A 186 -10.20 -27.85 -70.40
N THR A 187 -10.35 -28.94 -71.14
CA THR A 187 -10.07 -30.27 -70.59
C THR A 187 -8.61 -30.40 -70.13
N VAL A 188 -7.70 -29.82 -70.91
CA VAL A 188 -6.31 -29.86 -70.58
C VAL A 188 -6.03 -29.07 -69.27
N MET A 189 -6.59 -27.87 -69.08
CA MET A 189 -6.26 -27.06 -67.89
C MET A 189 -6.76 -27.68 -66.63
N ASN A 190 -8.00 -28.16 -66.69
CA ASN A 190 -8.68 -28.73 -65.54
C ASN A 190 -8.09 -30.04 -65.08
N THR A 191 -7.79 -30.95 -65.99
CA THR A 191 -7.15 -32.19 -65.59
C THR A 191 -5.76 -31.91 -64.97
N VAL A 192 -5.05 -30.87 -65.41
CA VAL A 192 -3.77 -30.54 -64.78
C VAL A 192 -3.96 -30.17 -63.32
N LEU A 193 -4.95 -29.30 -63.08
CA LEU A 193 -5.26 -28.79 -61.75
C LEU A 193 -5.72 -29.88 -60.82
N VAL A 194 -6.73 -30.62 -61.24
CA VAL A 194 -7.16 -31.77 -60.48
C VAL A 194 -6.06 -32.82 -60.24
N LEU A 195 -5.19 -33.04 -61.20
CA LEU A 195 -4.05 -33.90 -60.92
C LEU A 195 -3.14 -33.30 -59.86
N LEU A 196 -3.02 -31.97 -59.82
CA LEU A 196 -2.15 -31.35 -58.82
C LEU A 196 -2.74 -31.37 -57.38
N VAL A 197 -4.03 -31.10 -57.23
CA VAL A 197 -4.66 -31.17 -55.91
C VAL A 197 -4.62 -32.58 -55.37
N ILE A 198 -4.96 -33.56 -56.19
CA ILE A 198 -4.86 -34.96 -55.75
C ILE A 198 -3.43 -35.34 -55.34
N LEU A 199 -2.45 -34.84 -56.08
CA LEU A 199 -1.05 -35.10 -55.74
C LEU A 199 -0.67 -34.53 -54.34
N VAL A 200 -1.21 -33.34 -54.01
CA VAL A 200 -0.96 -32.71 -52.71
C VAL A 200 -1.65 -33.48 -51.55
N TYR A 201 -2.91 -33.90 -51.76
CA TYR A 201 -3.70 -34.61 -50.78
C TYR A 201 -3.17 -35.98 -50.51
N LEU A 202 -2.60 -36.58 -51.54
CA LEU A 202 -1.88 -37.85 -51.40
C LEU A 202 -0.58 -37.65 -50.63
N ILE A 203 0.08 -36.54 -50.86
CA ILE A 203 1.33 -36.30 -50.20
C ILE A 203 1.10 -35.95 -48.72
N GLN A 204 -0.04 -35.32 -48.45
CA GLN A 204 -0.46 -34.99 -47.08
C GLN A 204 -0.92 -36.20 -46.32
N PHE A 205 -1.83 -36.96 -46.91
CA PHE A 205 -2.30 -38.19 -46.33
C PHE A 205 -1.13 -39.13 -45.99
N ALA A 206 -0.21 -39.33 -46.92
CA ALA A 206 0.93 -40.20 -46.69
C ALA A 206 1.80 -39.72 -45.53
N GLY A 207 2.10 -38.42 -45.51
CA GLY A 207 2.84 -37.83 -44.40
C GLY A 207 2.16 -38.00 -43.04
N ASP A 208 0.86 -37.73 -42.95
CA ASP A 208 0.14 -37.89 -41.69
C ASP A 208 0.02 -39.31 -41.27
N ARG A 209 -0.19 -40.20 -42.21
CA ARG A 209 -0.36 -41.58 -41.82
C ARG A 209 0.95 -42.08 -41.22
N ILE A 210 2.06 -41.44 -41.56
CA ILE A 210 3.37 -41.76 -40.95
C ILE A 210 3.61 -41.06 -39.60
N VAL A 211 3.08 -39.86 -39.45
CA VAL A 211 3.20 -39.17 -38.18
C VAL A 211 2.35 -39.85 -37.09
N ARG A 212 1.08 -40.15 -37.42
CA ARG A 212 0.18 -40.92 -36.55
C ARG A 212 0.75 -42.29 -36.14
N ALA A 213 1.73 -42.78 -36.89
CA ALA A 213 2.34 -44.10 -36.63
C ALA A 213 3.42 -44.08 -35.54
N VAL A 214 3.92 -42.88 -35.17
CA VAL A 214 4.85 -42.75 -34.03
C VAL A 214 4.10 -42.75 -32.66
N THR A 215 4.74 -43.35 -31.64
CA THR A 215 4.14 -43.53 -30.30
C THR A 215 4.27 -42.30 -29.40
N ARG A 216 3.13 -41.83 -28.88
CA ARG A 216 3.07 -40.56 -28.14
C ARG A 216 3.98 -40.51 -26.92
N MET B 1 22.95 -0.66 -66.21
CA MET B 1 22.65 0.44 -65.32
C MET B 1 22.03 1.61 -66.01
N SER B 2 21.34 1.36 -67.11
CA SER B 2 20.70 2.42 -67.86
C SER B 2 19.75 3.11 -66.91
N GLU B 3 19.81 4.45 -66.91
CA GLU B 3 18.88 5.26 -66.14
C GLU B 3 17.40 4.89 -66.46
N PRO B 4 17.07 4.70 -67.76
CA PRO B 4 15.69 4.44 -68.17
C PRO B 4 15.27 3.09 -67.59
N MET B 5 16.22 2.15 -67.63
CA MET B 5 16.01 0.82 -67.10
C MET B 5 15.69 0.96 -65.63
N MET B 6 16.50 1.78 -64.97
CA MET B 6 16.33 2.05 -63.56
C MET B 6 14.99 2.70 -63.28
N TRP B 7 14.57 3.63 -64.12
CA TRP B 7 13.27 4.25 -63.91
C TRP B 7 12.06 3.31 -63.95
N LEU B 8 12.02 2.37 -64.89
CA LEU B 8 10.99 1.32 -64.84
C LEU B 8 11.21 0.43 -63.62
N LEU B 9 12.32 -0.29 -63.60
CA LEU B 9 12.67 -1.12 -62.46
C LEU B 9 12.08 -0.48 -61.22
N VAL B 10 12.23 0.85 -61.09
CA VAL B 10 11.59 1.61 -60.03
C VAL B 10 10.07 1.47 -60.14
N ARG B 11 9.55 1.42 -61.36
CA ARG B 11 8.14 1.10 -61.54
C ARG B 11 7.86 -0.28 -60.96
N GLY B 12 8.62 -1.28 -61.41
CA GLY B 12 8.49 -2.62 -60.87
C GLY B 12 8.34 -2.71 -59.36
N VAL B 13 9.18 -1.98 -58.63
CA VAL B 13 9.05 -1.92 -57.18
C VAL B 13 7.65 -1.48 -56.79
N TRP B 14 7.11 -0.46 -57.45
CA TRP B 14 5.75 0.00 -57.16
C TRP B 14 4.71 -1.04 -57.54
N GLU B 15 4.94 -1.74 -58.64
CA GLU B 15 3.97 -2.76 -59.07
C GLU B 15 3.84 -3.89 -58.06
N THR B 16 4.96 -4.31 -57.48
CA THR B 16 4.96 -5.36 -56.44
C THR B 16 4.34 -4.86 -55.13
N LEU B 17 4.83 -3.72 -54.62
CA LEU B 17 4.28 -3.15 -53.41
C LEU B 17 2.79 -3.02 -53.55
N ALA B 18 2.31 -2.50 -54.68
CA ALA B 18 0.87 -2.40 -54.88
C ALA B 18 0.19 -3.77 -54.82
N MET B 19 0.69 -4.74 -55.58
CA MET B 19 0.13 -6.10 -55.57
C MET B 19 0.13 -6.77 -54.20
N THR B 20 1.29 -6.77 -53.53
CA THR B 20 1.40 -7.36 -52.19
C THR B 20 0.35 -6.82 -51.18
N PHE B 21 0.36 -5.51 -50.96
CA PHE B 21 -0.44 -4.91 -49.92
C PHE B 21 -1.90 -4.86 -50.27
N VAL B 22 -2.24 -4.59 -51.52
CA VAL B 22 -3.67 -4.55 -51.87
C VAL B 22 -4.36 -5.93 -51.85
N SER B 23 -3.61 -6.97 -52.24
CA SER B 23 -4.10 -8.36 -52.15
C SER B 23 -4.12 -8.82 -50.71
N GLY B 24 -3.07 -8.49 -49.98
CA GLY B 24 -3.05 -8.77 -48.56
C GLY B 24 -4.26 -8.15 -47.91
N PHE B 25 -4.51 -6.88 -48.20
CA PHE B 25 -5.63 -6.23 -47.59
C PHE B 25 -6.89 -7.01 -47.88
N PHE B 26 -7.21 -7.24 -49.15
CA PHE B 26 -8.42 -7.97 -49.46
C PHE B 26 -8.41 -9.42 -48.94
N GLY B 27 -7.22 -10.02 -48.83
CA GLY B 27 -7.10 -11.34 -48.23
C GLY B 27 -7.64 -11.38 -46.82
N PHE B 28 -7.42 -10.32 -46.05
CA PHE B 28 -7.92 -10.24 -44.69
C PHE B 28 -9.40 -9.91 -44.63
N VAL B 29 -9.88 -9.08 -45.56
CA VAL B 29 -11.33 -8.81 -45.64
C VAL B 29 -12.10 -10.11 -45.94
N ILE B 30 -11.54 -10.99 -46.75
CA ILE B 30 -12.04 -12.36 -46.87
C ILE B 30 -11.59 -13.29 -45.74
N GLY B 31 -10.36 -13.10 -45.26
CA GLY B 31 -9.73 -14.03 -44.31
C GLY B 31 -10.21 -14.02 -42.85
N LEU B 32 -10.36 -12.83 -42.30
CA LEU B 32 -10.69 -12.60 -40.89
C LEU B 32 -12.01 -13.28 -40.51
N PRO B 33 -13.09 -13.08 -41.32
CA PRO B 33 -14.41 -13.67 -41.11
C PRO B 33 -14.48 -15.18 -41.43
N VAL B 34 -13.85 -15.62 -42.50
CA VAL B 34 -13.78 -17.07 -42.72
C VAL B 34 -13.02 -17.72 -41.52
N GLY B 35 -11.95 -17.07 -41.04
CA GLY B 35 -11.15 -17.57 -39.93
C GLY B 35 -11.89 -17.71 -38.62
N VAL B 36 -12.54 -16.64 -38.17
CA VAL B 36 -13.34 -16.74 -36.95
C VAL B 36 -14.53 -17.64 -37.20
N LEU B 37 -15.03 -17.66 -38.43
CA LEU B 37 -16.18 -18.51 -38.67
C LEU B 37 -15.82 -19.95 -38.34
N LEU B 38 -14.61 -20.39 -38.72
CA LEU B 38 -14.16 -21.75 -38.36
C LEU B 38 -13.95 -21.97 -36.88
N TYR B 39 -13.17 -21.10 -36.23
CA TYR B 39 -12.85 -21.26 -34.81
C TYR B 39 -14.08 -21.30 -33.94
N VAL B 40 -14.91 -20.29 -34.14
CA VAL B 40 -16.16 -20.15 -33.45
C VAL B 40 -17.04 -21.36 -33.76
N THR B 41 -16.94 -21.89 -34.97
CA THR B 41 -17.76 -23.03 -35.37
C THR B 41 -17.10 -24.33 -34.95
N ARG B 42 -15.93 -24.26 -34.33
CA ARG B 42 -15.27 -25.50 -33.94
C ARG B 42 -16.18 -26.34 -33.02
N PRO B 43 -16.00 -27.69 -33.06
CA PRO B 43 -16.82 -28.60 -32.24
C PRO B 43 -16.77 -28.35 -30.71
N GLY B 44 -15.62 -28.05 -30.11
CA GLY B 44 -15.58 -27.72 -28.69
C GLY B 44 -16.31 -26.43 -28.40
N GLN B 45 -16.19 -25.51 -29.35
CA GLN B 45 -16.64 -24.14 -29.27
C GLN B 45 -18.18 -23.96 -29.23
N ILE B 46 -18.61 -22.70 -29.07
CA ILE B 46 -20.00 -22.31 -28.85
C ILE B 46 -20.99 -22.53 -30.03
N ILE B 47 -20.64 -22.10 -31.25
CA ILE B 47 -21.49 -22.45 -32.42
C ILE B 47 -21.61 -23.98 -32.63
N ALA B 48 -20.50 -24.69 -32.43
CA ALA B 48 -20.48 -26.16 -32.31
C ALA B 48 -21.06 -26.89 -33.51
N ASN B 49 -20.77 -26.40 -34.72
CA ASN B 49 -21.25 -27.08 -35.92
C ASN B 49 -20.15 -27.86 -36.57
N ALA B 50 -20.34 -29.18 -36.68
CA ALA B 50 -19.39 -30.00 -37.40
C ALA B 50 -19.76 -29.97 -38.88
N LYS B 51 -21.07 -29.97 -39.15
CA LYS B 51 -21.56 -29.98 -40.52
C LYS B 51 -21.16 -28.68 -41.28
N LEU B 52 -21.23 -27.53 -40.61
CA LEU B 52 -20.85 -26.25 -41.22
C LEU B 52 -19.33 -26.02 -41.24
N TYR B 53 -18.67 -26.42 -40.15
CA TYR B 53 -17.22 -26.33 -40.05
C TYR B 53 -16.51 -27.26 -41.02
N ARG B 54 -17.02 -28.48 -41.12
CA ARG B 54 -16.47 -29.45 -42.08
C ARG B 54 -16.45 -28.86 -43.48
N THR B 55 -17.56 -28.24 -43.85
CA THR B 55 -17.67 -27.62 -45.15
C THR B 55 -16.69 -26.47 -45.35
N VAL B 56 -16.69 -25.52 -44.42
CA VAL B 56 -15.82 -24.36 -44.55
C VAL B 56 -14.35 -24.73 -44.55
N SER B 57 -13.96 -25.64 -43.65
CA SER B 57 -12.57 -26.05 -43.56
C SER B 57 -12.14 -26.78 -44.85
N ALA B 58 -13.02 -27.61 -45.39
CA ALA B 58 -12.70 -28.35 -46.61
C ALA B 58 -12.56 -27.43 -47.83
N ILE B 59 -13.41 -26.40 -47.91
CA ILE B 59 -13.21 -25.36 -48.92
C ILE B 59 -11.84 -24.70 -48.74
N VAL B 60 -11.49 -24.32 -47.51
CA VAL B 60 -10.18 -23.74 -47.26
C VAL B 60 -9.06 -24.71 -47.63
N ASN B 61 -9.25 -26.00 -47.36
CA ASN B 61 -8.25 -27.00 -47.72
C ASN B 61 -7.98 -27.22 -49.19
N ILE B 62 -9.05 -27.35 -49.96
CA ILE B 62 -8.86 -27.59 -51.38
C ILE B 62 -8.27 -26.35 -52.07
N PHE B 63 -8.38 -25.18 -51.46
CA PHE B 63 -7.75 -23.98 -52.01
C PHE B 63 -6.31 -23.83 -51.56
N ARG B 64 -6.03 -24.16 -50.32
CA ARG B 64 -4.67 -24.07 -49.83
C ARG B 64 -3.84 -25.04 -50.63
N SER B 65 -4.46 -26.14 -51.03
CA SER B 65 -3.77 -27.17 -51.77
C SER B 65 -3.29 -26.73 -53.16
N ILE B 66 -4.15 -26.03 -53.92
CA ILE B 66 -3.78 -25.52 -55.24
C ILE B 66 -2.59 -24.61 -55.23
N PRO B 67 -1.50 -25.06 -55.86
CA PRO B 67 -0.22 -24.33 -55.99
C PRO B 67 -0.51 -23.04 -56.68
N PHE B 68 0.20 -21.95 -56.35
CA PHE B 68 -0.25 -20.65 -56.85
C PHE B 68 -0.17 -20.52 -58.37
N ILE B 69 0.91 -20.96 -58.99
CA ILE B 69 0.95 -20.85 -60.46
C ILE B 69 -0.28 -21.44 -61.15
N ILE B 70 -0.55 -22.71 -60.89
CA ILE B 70 -1.71 -23.38 -61.43
C ILE B 70 -3.04 -22.78 -61.03
N LEU B 71 -3.04 -22.00 -59.95
CA LEU B 71 -4.24 -21.27 -59.56
C LEU B 71 -4.43 -20.00 -60.38
N LEU B 72 -3.33 -19.29 -60.57
CA LEU B 72 -3.32 -17.97 -61.21
C LEU B 72 -3.76 -18.03 -62.64
N VAL B 73 -3.20 -19.02 -63.31
CA VAL B 73 -3.44 -19.33 -64.71
C VAL B 73 -4.82 -19.92 -64.92
N TRP B 74 -5.21 -20.81 -64.02
CA TRP B 74 -6.55 -21.39 -64.07
C TRP B 74 -7.62 -20.31 -63.86
N MET B 75 -7.30 -19.30 -63.06
CA MET B 75 -8.26 -18.27 -62.76
C MET B 75 -8.43 -17.25 -63.86
N ILE B 76 -7.49 -17.26 -64.80
CA ILE B 76 -7.50 -16.28 -65.89
C ILE B 76 -8.86 -16.08 -66.56
N PRO B 77 -9.49 -17.17 -67.04
CA PRO B 77 -10.83 -17.03 -67.60
C PRO B 77 -11.78 -16.30 -66.66
N PHE B 78 -11.73 -16.64 -65.38
CA PHE B 78 -12.52 -15.98 -64.35
C PHE B 78 -11.95 -14.57 -64.07
N THR B 79 -10.62 -14.44 -64.04
CA THR B 79 -9.99 -13.16 -63.73
C THR B 79 -10.47 -12.12 -64.70
N ARG B 80 -10.51 -12.53 -65.97
CA ARG B 80 -10.86 -11.64 -67.04
C ARG B 80 -12.29 -11.16 -66.89
N VAL B 81 -13.20 -12.07 -66.53
CA VAL B 81 -14.60 -11.73 -66.42
C VAL B 81 -14.88 -10.64 -65.40
N ILE B 82 -14.21 -10.73 -64.25
CA ILE B 82 -14.40 -9.77 -63.17
C ILE B 82 -13.85 -8.36 -63.50
N VAL B 83 -12.61 -8.31 -64.00
CA VAL B 83 -11.94 -7.03 -64.26
C VAL B 83 -12.07 -6.57 -65.72
N GLY B 84 -12.22 -7.54 -66.62
CA GLY B 84 -12.27 -7.27 -68.05
C GLY B 84 -10.90 -7.44 -68.67
N THR B 85 -9.91 -7.64 -67.83
CA THR B 85 -8.53 -7.80 -68.26
C THR B 85 -7.91 -9.01 -67.60
N SER B 86 -7.12 -9.76 -68.35
CA SER B 86 -6.37 -10.85 -67.74
C SER B 86 -4.92 -10.41 -67.51
N ILE B 87 -4.63 -9.20 -67.97
CA ILE B 87 -3.27 -8.71 -67.93
C ILE B 87 -3.17 -7.45 -67.09
N GLY B 88 -1.99 -7.23 -66.47
CA GLY B 88 -1.78 -6.05 -65.66
C GLY B 88 -1.93 -6.37 -64.18
N LEU B 89 -1.42 -5.49 -63.32
CA LEU B 89 -1.45 -5.76 -61.89
C LEU B 89 -2.85 -5.80 -61.33
N GLN B 90 -3.72 -4.94 -61.84
CA GLN B 90 -5.08 -4.83 -61.33
C GLN B 90 -5.93 -6.09 -61.53
N ALA B 91 -5.70 -6.80 -62.63
CA ALA B 91 -6.32 -8.11 -62.80
C ALA B 91 -5.64 -9.14 -61.90
N ALA B 92 -4.35 -8.94 -61.66
CA ALA B 92 -3.52 -9.90 -60.92
C ALA B 92 -3.78 -9.94 -59.41
N ILE B 93 -4.17 -8.81 -58.81
CA ILE B 93 -4.49 -8.80 -57.39
C ILE B 93 -5.77 -9.59 -57.11
N VAL B 94 -6.44 -10.03 -58.17
CA VAL B 94 -7.59 -10.91 -57.96
C VAL B 94 -7.17 -12.38 -57.64
N PRO B 95 -6.39 -13.02 -58.51
CA PRO B 95 -5.92 -14.36 -58.12
C PRO B 95 -4.90 -14.30 -56.98
N LEU B 96 -4.29 -13.14 -56.74
CA LEU B 96 -3.40 -12.98 -55.61
C LEU B 96 -4.22 -12.97 -54.31
N THR B 97 -5.42 -12.41 -54.39
CA THR B 97 -6.30 -12.36 -53.23
C THR B 97 -6.81 -13.74 -52.90
N VAL B 98 -7.48 -14.39 -53.83
CA VAL B 98 -7.88 -15.77 -53.60
C VAL B 98 -6.66 -16.68 -53.28
N GLY B 99 -5.44 -16.23 -53.59
CA GLY B 99 -4.30 -17.05 -53.25
C GLY B 99 -4.03 -17.05 -51.76
N ALA B 100 -4.27 -15.88 -51.14
CA ALA B 100 -3.90 -15.61 -49.74
C ALA B 100 -5.07 -15.83 -48.77
N ALA B 101 -6.30 -15.64 -49.23
CA ALA B 101 -7.48 -15.70 -48.37
C ALA B 101 -7.61 -17.00 -47.62
N PRO B 102 -7.53 -18.14 -48.30
CA PRO B 102 -7.61 -19.45 -47.62
C PRO B 102 -6.37 -19.74 -46.73
N PHE B 103 -5.22 -19.19 -47.13
CA PHE B 103 -3.98 -19.30 -46.39
C PHE B 103 -4.12 -18.54 -45.06
N ILE B 104 -4.86 -17.43 -45.11
CA ILE B 104 -5.10 -16.56 -43.95
C ILE B 104 -6.10 -17.13 -42.94
N ALA B 105 -7.27 -17.52 -43.42
CA ALA B 105 -8.31 -18.06 -42.57
C ALA B 105 -7.79 -19.18 -41.66
N ARG B 106 -6.92 -20.04 -42.17
CA ARG B 106 -6.30 -21.07 -41.33
C ARG B 106 -5.31 -20.42 -40.34
N MET B 107 -4.65 -19.33 -40.72
CA MET B 107 -3.75 -18.67 -39.77
C MET B 107 -4.56 -17.98 -38.66
N VAL B 108 -5.67 -17.36 -39.06
CA VAL B 108 -6.58 -16.69 -38.11
C VAL B 108 -7.19 -17.68 -37.17
N GLU B 109 -7.68 -18.78 -37.70
CA GLU B 109 -8.22 -19.81 -36.82
C GLU B 109 -7.14 -20.24 -35.85
N ASN B 110 -5.95 -20.58 -36.33
CA ASN B 110 -4.89 -21.02 -35.44
C ASN B 110 -4.43 -19.94 -34.48
N ALA B 111 -4.51 -18.66 -34.87
CA ALA B 111 -4.18 -17.53 -34.01
C ALA B 111 -5.17 -17.35 -32.85
N LEU B 112 -6.42 -17.74 -33.08
CA LEU B 112 -7.47 -17.76 -32.07
C LEU B 112 -7.47 -19.00 -31.14
N LEU B 113 -6.99 -20.12 -31.66
CA LEU B 113 -6.83 -21.30 -30.85
C LEU B 113 -5.73 -21.12 -29.81
N GLU B 114 -4.90 -20.10 -29.95
CA GLU B 114 -3.78 -19.90 -29.02
C GLU B 114 -4.28 -19.37 -27.65
N ILE B 115 -5.32 -18.53 -27.70
CA ILE B 115 -5.87 -17.88 -26.49
C ILE B 115 -6.76 -18.75 -25.59
N PRO B 116 -6.45 -18.80 -24.27
CA PRO B 116 -7.02 -19.76 -23.30
C PRO B 116 -8.54 -19.74 -23.28
N THR B 117 -9.16 -20.90 -23.51
CA THR B 117 -10.60 -21.06 -23.34
C THR B 117 -10.84 -20.80 -21.87
N GLY B 118 -11.83 -19.99 -21.56
CA GLY B 118 -11.94 -19.56 -20.17
C GLY B 118 -11.93 -18.06 -20.11
N LEU B 119 -11.27 -17.43 -21.07
CA LEU B 119 -11.53 -16.04 -21.33
C LEU B 119 -12.94 -15.96 -21.88
N ILE B 120 -13.37 -17.03 -22.54
CA ILE B 120 -14.77 -17.17 -23.00
C ILE B 120 -15.70 -17.38 -21.80
N GLU B 121 -15.31 -18.26 -20.90
CA GLU B 121 -16.11 -18.55 -19.73
C GLU B 121 -16.15 -17.35 -18.80
N ALA B 122 -15.01 -16.66 -18.64
CA ALA B 122 -14.96 -15.43 -17.84
C ALA B 122 -15.84 -14.40 -18.51
N SER B 123 -15.77 -14.39 -19.83
CA SER B 123 -16.52 -13.49 -20.68
C SER B 123 -18.02 -13.75 -20.67
N ARG B 124 -18.45 -15.01 -20.84
CA ARG B 124 -19.89 -15.38 -20.82
C ARG B 124 -20.62 -15.06 -19.52
N ALA B 125 -19.90 -15.19 -18.40
CA ALA B 125 -20.44 -15.02 -17.06
C ALA B 125 -20.82 -13.57 -16.78
N MET B 126 -20.26 -12.66 -17.58
CA MET B 126 -20.47 -11.22 -17.48
C MET B 126 -21.58 -10.70 -18.41
N GLY B 127 -22.22 -11.61 -19.14
CA GLY B 127 -23.30 -11.26 -20.05
C GLY B 127 -22.87 -10.85 -21.43
N ALA B 128 -21.71 -11.35 -21.85
CA ALA B 128 -21.14 -10.94 -23.14
C ALA B 128 -21.81 -11.63 -24.33
N THR B 129 -22.31 -10.82 -25.26
CA THR B 129 -22.82 -11.33 -26.52
C THR B 129 -21.65 -11.97 -27.33
N PRO B 130 -21.94 -13.05 -28.09
CA PRO B 130 -20.91 -13.62 -29.00
C PRO B 130 -20.24 -12.55 -29.89
N MET B 131 -21.03 -11.61 -30.38
CA MET B 131 -20.52 -10.42 -31.07
C MET B 131 -19.64 -9.59 -30.11
N GLN B 132 -20.07 -9.41 -28.87
CA GLN B 132 -19.25 -8.74 -27.88
C GLN B 132 -18.01 -9.56 -27.58
N ILE B 133 -18.17 -10.89 -27.55
CA ILE B 133 -17.06 -11.79 -27.24
C ILE B 133 -15.92 -11.72 -28.22
N VAL B 134 -16.26 -11.90 -29.50
CA VAL B 134 -15.28 -11.92 -30.58
C VAL B 134 -14.49 -10.61 -30.66
N ARG B 135 -15.22 -9.51 -30.59
CA ARG B 135 -14.69 -8.15 -30.74
C ARG B 135 -13.96 -7.62 -29.46
N LYS B 136 -14.57 -7.80 -28.29
CA LYS B 136 -14.04 -7.30 -27.00
C LYS B 136 -12.92 -8.14 -26.41
N VAL B 137 -13.04 -9.47 -26.55
CA VAL B 137 -12.04 -10.38 -25.98
C VAL B 137 -11.20 -11.18 -26.98
N LEU B 138 -11.88 -11.86 -27.89
CA LEU B 138 -11.15 -12.80 -28.73
C LEU B 138 -10.04 -12.16 -29.53
N LEU B 139 -10.43 -11.19 -30.33
CA LEU B 139 -9.50 -10.57 -31.28
C LEU B 139 -8.37 -9.78 -30.63
N PRO B 140 -8.69 -8.91 -29.68
CA PRO B 140 -7.61 -8.18 -29.03
C PRO B 140 -6.53 -9.07 -28.42
N GLU B 141 -6.95 -10.23 -27.92
CA GLU B 141 -6.09 -11.20 -27.25
C GLU B 141 -5.19 -11.93 -28.24
N ALA B 142 -5.74 -12.07 -29.44
CA ALA B 142 -5.08 -12.74 -30.53
C ALA B 142 -4.25 -11.78 -31.39
N LEU B 143 -4.15 -10.53 -30.98
CA LEU B 143 -3.51 -9.51 -31.81
C LEU B 143 -2.04 -9.77 -32.17
N PRO B 144 -1.21 -10.24 -31.21
CA PRO B 144 0.17 -10.52 -31.58
C PRO B 144 0.27 -11.58 -32.69
N GLY B 145 -0.62 -12.56 -32.59
CA GLY B 145 -0.78 -13.62 -33.57
C GLY B 145 -1.40 -13.14 -34.87
N LEU B 146 -2.27 -12.14 -34.82
CA LEU B 146 -2.84 -11.51 -36.00
C LEU B 146 -1.86 -10.65 -36.76
N VAL B 147 -1.02 -9.94 -36.03
CA VAL B 147 0.03 -9.12 -36.61
C VAL B 147 1.12 -10.01 -37.15
N ASN B 148 1.53 -11.02 -36.39
CA ASN B 148 2.51 -11.95 -36.94
C ASN B 148 1.97 -12.68 -38.18
N ALA B 149 0.68 -12.95 -38.19
CA ALA B 149 0.07 -13.61 -39.34
C ALA B 149 0.05 -12.75 -40.59
N ALA B 150 -0.22 -11.46 -40.43
CA ALA B 150 -0.18 -10.53 -41.55
C ALA B 150 1.24 -10.42 -42.13
N THR B 151 2.28 -10.34 -41.28
CA THR B 151 3.67 -10.39 -41.76
C THR B 151 3.93 -11.58 -42.63
N ILE B 152 3.47 -12.74 -42.20
CA ILE B 152 3.66 -13.94 -42.98
C ILE B 152 2.93 -13.88 -44.32
N THR B 153 1.69 -13.41 -44.32
CA THR B 153 0.98 -13.23 -45.58
C THR B 153 1.71 -12.28 -46.54
N LEU B 154 2.18 -11.15 -46.03
CA LEU B 154 2.84 -10.18 -46.89
C LEU B 154 4.10 -10.75 -47.49
N ILE B 155 4.94 -11.39 -46.68
CA ILE B 155 6.16 -12.01 -47.20
C ILE B 155 5.80 -13.05 -48.25
N THR B 156 4.79 -13.85 -47.97
CA THR B 156 4.31 -14.80 -48.97
C THR B 156 3.76 -14.15 -50.26
N LEU B 157 3.06 -13.03 -50.13
CA LEU B 157 2.56 -12.38 -51.32
C LEU B 157 3.68 -11.77 -52.16
N VAL B 158 4.75 -11.29 -51.52
CA VAL B 158 5.93 -10.87 -52.30
C VAL B 158 6.38 -11.98 -53.27
N GLY B 159 6.64 -13.17 -52.74
CA GLY B 159 7.02 -14.32 -53.54
C GLY B 159 5.93 -14.78 -54.50
N TYR B 160 4.66 -14.63 -54.11
CA TYR B 160 3.51 -14.97 -54.95
C TYR B 160 3.34 -14.00 -56.15
N SER B 161 3.65 -12.73 -55.93
CA SER B 161 3.55 -11.70 -56.97
C SER B 161 4.53 -11.90 -58.15
N ALA B 162 5.78 -12.26 -57.82
CA ALA B 162 6.82 -12.47 -58.83
C ALA B 162 6.48 -13.63 -59.74
N MET B 163 5.76 -14.60 -59.21
CA MET B 163 5.29 -15.71 -60.04
C MET B 163 4.31 -15.20 -61.09
N GLY B 164 3.67 -14.06 -60.80
CA GLY B 164 2.76 -13.42 -61.72
C GLY B 164 3.48 -12.86 -62.94
N GLY B 165 4.79 -12.68 -62.85
CA GLY B 165 5.59 -12.23 -63.99
C GLY B 165 5.50 -13.15 -65.18
N ALA B 166 5.44 -14.45 -64.91
CA ALA B 166 5.35 -15.46 -65.95
C ALA B 166 4.01 -15.40 -66.68
N VAL B 167 2.93 -15.18 -65.95
CA VAL B 167 1.61 -15.04 -66.59
C VAL B 167 1.42 -13.57 -66.98
N GLY B 168 2.41 -12.75 -66.67
CA GLY B 168 2.41 -11.37 -67.12
C GLY B 168 1.49 -10.43 -66.34
N ALA B 169 1.40 -10.64 -65.03
CA ALA B 169 0.76 -9.66 -64.18
C ALA B 169 1.54 -8.37 -64.33
N GLY B 170 2.86 -8.50 -64.38
CA GLY B 170 3.71 -7.37 -64.64
C GLY B 170 4.03 -6.75 -63.32
N GLY B 171 5.24 -6.98 -62.84
CA GLY B 171 5.70 -6.39 -61.60
C GLY B 171 7.20 -6.50 -61.59
N LEU B 172 7.85 -6.20 -60.46
CA LEU B 172 9.31 -6.28 -60.35
C LEU B 172 9.73 -7.73 -60.61
N GLY B 173 8.81 -8.63 -60.35
CA GLY B 173 9.04 -10.03 -60.60
C GLY B 173 9.17 -10.29 -62.10
N GLN B 174 8.40 -9.56 -62.91
CA GLN B 174 8.43 -9.72 -64.38
C GLN B 174 9.74 -9.24 -65.01
N ILE B 175 10.25 -8.09 -64.58
CA ILE B 175 11.55 -7.62 -65.01
C ILE B 175 12.56 -8.74 -64.88
N GLY B 176 12.46 -9.54 -63.83
CA GLY B 176 13.32 -10.70 -63.68
C GLY B 176 13.15 -11.74 -64.78
N TYR B 177 11.91 -12.12 -65.06
CA TYR B 177 11.59 -13.12 -66.09
C TYR B 177 12.11 -12.78 -67.47
N GLN B 178 11.88 -11.54 -67.87
CA GLN B 178 12.26 -11.09 -69.19
C GLN B 178 13.79 -11.02 -69.31
N TYR B 179 14.44 -10.35 -68.35
CA TYR B 179 15.89 -10.24 -68.38
C TYR B 179 16.62 -11.52 -67.95
N GLY B 180 16.09 -12.24 -66.96
CA GLY B 180 16.73 -13.46 -66.52
C GLY B 180 16.42 -14.67 -67.36
N TYR B 181 15.13 -14.91 -67.63
CA TYR B 181 14.70 -16.07 -68.38
C TYR B 181 15.00 -15.98 -69.88
N ILE B 182 14.80 -14.81 -70.47
CA ILE B 182 14.99 -14.66 -71.92
C ILE B 182 16.33 -13.99 -72.33
N GLY B 183 16.58 -12.76 -71.89
CA GLY B 183 17.79 -12.03 -72.27
C GLY B 183 18.68 -11.69 -71.07
N TYR B 184 19.60 -12.58 -70.73
CA TYR B 184 20.40 -12.48 -69.50
C TYR B 184 21.28 -11.25 -69.38
N ASN B 185 20.90 -10.34 -68.49
CA ASN B 185 21.77 -9.25 -68.11
C ASN B 185 22.12 -9.42 -66.62
N ALA B 186 23.41 -9.41 -66.28
CA ALA B 186 23.87 -9.75 -64.93
C ALA B 186 23.68 -8.61 -63.92
N THR B 187 23.54 -7.39 -64.42
CA THR B 187 23.34 -6.21 -63.56
C THR B 187 21.87 -6.06 -63.19
N VAL B 188 20.97 -6.32 -64.13
CA VAL B 188 19.53 -6.22 -63.83
C VAL B 188 18.98 -7.43 -63.09
N MET B 189 19.53 -8.62 -63.34
CA MET B 189 19.12 -9.78 -62.54
C MET B 189 19.59 -9.64 -61.09
N ASN B 190 20.86 -9.30 -60.88
CA ASN B 190 21.38 -9.08 -59.53
C ASN B 190 20.63 -7.97 -58.80
N THR B 191 20.23 -6.96 -59.55
CA THR B 191 19.52 -5.82 -58.99
C THR B 191 18.03 -6.15 -58.68
N VAL B 192 17.33 -6.86 -59.56
CA VAL B 192 15.95 -7.26 -59.25
C VAL B 192 15.91 -8.13 -58.01
N LEU B 193 16.74 -9.18 -57.98
CA LEU B 193 16.80 -10.12 -56.86
C LEU B 193 17.11 -9.44 -55.54
N VAL B 194 18.18 -8.66 -55.49
CA VAL B 194 18.53 -7.94 -54.27
C VAL B 194 17.41 -7.02 -53.76
N LEU B 195 16.71 -6.34 -54.66
CA LEU B 195 15.54 -5.53 -54.28
C LEU B 195 14.43 -6.32 -53.59
N LEU B 196 14.14 -7.52 -54.06
CA LEU B 196 13.12 -8.35 -53.41
C LEU B 196 13.54 -8.90 -52.03
N VAL B 197 14.80 -9.32 -51.88
CA VAL B 197 15.28 -9.74 -50.56
C VAL B 197 15.19 -8.58 -49.57
N ILE B 198 15.50 -7.38 -50.04
CA ILE B 198 15.34 -6.18 -49.22
C ILE B 198 13.86 -5.98 -48.85
N LEU B 199 12.97 -6.20 -49.82
CA LEU B 199 11.52 -6.04 -49.53
C LEU B 199 10.98 -7.02 -48.50
N VAL B 200 11.48 -8.26 -48.51
CA VAL B 200 11.12 -9.24 -47.49
C VAL B 200 11.55 -8.81 -46.08
N TYR B 201 12.81 -8.37 -45.93
CA TYR B 201 13.35 -7.90 -44.65
C TYR B 201 12.64 -6.65 -44.10
N LEU B 202 12.30 -5.72 -44.97
CA LEU B 202 11.46 -4.57 -44.59
C LEU B 202 10.08 -5.03 -44.13
N ILE B 203 9.50 -5.98 -44.86
CA ILE B 203 8.23 -6.55 -44.42
C ILE B 203 8.42 -7.32 -43.11
N GLN B 204 9.47 -8.09 -42.99
CA GLN B 204 9.68 -8.78 -41.73
C GLN B 204 9.86 -7.80 -40.57
N PHE B 205 10.70 -6.77 -40.74
CA PHE B 205 11.05 -5.89 -39.62
C PHE B 205 9.90 -4.98 -39.24
N ALA B 206 9.19 -4.47 -40.23
CA ALA B 206 8.03 -3.64 -39.95
C ALA B 206 7.03 -4.45 -39.14
N GLY B 207 6.81 -5.67 -39.58
CA GLY B 207 5.92 -6.58 -38.89
C GLY B 207 6.45 -7.05 -37.55
N ASP B 208 7.71 -7.47 -37.50
CA ASP B 208 8.30 -7.92 -36.24
C ASP B 208 8.37 -6.82 -35.18
N ARG B 209 8.69 -5.61 -35.61
CA ARG B 209 8.83 -4.47 -34.69
C ARG B 209 7.46 -4.09 -34.13
N ILE B 210 6.41 -4.14 -34.96
CA ILE B 210 5.06 -3.83 -34.45
C ILE B 210 4.48 -4.90 -33.48
N VAL B 211 4.78 -6.18 -33.73
CA VAL B 211 4.37 -7.25 -32.83
C VAL B 211 5.05 -7.07 -31.46
N ARG B 212 6.34 -6.77 -31.44
CA ARG B 212 7.05 -6.58 -30.18
C ARG B 212 6.32 -5.59 -29.28
N ALA B 213 5.67 -4.60 -29.91
CA ALA B 213 4.97 -3.55 -29.20
C ALA B 213 3.48 -3.83 -29.00
N VAL B 214 2.98 -4.93 -29.57
CA VAL B 214 1.58 -5.29 -29.37
C VAL B 214 1.39 -6.44 -28.34
N THR B 215 2.46 -7.15 -27.97
CA THR B 215 2.40 -8.03 -26.80
C THR B 215 2.31 -7.15 -25.52
N ARG B 216 1.09 -7.03 -24.97
CA ARG B 216 0.78 -6.20 -23.79
C ARG B 216 0.98 -4.68 -24.03
N HIS C 23 35.50 -41.19 1.68
CA HIS C 23 36.34 -40.63 0.61
C HIS C 23 35.83 -41.05 -0.77
N MET C 24 34.57 -41.47 -0.82
CA MET C 24 33.90 -41.79 -2.10
C MET C 24 33.83 -40.60 -3.05
N ILE C 25 33.08 -39.57 -2.68
CA ILE C 25 33.08 -38.32 -3.42
C ILE C 25 33.53 -37.20 -2.48
N LYS C 26 34.38 -36.32 -2.98
CA LYS C 26 34.92 -35.23 -2.20
C LYS C 26 34.84 -33.92 -2.98
N LEU C 27 33.82 -33.13 -2.72
CA LEU C 27 33.73 -31.80 -3.32
C LEU C 27 34.39 -30.80 -2.39
N SER C 28 35.44 -30.14 -2.88
CA SER C 28 36.20 -29.26 -2.02
C SER C 28 36.24 -27.86 -2.62
N ASN C 29 35.74 -26.88 -1.87
CA ASN C 29 35.79 -25.47 -2.25
C ASN C 29 35.06 -25.12 -3.55
N ILE C 30 34.01 -25.86 -3.83
CA ILE C 30 33.29 -25.71 -5.09
C ILE C 30 32.64 -24.32 -5.16
N THR C 31 33.01 -23.51 -6.13
CA THR C 31 32.42 -22.19 -6.33
C THR C 31 31.99 -21.98 -7.77
N LYS C 32 30.74 -21.60 -8.01
CA LYS C 32 30.32 -21.35 -9.37
C LYS C 32 29.63 -20.01 -9.45
N VAL C 33 30.00 -19.25 -10.47
CA VAL C 33 29.48 -17.91 -10.68
C VAL C 33 28.92 -17.76 -12.09
N PHE C 34 27.95 -16.85 -12.27
CA PHE C 34 27.29 -16.69 -13.55
C PHE C 34 27.46 -15.28 -14.08
N HIS C 35 27.69 -15.17 -15.39
CA HIS C 35 27.70 -13.85 -16.03
C HIS C 35 26.58 -13.78 -17.08
N GLN C 36 25.35 -14.02 -16.61
CA GLN C 36 24.12 -14.13 -17.43
C GLN C 36 23.63 -12.81 -18.07
N GLY C 37 23.70 -11.73 -17.31
CA GLY C 37 23.31 -10.41 -17.78
C GLY C 37 24.35 -9.36 -17.40
N THR C 38 23.89 -8.12 -17.28
CA THR C 38 24.75 -7.00 -16.91
C THR C 38 25.37 -7.15 -15.51
N ARG C 39 24.90 -8.15 -14.76
CA ARG C 39 25.35 -8.39 -13.38
C ARG C 39 25.87 -9.81 -13.18
N THR C 40 26.72 -9.99 -12.18
CA THR C 40 27.30 -11.29 -11.88
C THR C 40 26.65 -11.88 -10.62
N ILE C 41 26.03 -13.05 -10.75
CA ILE C 41 25.33 -13.71 -9.64
C ILE C 41 26.10 -14.90 -9.12
N GLN C 42 26.18 -15.04 -7.80
CA GLN C 42 27.01 -16.07 -7.18
C GLN C 42 26.20 -17.28 -6.71
N ALA C 43 26.45 -18.43 -7.32
CA ALA C 43 25.63 -19.62 -7.08
C ALA C 43 26.07 -20.39 -5.86
N LEU C 44 27.38 -20.51 -5.66
CA LEU C 44 27.92 -21.27 -4.53
C LEU C 44 29.21 -20.64 -3.96
N ASN C 45 29.41 -20.73 -2.64
CA ASN C 45 30.62 -20.19 -1.95
C ASN C 45 31.36 -21.23 -1.14
N ASN C 46 32.58 -21.54 -1.53
CA ASN C 46 33.42 -22.47 -0.79
C ASN C 46 32.69 -23.69 -0.23
N VAL C 47 31.71 -24.19 -0.97
CA VAL C 47 31.03 -25.42 -0.58
C VAL C 47 32.00 -26.59 -0.51
N SER C 48 32.04 -27.29 0.61
CA SER C 48 32.92 -28.44 0.74
C SER C 48 32.12 -29.59 1.35
N LEU C 49 32.00 -30.71 0.67
CA LEU C 49 31.36 -31.87 1.30
C LEU C 49 32.04 -33.20 0.97
N HIS C 50 31.92 -34.18 1.86
CA HIS C 50 32.57 -35.48 1.72
C HIS C 50 31.52 -36.57 1.95
N VAL C 51 31.21 -37.36 0.93
CA VAL C 51 30.25 -38.44 1.11
C VAL C 51 30.92 -39.78 1.27
N PRO C 52 30.88 -40.35 2.49
CA PRO C 52 31.48 -41.67 2.71
C PRO C 52 30.92 -42.77 1.79
N ALA C 53 31.81 -43.71 1.41
CA ALA C 53 31.46 -44.80 0.50
C ALA C 53 30.32 -45.63 1.10
N GLY C 54 29.22 -45.72 0.37
CA GLY C 54 28.10 -46.53 0.79
C GLY C 54 27.10 -45.78 1.66
N GLN C 55 27.24 -44.47 1.75
CA GLN C 55 26.30 -43.68 2.55
C GLN C 55 25.45 -42.75 1.69
N ILE C 56 24.34 -42.27 2.23
CA ILE C 56 23.45 -41.35 1.52
C ILE C 56 23.47 -39.91 2.04
N TYR C 57 23.95 -38.97 1.24
CA TYR C 57 24.11 -37.57 1.68
C TYR C 57 23.10 -36.69 1.02
N GLY C 58 22.31 -35.96 1.80
CA GLY C 58 21.33 -35.07 1.24
C GLY C 58 21.71 -33.62 1.45
N VAL C 59 21.58 -32.81 0.41
CA VAL C 59 21.79 -31.38 0.52
C VAL C 59 20.46 -30.68 0.44
N ILE C 60 20.06 -30.01 1.51
CA ILE C 60 18.76 -29.36 1.57
C ILE C 60 18.85 -27.81 1.51
N GLY C 61 17.84 -27.19 0.94
CA GLY C 61 17.87 -25.74 0.88
C GLY C 61 16.66 -25.14 0.19
N ALA C 62 16.47 -23.84 0.39
CA ALA C 62 15.37 -23.14 -0.25
C ALA C 62 15.64 -23.01 -1.73
N SER C 63 14.61 -22.63 -2.46
CA SER C 63 14.67 -22.47 -3.90
C SER C 63 15.62 -21.31 -4.26
N GLY C 64 16.76 -21.62 -4.88
CA GLY C 64 17.75 -20.60 -5.21
C GLY C 64 19.09 -20.66 -4.50
N ALA C 65 19.33 -21.75 -3.76
CA ALA C 65 20.52 -21.90 -2.92
C ALA C 65 21.72 -22.47 -3.66
N GLY C 66 21.46 -23.09 -4.80
CA GLY C 66 22.53 -23.69 -5.56
C GLY C 66 22.53 -25.19 -5.43
N LYS C 67 21.38 -25.76 -5.04
CA LYS C 67 21.26 -27.22 -5.00
C LYS C 67 21.51 -27.81 -6.35
N SER C 68 20.87 -27.23 -7.36
CA SER C 68 20.96 -27.71 -8.73
C SER C 68 22.35 -27.57 -9.30
N THR C 69 22.96 -26.40 -9.11
CA THR C 69 24.33 -26.19 -9.56
C THR C 69 25.28 -27.16 -8.83
N LEU C 70 25.15 -27.26 -7.51
CA LEU C 70 26.07 -28.10 -6.72
C LEU C 70 26.05 -29.55 -7.20
N ILE C 71 24.87 -30.16 -7.25
CA ILE C 71 24.77 -31.54 -7.69
C ILE C 71 25.33 -31.70 -9.10
N ARG C 72 25.24 -30.65 -9.93
CA ARG C 72 25.74 -30.70 -11.32
C ARG C 72 27.26 -30.60 -11.43
N CYS C 73 27.91 -30.03 -10.40
CA CYS C 73 29.37 -29.98 -10.40
C CYS C 73 29.98 -31.35 -10.24
N VAL C 74 29.32 -32.24 -9.50
CA VAL C 74 29.84 -33.59 -9.32
C VAL C 74 29.98 -34.32 -10.64
N ASN C 75 28.95 -34.21 -11.45
CA ASN C 75 28.90 -34.87 -12.75
C ASN C 75 29.69 -34.06 -13.76
N LEU C 76 29.89 -32.78 -13.46
CA LEU C 76 30.56 -31.87 -14.38
C LEU C 76 29.71 -31.65 -15.62
N LEU C 77 28.39 -31.66 -15.44
CA LEU C 77 27.50 -31.06 -16.42
C LEU C 77 27.69 -29.56 -16.26
N GLU C 78 28.15 -29.18 -15.07
CA GLU C 78 28.54 -27.81 -14.77
C GLU C 78 30.02 -27.73 -14.38
N ARG C 79 30.69 -26.66 -14.82
CA ARG C 79 32.10 -26.40 -14.47
C ARG C 79 32.24 -25.45 -13.27
N PRO C 80 32.82 -25.94 -12.17
CA PRO C 80 33.02 -25.05 -11.02
C PRO C 80 34.09 -24.01 -11.35
N THR C 81 33.76 -22.73 -11.19
CA THR C 81 34.72 -21.65 -11.37
C THR C 81 36.05 -21.99 -10.68
N GLU C 82 36.02 -22.36 -9.39
CA GLU C 82 37.20 -22.91 -8.70
C GLU C 82 36.84 -24.07 -7.77
N GLY C 83 37.75 -25.01 -7.58
CA GLY C 83 37.50 -26.08 -6.63
C GLY C 83 38.02 -27.43 -7.08
N SER C 84 37.64 -28.47 -6.37
CA SER C 84 38.08 -29.83 -6.65
C SER C 84 36.95 -30.85 -6.54
N VAL C 85 36.74 -31.65 -7.57
CA VAL C 85 35.72 -32.69 -7.56
C VAL C 85 36.34 -34.08 -7.59
N LEU C 86 36.31 -34.79 -6.47
CA LEU C 86 37.02 -36.06 -6.37
C LEU C 86 36.06 -37.21 -6.11
N VAL C 87 35.67 -37.88 -7.19
CA VAL C 87 34.74 -38.98 -7.10
C VAL C 87 35.41 -40.35 -7.34
N ASP C 88 35.29 -41.27 -6.39
CA ASP C 88 35.95 -42.57 -6.49
C ASP C 88 37.49 -42.44 -6.48
N GLY C 89 37.95 -41.31 -5.95
CA GLY C 89 39.37 -41.04 -5.83
C GLY C 89 39.93 -40.18 -6.95
N GLN C 90 39.20 -40.13 -8.06
CA GLN C 90 39.70 -39.45 -9.23
C GLN C 90 39.29 -37.99 -9.36
N GLU C 91 40.27 -37.12 -9.55
CA GLU C 91 40.01 -35.73 -9.88
C GLU C 91 39.23 -35.62 -11.18
N LEU C 92 38.17 -34.82 -11.19
CA LEU C 92 37.32 -34.68 -12.39
C LEU C 92 37.41 -33.29 -13.04
N THR C 93 37.68 -32.25 -12.25
CA THR C 93 37.69 -30.87 -12.75
C THR C 93 38.52 -30.71 -14.02
N THR C 94 39.78 -31.14 -13.95
CA THR C 94 40.66 -31.10 -15.11
C THR C 94 40.72 -32.49 -15.73
N LEU C 95 40.11 -32.62 -16.91
CA LEU C 95 40.02 -33.92 -17.56
C LEU C 95 39.78 -33.77 -19.07
N SER C 96 40.22 -34.78 -19.82
CA SER C 96 39.96 -34.88 -21.25
C SER C 96 38.50 -35.31 -21.48
N GLU C 97 37.88 -34.78 -22.52
CA GLU C 97 36.47 -35.03 -22.75
C GLU C 97 36.14 -36.49 -23.03
N SER C 98 37.12 -37.23 -23.55
CA SER C 98 36.93 -38.66 -23.79
C SER C 98 37.09 -39.45 -22.50
N GLU C 99 37.68 -38.82 -21.48
CA GLU C 99 37.89 -39.45 -20.18
C GLU C 99 36.73 -39.17 -19.21
N LEU C 100 36.00 -38.07 -19.46
CA LEU C 100 34.82 -37.70 -18.66
C LEU C 100 33.68 -38.67 -18.94
N THR C 101 33.57 -39.09 -20.19
CA THR C 101 32.65 -40.15 -20.59
C THR C 101 32.96 -41.47 -19.90
N LYS C 102 34.26 -41.76 -19.74
CA LYS C 102 34.69 -42.95 -19.00
C LYS C 102 34.37 -42.76 -17.53
N ALA C 103 34.31 -41.50 -17.10
CA ALA C 103 34.02 -41.15 -15.71
C ALA C 103 32.52 -41.24 -15.36
N ARG C 104 31.67 -40.98 -16.34
CA ARG C 104 30.24 -40.95 -16.13
C ARG C 104 29.66 -42.37 -16.08
N ARG C 105 30.44 -43.38 -16.42
CA ARG C 105 29.93 -44.76 -16.36
C ARG C 105 29.84 -45.26 -14.93
N GLN C 106 30.31 -44.44 -13.99
CA GLN C 106 30.28 -44.78 -12.57
C GLN C 106 29.30 -43.87 -11.79
N ILE C 107 28.78 -42.86 -12.48
CA ILE C 107 27.85 -41.89 -11.89
C ILE C 107 26.59 -41.75 -12.73
N GLY C 108 25.54 -42.49 -12.39
CA GLY C 108 24.27 -42.36 -13.09
C GLY C 108 23.49 -41.22 -12.47
N MET C 109 22.49 -40.71 -13.16
CA MET C 109 21.74 -39.57 -12.63
C MET C 109 20.25 -39.73 -12.87
N ILE C 110 19.47 -39.28 -11.89
CA ILE C 110 18.01 -39.20 -12.02
C ILE C 110 17.50 -37.78 -11.71
N PHE C 111 16.38 -37.41 -12.32
CA PHE C 111 15.95 -36.03 -12.26
C PHE C 111 14.50 -35.87 -11.86
N GLN C 112 14.17 -34.64 -11.45
CA GLN C 112 12.83 -34.28 -11.01
C GLN C 112 11.80 -34.60 -12.07
N HIS C 113 11.82 -33.82 -13.14
CA HIS C 113 11.21 -34.19 -14.40
C HIS C 113 12.02 -35.39 -14.79
N PHE C 114 11.43 -36.35 -15.48
CA PHE C 114 12.08 -37.66 -15.58
C PHE C 114 13.13 -37.82 -16.67
N ASN C 115 13.08 -36.94 -17.68
CA ASN C 115 14.02 -36.96 -18.79
C ASN C 115 14.14 -38.34 -19.41
N LEU C 116 12.99 -38.93 -19.77
CA LEU C 116 12.97 -40.21 -20.45
C LEU C 116 12.68 -39.98 -21.91
N LEU C 117 13.21 -40.83 -22.80
CA LEU C 117 12.96 -40.71 -24.23
C LEU C 117 11.57 -41.22 -24.60
N SER C 118 10.76 -40.36 -25.22
CA SER C 118 9.38 -40.72 -25.57
C SER C 118 9.24 -41.77 -26.69
N SER C 119 10.29 -41.93 -27.50
CA SER C 119 10.29 -42.83 -28.66
C SER C 119 10.65 -44.28 -28.33
N ARG C 120 11.28 -44.51 -27.17
CA ARG C 120 11.81 -45.83 -26.82
C ARG C 120 11.07 -46.52 -25.66
N THR C 121 11.00 -47.85 -25.74
CA THR C 121 10.41 -48.68 -24.70
C THR C 121 11.21 -48.58 -23.40
N VAL C 122 10.60 -49.00 -22.29
CA VAL C 122 11.31 -49.01 -20.99
C VAL C 122 12.56 -49.87 -21.08
N PHE C 123 12.48 -50.91 -21.90
CA PHE C 123 13.63 -51.75 -22.16
C PHE C 123 14.76 -50.91 -22.79
N GLY C 124 14.46 -50.29 -23.94
CA GLY C 124 15.44 -49.48 -24.65
C GLY C 124 15.91 -48.29 -23.87
N ASN C 125 15.01 -47.71 -23.08
CA ASN C 125 15.35 -46.61 -22.20
C ASN C 125 16.40 -46.97 -21.15
N VAL C 126 16.26 -48.17 -20.59
CA VAL C 126 17.26 -48.67 -19.67
C VAL C 126 18.54 -49.09 -20.41
N ALA C 127 18.40 -49.47 -21.68
CA ALA C 127 19.50 -49.95 -22.51
C ALA C 127 20.36 -48.83 -23.05
N LEU C 128 19.77 -47.65 -23.14
CA LEU C 128 20.39 -46.50 -23.78
C LEU C 128 21.82 -46.15 -23.34
N PRO C 129 22.07 -46.11 -22.03
CA PRO C 129 23.44 -45.79 -21.65
C PRO C 129 24.39 -46.90 -22.09
N LEU C 130 23.90 -48.14 -22.20
CA LEU C 130 24.76 -49.27 -22.58
C LEU C 130 25.15 -49.22 -24.05
N GLU C 131 24.22 -48.79 -24.90
CA GLU C 131 24.48 -48.65 -26.32
C GLU C 131 25.49 -47.53 -26.56
N LEU C 132 25.61 -46.62 -25.62
CA LEU C 132 26.62 -45.55 -25.71
C LEU C 132 28.06 -46.11 -25.74
N ASP C 133 28.29 -47.20 -25.03
CA ASP C 133 29.51 -48.01 -25.15
C ASP C 133 29.19 -49.14 -26.11
N ASN C 134 30.18 -49.68 -26.79
CA ASN C 134 29.89 -50.74 -27.75
C ASN C 134 29.66 -52.08 -27.04
N THR C 135 28.62 -52.11 -26.21
CA THR C 135 28.23 -53.31 -25.49
C THR C 135 27.55 -54.30 -26.44
N PRO C 136 27.81 -55.62 -26.25
CA PRO C 136 27.17 -56.67 -27.04
C PRO C 136 25.67 -56.79 -26.75
N LYS C 137 24.86 -57.09 -27.77
CA LYS C 137 23.41 -57.22 -27.61
C LYS C 137 22.99 -58.34 -26.63
N ASP C 138 23.81 -59.40 -26.54
CA ASP C 138 23.54 -60.53 -25.65
C ASP C 138 23.67 -60.18 -24.16
N GLU C 139 24.69 -59.39 -23.81
CA GLU C 139 24.92 -58.98 -22.41
C GLU C 139 23.87 -57.97 -22.00
N VAL C 140 23.56 -57.02 -22.88
CA VAL C 140 22.56 -55.98 -22.62
C VAL C 140 21.24 -56.50 -22.11
N LYS C 141 20.64 -57.42 -22.86
CA LYS C 141 19.33 -57.94 -22.50
C LYS C 141 19.32 -58.57 -21.09
N ARG C 142 20.41 -59.26 -20.72
CA ARG C 142 20.53 -59.82 -19.37
C ARG C 142 20.59 -58.70 -18.34
N ARG C 143 21.37 -57.67 -18.63
CA ARG C 143 21.57 -56.56 -17.71
C ARG C 143 20.28 -55.80 -17.49
N VAL C 144 19.57 -55.52 -18.59
CA VAL C 144 18.35 -54.73 -18.54
C VAL C 144 17.22 -55.40 -17.78
N THR C 145 17.04 -56.70 -17.95
CA THR C 145 15.95 -57.41 -17.29
C THR C 145 16.09 -57.42 -15.76
N GLU C 146 17.34 -57.54 -15.28
CA GLU C 146 17.66 -57.56 -13.84
C GLU C 146 17.33 -56.25 -13.15
N LEU C 147 17.68 -55.15 -13.83
CA LEU C 147 17.40 -53.82 -13.32
C LEU C 147 15.92 -53.50 -13.46
N LEU C 148 15.29 -54.06 -14.48
CA LEU C 148 13.84 -53.98 -14.62
C LEU C 148 13.12 -54.83 -13.56
N SER C 149 13.71 -55.96 -13.19
CA SER C 149 13.19 -56.76 -12.09
C SER C 149 13.47 -56.12 -10.72
N LEU C 150 14.59 -55.39 -10.63
CA LEU C 150 14.97 -54.70 -9.40
C LEU C 150 14.03 -53.53 -9.12
N VAL C 151 13.76 -52.69 -10.12
CA VAL C 151 12.94 -51.49 -9.92
C VAL C 151 11.42 -51.76 -9.83
N GLY C 152 11.01 -52.97 -10.20
CA GLY C 152 9.62 -53.37 -10.12
C GLY C 152 8.82 -53.08 -11.38
N LEU C 153 9.51 -52.97 -12.52
CA LEU C 153 8.87 -52.70 -13.80
C LEU C 153 9.08 -53.87 -14.71
N GLY C 154 9.64 -54.96 -14.16
CA GLY C 154 9.94 -56.14 -14.93
C GLY C 154 8.69 -56.66 -15.62
N ASP C 155 7.56 -56.12 -15.20
CA ASP C 155 6.27 -56.45 -15.79
C ASP C 155 6.06 -55.69 -17.12
N LYS C 156 6.39 -54.40 -17.10
CA LYS C 156 6.08 -53.46 -18.18
C LYS C 156 7.14 -53.35 -19.29
N HIS C 157 7.82 -54.46 -19.61
CA HIS C 157 8.92 -54.45 -20.60
C HIS C 157 8.65 -53.66 -21.86
N ASP C 158 7.41 -53.75 -22.35
CA ASP C 158 7.02 -53.11 -23.62
C ASP C 158 6.06 -51.96 -23.40
N SER C 159 6.59 -50.81 -22.96
CA SER C 159 5.78 -49.61 -22.73
C SER C 159 6.52 -48.29 -23.01
N TYR C 160 5.73 -47.24 -23.20
CA TYR C 160 6.27 -45.94 -23.53
C TYR C 160 5.94 -44.97 -22.42
N PRO C 161 6.89 -44.10 -22.08
CA PRO C 161 6.79 -43.09 -21.04
C PRO C 161 5.43 -42.39 -20.98
N SER C 162 4.78 -42.17 -22.12
CA SER C 162 3.48 -41.50 -22.10
C SER C 162 2.42 -42.31 -21.37
N ASN C 163 2.60 -43.63 -21.33
CA ASN C 163 1.72 -44.57 -20.62
C ASN C 163 1.96 -44.70 -19.11
N LEU C 164 3.25 -44.68 -18.74
CA LEU C 164 3.68 -44.86 -17.36
C LEU C 164 3.20 -43.70 -16.47
N SER C 165 2.95 -44.00 -15.19
CA SER C 165 2.68 -42.98 -14.20
C SER C 165 3.99 -42.40 -13.66
N GLY C 166 3.90 -41.27 -12.96
CA GLY C 166 5.09 -40.66 -12.40
C GLY C 166 6.05 -41.64 -11.73
N GLY C 167 5.52 -42.47 -10.82
CA GLY C 167 6.28 -43.48 -10.11
C GLY C 167 6.99 -44.47 -11.02
N GLN C 168 6.26 -44.99 -12.00
CA GLN C 168 6.81 -45.94 -12.95
C GLN C 168 7.98 -45.33 -13.69
N LYS C 169 7.75 -44.12 -14.18
CA LYS C 169 8.75 -43.38 -14.92
C LYS C 169 10.01 -43.16 -14.11
N GLN C 170 9.90 -42.90 -12.81
CA GLN C 170 11.09 -42.67 -12.01
C GLN C 170 11.91 -43.95 -11.80
N ARG C 171 11.24 -45.08 -11.70
CA ARG C 171 11.93 -46.36 -11.56
C ARG C 171 12.78 -46.66 -12.76
N VAL C 172 12.23 -46.37 -13.94
CA VAL C 172 12.93 -46.55 -15.21
C VAL C 172 14.21 -45.70 -15.18
N ALA C 173 14.08 -44.43 -14.81
CA ALA C 173 15.21 -43.52 -14.77
C ALA C 173 16.32 -43.98 -13.83
N ILE C 174 15.91 -44.53 -12.68
CA ILE C 174 16.85 -45.14 -11.72
C ILE C 174 17.52 -46.38 -12.29
N ALA C 175 16.69 -47.25 -12.85
CA ALA C 175 17.20 -48.42 -13.51
C ALA C 175 18.21 -48.02 -14.58
N ARG C 176 17.88 -47.01 -15.37
CA ARG C 176 18.79 -46.54 -16.40
C ARG C 176 20.11 -46.02 -15.84
N ALA C 177 20.05 -45.29 -14.74
CA ALA C 177 21.26 -44.78 -14.11
C ALA C 177 22.11 -45.92 -13.56
N LEU C 178 21.44 -46.98 -13.10
CA LEU C 178 22.09 -48.20 -12.56
C LEU C 178 22.56 -49.16 -13.63
N ALA C 179 22.27 -48.82 -14.89
CA ALA C 179 22.63 -49.66 -16.03
C ALA C 179 24.14 -49.85 -16.13
N SER C 180 24.88 -48.74 -16.14
CA SER C 180 26.34 -48.79 -16.19
C SER C 180 26.97 -49.37 -14.91
N ASN C 181 26.12 -49.93 -14.05
CA ASN C 181 26.49 -50.36 -12.70
C ASN C 181 27.39 -49.37 -11.98
N PRO C 182 26.90 -48.14 -11.80
CA PRO C 182 27.66 -46.98 -11.33
C PRO C 182 27.98 -47.09 -9.86
N LYS C 183 29.05 -46.45 -9.42
CA LYS C 183 29.38 -46.50 -8.02
C LYS C 183 28.55 -45.46 -7.25
N VAL C 184 28.34 -44.29 -7.86
CA VAL C 184 27.64 -43.16 -7.23
C VAL C 184 26.35 -42.80 -7.93
N LEU C 185 25.30 -42.51 -7.16
CA LEU C 185 24.06 -42.05 -7.74
C LEU C 185 23.73 -40.63 -7.27
N LEU C 186 23.48 -39.75 -8.22
CA LEU C 186 23.08 -38.37 -7.92
C LEU C 186 21.57 -38.22 -8.17
N CYS C 187 20.85 -37.56 -7.26
CA CYS C 187 19.41 -37.28 -7.44
C CYS C 187 19.01 -35.82 -7.49
N ASP C 188 18.65 -35.34 -8.68
CA ASP C 188 18.30 -33.94 -8.88
C ASP C 188 16.80 -33.68 -8.57
N GLN C 189 16.49 -33.56 -7.28
CA GLN C 189 15.12 -33.36 -6.82
C GLN C 189 14.28 -34.51 -7.28
N ALA C 190 14.85 -35.72 -7.28
CA ALA C 190 14.25 -36.87 -7.96
C ALA C 190 12.79 -37.19 -7.59
N THR C 191 12.35 -36.89 -6.36
CA THR C 191 10.94 -37.13 -5.95
C THR C 191 10.15 -35.86 -5.68
N SER C 192 10.65 -34.77 -6.23
CA SER C 192 10.06 -33.46 -6.05
C SER C 192 8.83 -33.35 -6.93
N ALA C 193 8.66 -34.26 -7.88
CA ALA C 193 7.49 -34.25 -8.75
C ALA C 193 6.45 -35.32 -8.39
N LEU C 194 6.94 -36.43 -7.84
CA LEU C 194 6.12 -37.53 -7.36
C LEU C 194 5.33 -37.12 -6.10
N ASP C 195 4.22 -37.78 -5.83
CA ASP C 195 3.37 -37.48 -4.68
C ASP C 195 3.83 -38.19 -3.42
N PRO C 196 3.37 -37.72 -2.24
CA PRO C 196 3.72 -38.32 -0.95
C PRO C 196 3.66 -39.84 -0.92
N ALA C 197 2.53 -40.43 -1.31
CA ALA C 197 2.39 -41.88 -1.32
C ALA C 197 3.47 -42.59 -2.14
N THR C 198 3.76 -42.06 -3.31
CA THR C 198 4.75 -42.64 -4.22
C THR C 198 6.19 -42.31 -3.79
N THR C 199 6.43 -41.07 -3.41
CA THR C 199 7.78 -40.65 -3.01
C THR C 199 8.38 -41.67 -2.03
N ARG C 200 7.61 -42.09 -1.02
CA ARG C 200 8.11 -43.02 0.00
C ARG C 200 8.59 -44.35 -0.58
N SER C 201 7.80 -44.94 -1.48
CA SER C 201 8.19 -46.20 -2.12
C SER C 201 9.41 -46.09 -3.04
N ILE C 202 9.53 -44.95 -3.74
CA ILE C 202 10.72 -44.64 -4.53
C ILE C 202 11.92 -44.40 -3.63
N LEU C 203 11.71 -43.63 -2.57
CA LEU C 203 12.74 -43.37 -1.60
C LEU C 203 13.16 -44.63 -0.86
N GLU C 204 12.20 -45.54 -0.65
CA GLU C 204 12.49 -46.82 -0.01
C GLU C 204 13.21 -47.76 -0.97
N LEU C 205 12.79 -47.74 -2.23
CA LEU C 205 13.48 -48.51 -3.26
C LEU C 205 14.89 -47.99 -3.45
N LEU C 206 15.02 -46.67 -3.48
CA LEU C 206 16.32 -46.02 -3.64
C LEU C 206 17.25 -46.35 -2.47
N LYS C 207 16.67 -46.42 -1.27
CA LYS C 207 17.40 -46.81 -0.05
C LYS C 207 17.86 -48.27 -0.07
N ASP C 208 16.94 -49.15 -0.43
CA ASP C 208 17.21 -50.57 -0.47
C ASP C 208 18.36 -50.87 -1.40
N ILE C 209 18.37 -50.20 -2.55
CA ILE C 209 19.46 -50.36 -3.51
C ILE C 209 20.77 -49.97 -2.87
N ASN C 210 20.74 -48.94 -2.05
CA ASN C 210 21.95 -48.58 -1.35
C ASN C 210 22.32 -49.59 -0.28
N ARG C 211 21.35 -49.91 0.56
CA ARG C 211 21.60 -50.86 1.64
C ARG C 211 21.90 -52.28 1.10
N ARG C 212 21.11 -52.74 0.12
CA ARG C 212 21.29 -54.08 -0.43
C ARG C 212 22.52 -54.21 -1.33
N LEU C 213 22.89 -53.13 -2.02
CA LEU C 213 24.03 -53.15 -2.96
C LEU C 213 25.22 -52.22 -2.64
N GLY C 214 25.06 -51.31 -1.70
CA GLY C 214 26.18 -50.47 -1.30
C GLY C 214 26.47 -49.29 -2.20
N LEU C 215 25.44 -48.81 -2.87
CA LEU C 215 25.54 -47.65 -3.78
C LEU C 215 25.58 -46.33 -3.03
N THR C 216 26.62 -45.53 -3.29
CA THR C 216 26.73 -44.21 -2.69
C THR C 216 25.72 -43.25 -3.33
N ILE C 217 24.87 -42.60 -2.54
CA ILE C 217 23.87 -41.68 -3.12
C ILE C 217 24.06 -40.21 -2.67
N LEU C 218 24.17 -39.28 -3.61
CA LEU C 218 24.10 -37.83 -3.32
C LEU C 218 22.77 -37.36 -3.73
N LEU C 219 22.19 -36.48 -2.94
CA LEU C 219 20.81 -36.16 -3.09
C LEU C 219 20.61 -34.70 -2.81
N ILE C 220 19.92 -34.00 -3.72
CA ILE C 220 19.41 -32.65 -3.41
C ILE C 220 17.90 -32.67 -3.35
N THR C 221 17.35 -31.89 -2.43
CA THR C 221 15.91 -31.77 -2.24
C THR C 221 15.63 -30.42 -1.61
N HIS C 222 14.38 -30.00 -1.66
CA HIS C 222 13.96 -28.79 -0.92
C HIS C 222 12.97 -29.18 0.16
N GLU C 223 12.61 -30.46 0.16
CA GLU C 223 11.75 -31.03 1.20
C GLU C 223 12.56 -31.85 2.21
N MET C 224 12.53 -31.41 3.48
CA MET C 224 13.23 -32.06 4.56
C MET C 224 12.65 -33.47 4.81
N ASP C 225 11.36 -33.64 4.58
CA ASP C 225 10.76 -34.96 4.67
C ASP C 225 11.62 -35.99 3.96
N VAL C 226 12.20 -35.59 2.84
CA VAL C 226 13.01 -36.48 2.03
C VAL C 226 14.33 -36.86 2.67
N VAL C 227 15.03 -35.84 3.15
CA VAL C 227 16.31 -36.06 3.81
C VAL C 227 16.16 -37.10 4.93
N LYS C 228 15.26 -36.85 5.86
CA LYS C 228 15.14 -37.72 7.02
C LYS C 228 14.74 -39.15 6.65
N ARG C 229 14.03 -39.32 5.54
CA ARG C 229 13.56 -40.67 5.28
C ARG C 229 14.70 -41.62 4.91
N ILE C 230 15.66 -41.16 4.12
CA ILE C 230 16.70 -42.09 3.69
C ILE C 230 18.14 -41.63 3.89
N CYS C 231 18.33 -40.34 4.19
CA CYS C 231 19.70 -39.81 4.31
C CYS C 231 20.42 -40.20 5.61
N ASP C 232 21.73 -40.45 5.49
CA ASP C 232 22.65 -40.80 6.59
C ASP C 232 23.42 -39.57 7.11
N CYS C 233 23.83 -38.68 6.20
CA CYS C 233 24.38 -37.33 6.54
C CYS C 233 23.54 -36.27 5.84
N VAL C 234 23.66 -35.00 6.24
CA VAL C 234 22.87 -33.88 5.65
C VAL C 234 23.57 -32.50 5.74
N ALA C 235 23.52 -31.71 4.67
CA ALA C 235 24.08 -30.36 4.71
C ALA C 235 23.02 -29.31 4.35
N VAL C 236 22.87 -28.29 5.18
CA VAL C 236 21.91 -27.24 4.90
C VAL C 236 22.59 -26.07 4.19
N ILE C 237 22.12 -25.76 2.98
CA ILE C 237 22.65 -24.68 2.15
C ILE C 237 21.68 -23.54 1.95
N SER C 238 22.20 -22.33 2.09
CA SER C 238 21.43 -21.12 2.00
C SER C 238 22.33 -20.12 1.27
N ASN C 239 21.96 -19.76 0.05
CA ASN C 239 22.70 -18.81 -0.79
C ASN C 239 24.13 -19.24 -1.13
N GLY C 240 24.31 -20.50 -1.49
CA GLY C 240 25.59 -21.00 -1.92
C GLY C 240 26.57 -21.39 -0.83
N GLU C 241 26.26 -21.03 0.41
CA GLU C 241 27.11 -21.30 1.57
C GLU C 241 26.48 -22.39 2.38
N LEU C 242 27.27 -23.32 2.92
CA LEU C 242 26.70 -24.37 3.76
C LEU C 242 26.60 -23.94 5.25
N ILE C 243 25.41 -23.94 5.84
CA ILE C 243 25.31 -23.45 7.22
C ILE C 243 25.39 -24.53 8.31
N GLU C 244 24.88 -25.72 8.04
CA GLU C 244 24.96 -26.80 9.02
C GLU C 244 25.37 -28.07 8.31
N GLN C 245 26.39 -28.74 8.81
CA GLN C 245 26.89 -29.90 8.09
C GLN C 245 27.24 -31.06 9.02
N ASP C 246 26.35 -32.05 9.10
CA ASP C 246 26.58 -33.13 10.03
C ASP C 246 25.71 -34.36 9.77
N THR C 247 25.91 -35.38 10.58
CA THR C 247 25.12 -36.60 10.50
C THR C 247 23.66 -36.17 10.54
N VAL C 248 22.78 -36.89 9.85
CA VAL C 248 21.33 -36.67 9.98
C VAL C 248 20.84 -36.67 11.45
N SER C 249 21.32 -37.62 12.23
CA SER C 249 20.98 -37.70 13.64
C SER C 249 21.32 -36.42 14.39
N GLU C 250 22.53 -35.92 14.21
CA GLU C 250 22.96 -34.71 14.92
C GLU C 250 22.24 -33.47 14.42
N VAL C 251 21.78 -33.48 13.18
CA VAL C 251 21.09 -32.30 12.68
C VAL C 251 19.63 -32.31 13.15
N PHE C 252 19.02 -33.47 13.25
CA PHE C 252 17.64 -33.53 13.76
C PHE C 252 17.54 -33.44 15.29
N SER C 253 18.64 -33.72 15.98
CA SER C 253 18.72 -33.53 17.42
C SER C 253 19.91 -32.61 17.66
N HIS C 254 19.70 -31.50 18.34
CA HIS C 254 20.72 -30.46 18.52
C HIS C 254 21.00 -29.68 17.22
N PRO C 255 19.94 -29.24 16.53
CA PRO C 255 20.14 -28.37 15.36
C PRO C 255 20.72 -27.01 15.78
N LYS C 256 21.93 -26.69 15.31
CA LYS C 256 22.68 -25.51 15.76
C LYS C 256 22.28 -24.22 15.04
N THR C 257 21.48 -24.35 14.01
CA THR C 257 21.05 -23.21 13.18
C THR C 257 19.57 -22.95 13.25
N PRO C 258 19.16 -21.67 13.32
CA PRO C 258 17.73 -21.34 13.34
C PRO C 258 17.05 -21.77 12.05
N LEU C 259 17.75 -21.52 10.94
CA LEU C 259 17.27 -21.92 9.64
C LEU C 259 17.12 -23.43 9.53
N ALA C 260 18.04 -24.16 10.16
CA ALA C 260 18.01 -25.60 10.18
C ALA C 260 16.75 -26.09 10.90
N GLN C 261 16.40 -25.44 12.01
CA GLN C 261 15.20 -25.78 12.77
C GLN C 261 13.92 -25.64 11.97
N LYS C 262 13.88 -24.62 11.12
CA LYS C 262 12.71 -24.37 10.28
C LYS C 262 12.36 -25.57 9.42
N PHE C 263 13.37 -26.18 8.81
CA PHE C 263 13.20 -27.37 7.98
C PHE C 263 12.79 -28.59 8.79
N ILE C 264 13.37 -28.75 9.99
CA ILE C 264 13.07 -29.92 10.80
C ILE C 264 11.67 -29.86 11.29
N GLN C 265 11.32 -28.68 11.79
CA GLN C 265 9.98 -28.40 12.31
C GLN C 265 8.93 -28.51 11.20
N SER C 266 9.38 -28.68 9.97
CA SER C 266 8.47 -28.88 8.86
C SER C 266 8.28 -30.37 8.54
N THR C 267 9.32 -31.18 8.72
CA THR C 267 9.18 -32.61 8.53
C THR C 267 8.01 -33.15 9.38
N LEU C 268 7.95 -32.71 10.65
CA LEU C 268 6.79 -32.89 11.51
C LEU C 268 5.93 -31.70 11.25
N HIS C 269 4.62 -31.87 11.21
CA HIS C 269 3.78 -30.73 10.86
C HIS C 269 3.32 -29.95 12.10
N LEU C 270 4.23 -29.11 12.57
CA LEU C 270 3.97 -28.32 13.76
C LEU C 270 3.57 -26.88 13.42
N ASP C 271 2.26 -26.65 13.35
CA ASP C 271 1.72 -25.30 13.16
C ASP C 271 1.30 -24.61 14.48
N ILE C 272 1.74 -23.35 14.67
CA ILE C 272 1.27 -22.50 15.77
C ILE C 272 0.04 -21.76 15.26
N PRO C 273 -1.14 -22.13 15.79
CA PRO C 273 -2.39 -21.57 15.29
C PRO C 273 -2.32 -20.06 15.12
N GLU C 274 -2.97 -19.54 14.08
CA GLU C 274 -2.92 -18.10 13.78
C GLU C 274 -3.18 -17.19 14.99
N ASP C 275 -4.13 -17.58 15.84
CA ASP C 275 -4.54 -16.73 16.95
C ASP C 275 -3.50 -16.64 18.07
N TYR C 276 -2.63 -17.64 18.19
CA TYR C 276 -1.55 -17.60 19.17
C TYR C 276 -0.48 -16.59 18.78
N GLN C 277 0.11 -16.76 17.60
CA GLN C 277 1.16 -15.84 17.15
C GLN C 277 0.70 -14.36 17.15
N GLU C 278 -0.60 -14.13 17.00
CA GLU C 278 -1.16 -12.79 17.07
C GLU C 278 -1.25 -12.31 18.52
N ARG C 279 -1.78 -13.15 19.41
CA ARG C 279 -1.91 -12.84 20.84
C ARG C 279 -0.56 -12.83 21.56
N LEU C 280 0.32 -13.74 21.12
CA LEU C 280 1.68 -13.88 21.66
C LEU C 280 2.53 -12.64 21.38
N GLN C 281 3.22 -12.15 22.40
CA GLN C 281 4.16 -11.03 22.28
C GLN C 281 5.42 -11.28 23.12
N ALA C 282 6.58 -10.96 22.54
CA ALA C 282 7.87 -11.28 23.16
C ALA C 282 8.15 -10.55 24.50
N GLU C 283 7.56 -9.37 24.67
CA GLU C 283 7.70 -8.61 25.91
C GLU C 283 6.70 -9.09 26.98
N PRO C 284 7.20 -9.43 28.18
CA PRO C 284 6.32 -9.95 29.25
C PRO C 284 5.36 -8.88 29.80
N PHE C 285 4.06 -9.20 29.82
CA PHE C 285 3.04 -8.24 30.26
C PHE C 285 2.28 -8.76 31.48
N THR C 286 1.36 -7.95 32.02
CA THR C 286 0.57 -8.35 33.21
C THR C 286 -0.31 -9.54 32.85
N ASP C 287 -0.37 -10.53 33.76
CA ASP C 287 -1.16 -11.75 33.59
C ASP C 287 -0.68 -12.66 32.45
N CYS C 288 0.65 -12.69 32.24
CA CYS C 288 1.23 -13.43 31.12
C CYS C 288 1.90 -14.73 31.53
N VAL C 289 1.79 -15.74 30.66
CA VAL C 289 2.51 -17.01 30.80
C VAL C 289 3.34 -17.29 29.53
N PRO C 290 4.56 -17.83 29.69
CA PRO C 290 5.49 -18.11 28.58
C PRO C 290 5.08 -19.31 27.75
N MET C 291 4.95 -19.13 26.44
CA MET C 291 4.81 -20.29 25.56
C MET C 291 6.19 -20.69 25.02
N LEU C 292 6.57 -21.93 25.22
CA LEU C 292 7.91 -22.32 24.87
C LEU C 292 7.85 -23.60 24.09
N ARG C 293 8.75 -23.73 23.13
CA ARG C 293 8.89 -24.97 22.40
C ARG C 293 10.05 -25.80 22.91
N LEU C 294 9.78 -27.09 23.08
CA LEU C 294 10.72 -28.01 23.67
C LEU C 294 11.19 -29.00 22.65
N GLU C 295 12.51 -29.14 22.50
CA GLU C 295 13.06 -30.20 21.67
C GLU C 295 13.52 -31.39 22.53
N PHE C 296 13.08 -32.61 22.19
CA PHE C 296 13.53 -33.81 22.87
C PHE C 296 14.54 -34.55 22.00
N THR C 297 15.68 -34.92 22.56
CA THR C 297 16.58 -35.80 21.82
C THR C 297 16.21 -37.25 22.18
N GLY C 298 16.81 -38.23 21.52
CA GLY C 298 16.41 -39.61 21.66
C GLY C 298 16.14 -40.13 23.07
N GLN C 299 16.94 -39.66 24.03
CA GLN C 299 16.93 -40.18 25.40
C GLN C 299 15.66 -39.79 26.17
N SER C 300 15.09 -38.65 25.82
CA SER C 300 13.95 -38.09 26.52
C SER C 300 12.64 -38.15 25.73
N VAL C 301 12.68 -38.62 24.50
CA VAL C 301 11.53 -38.56 23.65
C VAL C 301 10.35 -39.38 24.18
N ASP C 302 10.65 -40.58 24.68
CA ASP C 302 9.63 -41.52 25.17
C ASP C 302 9.34 -41.41 26.65
N ALA C 303 10.20 -40.69 27.34
CA ALA C 303 10.00 -40.48 28.75
C ALA C 303 8.84 -39.51 29.01
N PRO C 304 7.85 -39.92 29.83
CA PRO C 304 6.72 -39.05 30.13
C PRO C 304 7.14 -37.89 31.02
N LEU C 305 7.94 -36.97 30.51
CA LEU C 305 8.50 -35.89 31.31
C LEU C 305 7.53 -34.73 31.62
N LEU C 306 6.53 -34.53 30.77
CA LEU C 306 5.53 -33.49 30.97
C LEU C 306 4.54 -33.82 32.08
N SER C 307 4.23 -35.12 32.28
CA SER C 307 3.43 -35.58 33.42
C SER C 307 4.22 -35.49 34.73
N GLU C 308 5.48 -35.92 34.67
CA GLU C 308 6.38 -35.78 35.81
C GLU C 308 6.51 -34.33 36.21
N THR C 309 6.74 -33.49 35.22
CA THR C 309 6.90 -32.08 35.45
C THR C 309 5.66 -31.45 36.06
N ALA C 310 4.51 -32.05 35.78
CA ALA C 310 3.24 -31.55 36.31
C ALA C 310 3.14 -31.85 37.80
N ARG C 311 3.52 -33.06 38.17
CA ARG C 311 3.45 -33.43 39.58
C ARG C 311 4.50 -32.72 40.41
N ARG C 312 5.76 -32.89 40.02
CA ARG C 312 6.89 -32.47 40.83
C ARG C 312 6.88 -31.00 41.20
N PHE C 313 6.64 -30.13 40.23
CA PHE C 313 6.80 -28.70 40.48
C PHE C 313 5.48 -27.95 40.49
N ASN C 314 4.38 -28.71 40.58
CA ASN C 314 3.05 -28.13 40.58
C ASN C 314 2.83 -27.09 39.45
N VAL C 315 3.11 -27.53 38.21
CA VAL C 315 2.92 -26.72 36.99
C VAL C 315 1.86 -27.33 36.04
N ASN C 316 1.14 -26.45 35.34
CA ASN C 316 0.14 -26.86 34.37
C ASN C 316 0.52 -26.49 32.95
N ASN C 317 0.78 -27.50 32.13
CA ASN C 317 1.19 -27.26 30.76
C ASN C 317 0.03 -27.37 29.78
N ASN C 318 -0.19 -26.28 29.04
CA ASN C 318 -1.17 -26.34 27.97
C ASN C 318 -0.46 -26.72 26.67
N ILE C 319 -0.52 -28.01 26.31
CA ILE C 319 0.17 -28.45 25.09
C ILE C 319 -0.58 -28.04 23.81
N ILE C 320 0.03 -27.17 23.03
CA ILE C 320 -0.58 -26.68 21.79
C ILE C 320 -0.45 -27.68 20.65
N SER C 321 0.78 -28.12 20.37
CA SER C 321 1.02 -29.22 19.42
C SER C 321 2.36 -29.91 19.65
N ALA C 322 2.44 -31.19 19.29
CA ALA C 322 3.66 -31.93 19.52
C ALA C 322 3.65 -33.15 18.61
N GLN C 323 4.83 -33.55 18.20
CA GLN C 323 5.05 -34.70 17.34
C GLN C 323 6.44 -35.29 17.53
N MET C 324 6.56 -36.60 17.33
CA MET C 324 7.85 -37.28 17.39
C MET C 324 8.10 -38.06 16.09
N ASP C 325 9.36 -38.24 15.71
CA ASP C 325 9.66 -39.11 14.56
C ASP C 325 11.07 -39.72 14.66
N TYR C 326 11.51 -40.41 13.60
CA TYR C 326 12.87 -40.98 13.51
C TYR C 326 13.62 -40.32 12.38
N ALA C 327 14.89 -40.00 12.61
CA ALA C 327 15.74 -39.47 11.56
C ALA C 327 17.17 -39.93 11.75
N GLY C 328 17.68 -40.69 10.80
CA GLY C 328 19.04 -41.21 10.91
C GLY C 328 19.12 -42.37 11.88
N GLY C 329 18.01 -43.08 12.04
CA GLY C 329 17.93 -44.21 12.96
C GLY C 329 17.85 -43.78 14.43
N VAL C 330 17.46 -42.53 14.65
CA VAL C 330 17.39 -41.95 15.98
C VAL C 330 16.09 -41.23 16.17
N LYS C 331 15.40 -41.56 17.24
CA LYS C 331 14.14 -40.92 17.56
C LYS C 331 14.37 -39.50 18.03
N PHE C 332 13.39 -38.64 17.79
CA PHE C 332 13.47 -37.28 18.24
C PHE C 332 12.04 -36.77 18.24
N GLY C 333 11.86 -35.49 18.53
CA GLY C 333 10.53 -34.94 18.61
C GLY C 333 10.57 -33.51 19.09
N ILE C 334 9.49 -32.79 18.82
CA ILE C 334 9.35 -31.42 19.26
C ILE C 334 7.96 -31.15 19.85
N MET C 335 7.90 -30.25 20.85
CA MET C 335 6.66 -29.79 21.51
C MET C 335 6.51 -28.27 21.52
N LEU C 336 5.29 -27.79 21.34
CA LEU C 336 4.93 -26.39 21.59
C LEU C 336 3.95 -26.27 22.77
N THR C 337 4.29 -25.49 23.80
CA THR C 337 3.52 -25.54 25.02
C THR C 337 3.58 -24.25 25.77
N GLU C 338 2.45 -23.85 26.36
CA GLU C 338 2.50 -22.81 27.38
C GLU C 338 2.35 -23.41 28.79
N MET C 339 3.24 -22.92 29.66
CA MET C 339 3.44 -23.41 31.01
C MET C 339 2.81 -22.44 32.00
N HIS C 340 1.84 -22.94 32.77
CA HIS C 340 1.19 -22.18 33.83
C HIS C 340 1.73 -22.58 35.21
N GLY C 341 2.01 -21.58 36.04
CA GLY C 341 2.47 -21.82 37.39
C GLY C 341 3.17 -20.60 37.98
N THR C 342 3.80 -20.79 39.14
CA THR C 342 4.52 -19.70 39.77
C THR C 342 5.82 -19.41 39.04
N GLN C 343 6.26 -18.15 39.04
CA GLN C 343 7.51 -17.77 38.38
C GLN C 343 8.70 -18.57 38.92
N GLN C 344 8.62 -18.94 40.20
CA GLN C 344 9.65 -19.73 40.86
C GLN C 344 9.53 -21.19 40.44
N ASP C 345 8.29 -21.68 40.40
CA ASP C 345 7.98 -23.05 39.99
C ASP C 345 8.31 -23.31 38.52
N THR C 346 7.90 -22.37 37.68
CA THR C 346 8.16 -22.39 36.23
C THR C 346 9.66 -22.50 35.98
N GLN C 347 10.44 -21.58 36.56
CA GLN C 347 11.89 -21.59 36.42
C GLN C 347 12.53 -22.90 36.91
N ALA C 348 11.86 -23.56 37.86
CA ALA C 348 12.33 -24.82 38.45
C ALA C 348 12.10 -26.02 37.56
N ALA C 349 10.90 -26.14 37.01
CA ALA C 349 10.58 -27.23 36.09
C ALA C 349 11.31 -27.12 34.75
N ILE C 350 11.47 -25.89 34.25
CA ILE C 350 12.29 -25.66 33.07
C ILE C 350 13.68 -26.19 33.31
N ALA C 351 14.19 -25.95 34.52
CA ALA C 351 15.51 -26.40 34.89
C ALA C 351 15.62 -27.93 34.89
N TRP C 352 14.52 -28.60 35.22
CA TRP C 352 14.48 -30.05 35.27
C TRP C 352 14.42 -30.62 33.87
N LEU C 353 13.77 -29.89 32.96
CA LEU C 353 13.74 -30.27 31.55
C LEU C 353 15.13 -30.15 30.90
N GLN C 354 15.81 -29.03 31.12
CA GLN C 354 17.19 -28.86 30.66
C GLN C 354 18.13 -29.90 31.26
N GLU C 355 17.81 -30.31 32.48
CA GLU C 355 18.56 -31.35 33.17
C GLU C 355 18.33 -32.71 32.50
N HIS C 356 17.18 -32.89 31.85
CA HIS C 356 16.83 -34.20 31.27
C HIS C 356 16.90 -34.27 29.74
N HIS C 357 17.82 -33.50 29.16
CA HIS C 357 18.12 -33.51 27.73
C HIS C 357 16.98 -33.06 26.82
N VAL C 358 16.11 -32.23 27.37
CA VAL C 358 15.05 -31.56 26.60
C VAL C 358 15.47 -30.11 26.45
N LYS C 359 15.77 -29.71 25.21
CA LYS C 359 16.20 -28.33 24.96
C LYS C 359 15.02 -27.39 25.01
N VAL C 360 14.94 -26.63 26.10
CA VAL C 360 13.86 -25.67 26.28
C VAL C 360 14.23 -24.34 25.61
N GLU C 361 13.26 -23.72 24.96
CA GLU C 361 13.49 -22.51 24.22
C GLU C 361 12.22 -21.69 24.26
N VAL C 362 12.25 -20.54 24.93
CA VAL C 362 11.06 -19.71 25.10
C VAL C 362 10.69 -18.85 23.90
N LEU C 363 9.54 -19.11 23.29
CA LEU C 363 9.14 -18.42 22.05
C LEU C 363 8.52 -17.06 22.35
N GLY C 364 8.33 -16.74 23.63
CA GLY C 364 7.62 -15.54 24.01
C GLY C 364 6.55 -15.81 25.06
N TYR C 365 5.77 -14.80 25.40
CA TYR C 365 4.78 -14.95 26.48
C TYR C 365 3.34 -14.68 26.02
N VAL C 366 2.37 -15.38 26.62
CA VAL C 366 0.96 -15.15 26.29
C VAL C 366 0.04 -15.41 27.47
N MET D 24 -30.75 -16.39 -1.40
CA MET D 24 -30.26 -15.90 -2.70
C MET D 24 -30.27 -17.00 -3.73
N ILE D 25 -29.54 -18.06 -3.45
CA ILE D 25 -29.34 -19.16 -4.37
C ILE D 25 -30.13 -20.38 -3.89
N LYS D 26 -31.07 -20.87 -4.71
CA LYS D 26 -31.83 -22.06 -4.35
C LYS D 26 -31.88 -23.04 -5.51
N LEU D 27 -30.88 -23.92 -5.56
CA LEU D 27 -30.87 -24.97 -6.57
C LEU D 27 -31.77 -26.09 -6.07
N SER D 28 -32.64 -26.60 -6.95
CA SER D 28 -33.66 -27.59 -6.57
C SER D 28 -33.69 -28.85 -7.44
N ASN D 29 -33.35 -29.97 -6.81
CA ASN D 29 -33.40 -31.31 -7.41
C ASN D 29 -32.67 -31.40 -8.73
N ILE D 30 -31.69 -30.52 -8.92
CA ILE D 30 -30.96 -30.38 -10.18
C ILE D 30 -30.15 -31.61 -10.53
N THR D 31 -30.32 -32.12 -11.75
CA THR D 31 -29.53 -33.24 -12.22
C THR D 31 -28.89 -32.91 -13.57
N LYS D 32 -27.64 -33.32 -13.75
CA LYS D 32 -26.92 -33.07 -14.98
C LYS D 32 -26.09 -34.29 -15.35
N VAL D 33 -26.28 -34.75 -16.58
CA VAL D 33 -25.47 -35.82 -17.12
C VAL D 33 -24.88 -35.43 -18.48
N PHE D 34 -23.57 -35.64 -18.61
CA PHE D 34 -22.85 -35.36 -19.84
C PHE D 34 -23.16 -36.43 -20.89
N HIS D 35 -22.77 -36.15 -22.12
CA HIS D 35 -23.13 -36.95 -23.28
C HIS D 35 -21.89 -37.43 -24.04
N GLN D 36 -20.73 -37.24 -23.43
CA GLN D 36 -19.44 -37.53 -24.05
C GLN D 36 -19.18 -39.02 -24.32
N GLY D 37 -18.93 -39.36 -25.58
CA GLY D 37 -18.45 -40.68 -26.00
C GLY D 37 -19.23 -41.93 -25.58
N THR D 38 -20.56 -41.87 -25.64
CA THR D 38 -21.44 -42.96 -25.17
C THR D 38 -21.13 -43.38 -23.73
N ARG D 39 -20.84 -42.39 -22.88
CA ARG D 39 -20.58 -42.60 -21.46
C ARG D 39 -21.58 -41.74 -20.66
N THR D 40 -22.14 -42.31 -19.61
CA THR D 40 -23.13 -41.63 -18.79
C THR D 40 -22.52 -41.19 -17.45
N ILE D 41 -21.81 -40.07 -17.47
CA ILE D 41 -21.22 -39.50 -16.26
C ILE D 41 -22.30 -38.79 -15.45
N GLN D 42 -22.55 -39.28 -14.24
CA GLN D 42 -23.41 -38.60 -13.30
C GLN D 42 -22.62 -37.43 -12.70
N ALA D 43 -22.50 -36.34 -13.47
CA ALA D 43 -21.74 -35.19 -13.04
C ALA D 43 -22.30 -34.72 -11.71
N LEU D 44 -23.60 -34.48 -11.68
CA LEU D 44 -24.30 -34.28 -10.43
C LEU D 44 -25.69 -34.94 -10.50
N ASN D 45 -26.06 -35.58 -9.38
CA ASN D 45 -27.25 -36.42 -9.25
C ASN D 45 -28.19 -35.91 -8.16
N ASN D 46 -29.37 -35.44 -8.56
CA ASN D 46 -30.39 -34.96 -7.62
C ASN D 46 -29.85 -33.99 -6.58
N VAL D 47 -29.25 -32.90 -7.05
CA VAL D 47 -28.63 -31.94 -6.15
C VAL D 47 -29.51 -30.73 -5.93
N SER D 48 -29.80 -30.45 -4.66
CA SER D 48 -30.53 -29.23 -4.26
C SER D 48 -29.79 -28.54 -3.10
N LEU D 49 -29.55 -27.23 -3.27
CA LEU D 49 -28.78 -26.42 -2.33
C LEU D 49 -29.41 -25.05 -2.13
N HIS D 50 -29.47 -24.63 -0.87
CA HIS D 50 -30.07 -23.36 -0.47
C HIS D 50 -29.05 -22.48 0.28
N VAL D 51 -28.92 -21.23 -0.12
CA VAL D 51 -28.00 -20.33 0.58
C VAL D 51 -28.70 -19.08 1.08
N PRO D 52 -28.56 -18.80 2.39
CA PRO D 52 -29.10 -17.57 2.98
C PRO D 52 -28.37 -16.31 2.49
N ALA D 53 -29.11 -15.25 2.16
CA ALA D 53 -28.51 -14.00 1.68
C ALA D 53 -27.46 -13.40 2.66
N GLY D 54 -26.27 -13.10 2.14
CA GLY D 54 -25.22 -12.50 2.93
C GLY D 54 -24.42 -13.49 3.75
N GLN D 55 -24.41 -14.77 3.38
CA GLN D 55 -23.68 -15.78 4.14
C GLN D 55 -22.77 -16.64 3.25
N ILE D 56 -21.52 -16.82 3.69
CA ILE D 56 -20.50 -17.56 2.94
C ILE D 56 -20.62 -19.09 2.98
N TYR D 57 -21.02 -19.70 1.88
CA TYR D 57 -21.30 -21.11 1.91
C TYR D 57 -20.37 -21.92 1.04
N GLY D 58 -19.75 -22.96 1.59
CA GLY D 58 -18.82 -23.73 0.79
C GLY D 58 -19.29 -25.12 0.37
N VAL D 59 -18.79 -25.59 -0.78
CA VAL D 59 -19.02 -26.96 -1.28
C VAL D 59 -17.70 -27.67 -1.46
N ILE D 60 -17.52 -28.85 -0.86
CA ILE D 60 -16.27 -29.58 -1.02
C ILE D 60 -16.47 -31.02 -1.52
N GLY D 61 -15.52 -31.53 -2.29
CA GLY D 61 -15.59 -32.88 -2.85
C GLY D 61 -14.28 -33.27 -3.54
N ALA D 62 -14.13 -34.55 -3.89
CA ALA D 62 -12.93 -35.02 -4.59
C ALA D 62 -13.02 -34.68 -6.07
N SER D 63 -11.89 -34.67 -6.75
CA SER D 63 -11.89 -34.32 -8.16
C SER D 63 -12.85 -35.23 -8.94
N GLY D 64 -13.68 -34.61 -9.78
CA GLY D 64 -14.65 -35.36 -10.56
C GLY D 64 -15.96 -35.59 -9.84
N ALA D 65 -16.13 -34.98 -8.68
CA ALA D 65 -17.35 -35.14 -7.89
C ALA D 65 -18.52 -34.40 -8.48
N GLY D 66 -18.28 -33.22 -9.00
CA GLY D 66 -19.33 -32.48 -9.65
C GLY D 66 -19.47 -31.03 -9.22
N LYS D 67 -18.50 -30.53 -8.46
CA LYS D 67 -18.55 -29.17 -7.96
C LYS D 67 -18.31 -28.18 -9.09
N SER D 68 -17.40 -28.52 -9.99
CA SER D 68 -17.16 -27.70 -11.18
C SER D 68 -18.43 -27.50 -11.99
N THR D 69 -19.15 -28.58 -12.29
CA THR D 69 -20.42 -28.51 -12.99
C THR D 69 -21.43 -27.69 -12.21
N LEU D 70 -21.47 -27.94 -10.91
CA LEU D 70 -22.47 -27.36 -10.01
C LEU D 70 -22.45 -25.84 -9.92
N ILE D 71 -21.29 -25.28 -9.59
CA ILE D 71 -21.19 -23.83 -9.42
C ILE D 71 -21.55 -23.09 -10.67
N ARG D 72 -21.38 -23.75 -11.82
CA ARG D 72 -21.76 -23.19 -13.13
C ARG D 72 -23.27 -23.19 -13.27
N CYS D 73 -23.93 -24.13 -12.60
CA CYS D 73 -25.37 -24.23 -12.69
C CYS D 73 -26.03 -22.98 -12.13
N VAL D 74 -25.30 -22.23 -11.33
CA VAL D 74 -25.88 -21.06 -10.68
C VAL D 74 -26.23 -19.95 -11.67
N ASN D 75 -25.24 -19.55 -12.47
CA ASN D 75 -25.40 -18.51 -13.48
C ASN D 75 -25.60 -19.10 -14.87
N LEU D 76 -25.80 -20.41 -14.88
CA LEU D 76 -26.16 -21.12 -16.09
C LEU D 76 -25.11 -21.05 -17.19
N LEU D 77 -23.85 -21.11 -16.80
CA LEU D 77 -22.81 -21.34 -17.79
C LEU D 77 -22.89 -22.80 -18.24
N GLU D 78 -23.55 -23.63 -17.43
CA GLU D 78 -23.91 -24.98 -17.85
C GLU D 78 -25.40 -25.19 -17.57
N ARG D 79 -26.10 -25.71 -18.57
CA ARG D 79 -27.55 -25.92 -18.47
C ARG D 79 -27.89 -27.26 -17.81
N PRO D 80 -28.75 -27.22 -16.78
CA PRO D 80 -29.11 -28.44 -16.07
C PRO D 80 -30.11 -29.28 -16.86
N THR D 81 -29.79 -30.56 -17.06
CA THR D 81 -30.68 -31.45 -17.81
C THR D 81 -32.03 -31.64 -17.09
N GLU D 82 -32.01 -31.42 -15.77
CA GLU D 82 -33.22 -31.39 -14.94
C GLU D 82 -33.02 -30.46 -13.72
N GLY D 83 -34.12 -29.91 -13.17
CA GLY D 83 -34.06 -29.10 -11.97
C GLY D 83 -34.33 -27.64 -12.25
N SER D 84 -34.32 -26.82 -11.21
CA SER D 84 -34.57 -25.37 -11.35
C SER D 84 -33.64 -24.50 -10.50
N VAL D 85 -33.18 -23.39 -11.07
CA VAL D 85 -32.26 -22.46 -10.41
C VAL D 85 -32.89 -21.10 -10.24
N LEU D 86 -33.01 -20.65 -9.00
CA LEU D 86 -33.47 -19.30 -8.74
C LEU D 86 -32.49 -18.50 -7.90
N VAL D 87 -32.03 -17.40 -8.46
CA VAL D 87 -31.11 -16.49 -7.78
C VAL D 87 -31.81 -15.15 -7.55
N ASP D 88 -31.83 -14.69 -6.31
CA ASP D 88 -32.56 -13.48 -5.97
C ASP D 88 -34.05 -13.72 -6.16
N GLY D 89 -34.48 -14.95 -5.92
CA GLY D 89 -35.87 -15.31 -6.04
C GLY D 89 -36.32 -15.66 -7.45
N GLN D 90 -35.81 -14.91 -8.42
CA GLN D 90 -36.15 -15.11 -9.83
C GLN D 90 -35.51 -16.38 -10.43
N GLU D 91 -36.30 -17.19 -11.13
CA GLU D 91 -35.80 -18.41 -11.75
C GLU D 91 -35.01 -18.02 -13.00
N LEU D 92 -33.88 -18.71 -13.26
CA LEU D 92 -32.99 -18.38 -14.38
C LEU D 92 -33.06 -19.35 -15.57
N THR D 93 -33.54 -20.58 -15.33
CA THR D 93 -33.67 -21.59 -16.39
C THR D 93 -34.72 -21.19 -17.43
N THR D 94 -35.90 -20.78 -16.96
CA THR D 94 -36.97 -20.31 -17.84
C THR D 94 -36.68 -18.93 -18.36
N LEU D 95 -35.62 -18.80 -19.15
CA LEU D 95 -35.16 -17.51 -19.65
C LEU D 95 -34.89 -17.49 -21.16
N SER D 96 -34.57 -16.31 -21.66
CA SER D 96 -34.10 -16.12 -23.04
C SER D 96 -32.67 -15.62 -22.98
N GLU D 97 -31.94 -15.74 -24.08
CA GLU D 97 -30.52 -15.39 -24.13
C GLU D 97 -30.18 -13.94 -23.70
N SER D 98 -31.00 -12.98 -24.11
CA SER D 98 -30.80 -11.57 -23.78
C SER D 98 -31.26 -11.25 -22.36
N GLU D 99 -32.23 -12.01 -21.89
CA GLU D 99 -32.70 -11.90 -20.51
C GLU D 99 -31.77 -12.63 -19.51
N LEU D 100 -31.03 -13.62 -20.00
CA LEU D 100 -30.05 -14.37 -19.20
C LEU D 100 -28.78 -13.56 -18.96
N THR D 101 -28.48 -12.63 -19.87
CA THR D 101 -27.32 -11.76 -19.71
C THR D 101 -27.64 -10.71 -18.66
N LYS D 102 -28.81 -10.11 -18.78
CA LYS D 102 -29.26 -9.08 -17.85
C LYS D 102 -29.30 -9.60 -16.42
N ALA D 103 -29.58 -10.91 -16.28
CA ALA D 103 -29.63 -11.56 -14.98
C ALA D 103 -28.25 -11.90 -14.44
N ARG D 104 -27.31 -12.13 -15.36
CA ARG D 104 -25.94 -12.47 -14.98
C ARG D 104 -25.20 -11.25 -14.44
N ARG D 105 -25.83 -10.09 -14.45
CA ARG D 105 -25.18 -8.90 -13.91
C ARG D 105 -25.16 -8.98 -12.40
N GLN D 106 -25.94 -9.89 -11.83
CA GLN D 106 -26.03 -10.04 -10.36
C GLN D 106 -25.19 -11.20 -9.79
N ILE D 107 -24.66 -12.04 -10.67
CA ILE D 107 -23.86 -13.18 -10.24
C ILE D 107 -22.41 -13.04 -10.73
N GLY D 108 -21.55 -12.35 -9.97
CA GLY D 108 -20.15 -12.22 -10.33
C GLY D 108 -19.41 -13.53 -10.10
N MET D 109 -18.39 -13.84 -10.90
CA MET D 109 -17.69 -15.14 -10.83
C MET D 109 -16.20 -15.02 -10.93
N ILE D 110 -15.45 -15.79 -10.14
CA ILE D 110 -14.00 -15.81 -10.27
C ILE D 110 -13.42 -17.25 -10.44
N PHE D 111 -12.20 -17.35 -10.98
CA PHE D 111 -11.71 -18.63 -11.50
C PHE D 111 -10.37 -19.07 -11.01
N GLN D 112 -10.15 -20.37 -11.14
CA GLN D 112 -8.91 -21.00 -10.69
C GLN D 112 -7.77 -20.35 -11.39
N HIS D 113 -7.69 -20.65 -12.69
CA HIS D 113 -6.80 -19.96 -13.60
C HIS D 113 -7.44 -18.61 -13.79
N PHE D 114 -6.67 -17.57 -13.53
CA PHE D 114 -7.23 -16.28 -13.19
C PHE D 114 -7.98 -15.55 -14.29
N ASN D 115 -7.89 -16.04 -15.52
CA ASN D 115 -8.72 -15.57 -16.66
C ASN D 115 -8.85 -14.09 -16.92
N LEU D 116 -7.71 -13.44 -17.13
CA LEU D 116 -7.63 -12.02 -17.35
C LEU D 116 -7.19 -11.75 -18.76
N LEU D 117 -7.68 -10.67 -19.36
CA LEU D 117 -7.18 -10.26 -20.67
C LEU D 117 -5.75 -9.70 -20.58
N SER D 118 -4.78 -10.35 -21.25
CA SER D 118 -3.40 -9.88 -21.24
C SER D 118 -3.28 -8.60 -22.09
N SER D 119 -4.22 -8.40 -23.01
CA SER D 119 -4.20 -7.20 -23.83
C SER D 119 -4.62 -5.94 -23.06
N ARG D 120 -5.45 -6.10 -22.02
CA ARG D 120 -5.94 -4.98 -21.17
C ARG D 120 -5.09 -4.70 -19.92
N THR D 121 -5.18 -3.47 -19.42
CA THR D 121 -4.50 -3.08 -18.19
C THR D 121 -5.35 -3.44 -16.98
N VAL D 122 -4.83 -3.27 -15.77
CA VAL D 122 -5.65 -3.67 -14.62
C VAL D 122 -6.94 -2.89 -14.61
N PHE D 123 -6.83 -1.58 -14.81
CA PHE D 123 -8.01 -0.73 -14.83
C PHE D 123 -9.01 -1.20 -15.86
N GLY D 124 -8.58 -1.24 -17.12
CA GLY D 124 -9.47 -1.61 -18.20
C GLY D 124 -10.04 -3.01 -18.10
N ASN D 125 -9.24 -3.92 -17.56
CA ASN D 125 -9.68 -5.30 -17.40
C ASN D 125 -10.96 -5.29 -16.53
N VAL D 126 -10.97 -4.47 -15.47
CA VAL D 126 -12.08 -4.36 -14.54
C VAL D 126 -13.22 -3.55 -15.13
N ALA D 127 -12.86 -2.70 -16.07
CA ALA D 127 -13.82 -1.88 -16.77
C ALA D 127 -14.58 -2.71 -17.80
N LEU D 128 -14.05 -3.89 -18.11
CA LEU D 128 -14.61 -4.72 -19.18
C LEU D 128 -16.06 -5.15 -19.00
N PRO D 129 -16.39 -5.67 -17.80
CA PRO D 129 -17.74 -6.18 -17.50
C PRO D 129 -18.76 -5.06 -17.56
N LEU D 130 -18.29 -3.85 -17.30
CA LEU D 130 -19.08 -2.62 -17.38
C LEU D 130 -19.16 -2.15 -18.82
N GLU D 131 -18.14 -2.47 -19.60
CA GLU D 131 -18.15 -2.04 -20.99
C GLU D 131 -19.19 -2.83 -21.74
N LEU D 132 -19.25 -4.14 -21.47
CA LEU D 132 -20.14 -5.07 -22.16
C LEU D 132 -21.55 -4.55 -22.23
N ASP D 133 -22.03 -4.08 -21.09
CA ASP D 133 -23.26 -3.31 -21.00
C ASP D 133 -22.94 -1.82 -20.98
N ASN D 134 -23.20 -1.14 -22.10
CA ASN D 134 -22.82 0.27 -22.27
C ASN D 134 -23.07 1.15 -21.05
N THR D 135 -22.00 1.80 -20.57
CA THR D 135 -22.08 2.66 -19.40
C THR D 135 -21.21 3.90 -19.67
N PRO D 136 -21.66 5.08 -19.21
CA PRO D 136 -20.88 6.32 -19.26
C PRO D 136 -19.42 6.15 -18.83
N LYS D 137 -18.53 6.84 -19.55
CA LYS D 137 -17.09 6.69 -19.35
C LYS D 137 -16.67 7.16 -17.95
N ASP D 138 -17.29 8.24 -17.51
CA ASP D 138 -17.00 8.80 -16.20
C ASP D 138 -17.50 7.87 -15.12
N GLU D 139 -18.64 7.23 -15.40
CA GLU D 139 -19.25 6.29 -14.45
C GLU D 139 -18.43 5.00 -14.35
N VAL D 140 -17.86 4.56 -15.47
CA VAL D 140 -16.98 3.38 -15.47
C VAL D 140 -15.65 3.67 -14.84
N LYS D 141 -15.22 4.92 -14.89
CA LYS D 141 -14.04 5.38 -14.15
C LYS D 141 -14.30 5.35 -12.64
N ARG D 142 -15.40 6.01 -12.25
CA ARG D 142 -15.84 6.09 -10.85
C ARG D 142 -15.95 4.72 -10.19
N ARG D 143 -16.71 3.84 -10.86
CA ARG D 143 -16.98 2.48 -10.38
C ARG D 143 -15.69 1.69 -10.20
N VAL D 144 -14.93 1.56 -11.30
CA VAL D 144 -13.70 0.77 -11.33
C VAL D 144 -12.61 1.30 -10.39
N THR D 145 -12.62 2.62 -10.21
CA THR D 145 -11.68 3.29 -9.32
C THR D 145 -11.90 2.90 -7.86
N GLU D 146 -13.17 2.69 -7.51
CA GLU D 146 -13.58 2.25 -6.17
C GLU D 146 -13.06 0.86 -5.84
N LEU D 147 -13.33 -0.07 -6.75
CA LEU D 147 -13.05 -1.48 -6.54
C LEU D 147 -11.54 -1.77 -6.49
N LEU D 148 -10.75 -1.00 -7.22
CA LEU D 148 -9.32 -1.23 -7.23
C LEU D 148 -8.63 -0.73 -5.97
N SER D 149 -9.00 0.46 -5.51
CA SER D 149 -8.49 1.00 -4.26
C SER D 149 -8.95 0.16 -3.07
N LEU D 150 -10.06 -0.55 -3.25
CA LEU D 150 -10.65 -1.44 -2.23
C LEU D 150 -9.82 -2.71 -2.02
N VAL D 151 -9.26 -3.24 -3.10
CA VAL D 151 -8.42 -4.45 -3.04
C VAL D 151 -6.93 -4.13 -2.96
N GLY D 152 -6.58 -2.86 -2.83
CA GLY D 152 -5.20 -2.43 -2.70
C GLY D 152 -4.50 -2.39 -4.04
N LEU D 153 -5.28 -2.33 -5.11
CA LEU D 153 -4.74 -2.23 -6.45
C LEU D 153 -5.14 -0.92 -7.11
N GLY D 154 -5.59 0.05 -6.31
CA GLY D 154 -5.84 1.38 -6.82
C GLY D 154 -4.52 2.00 -7.20
N ASP D 155 -3.45 1.37 -6.71
CA ASP D 155 -2.06 1.73 -6.99
C ASP D 155 -1.55 1.17 -8.32
N LYS D 156 -1.81 -0.11 -8.55
CA LYS D 156 -1.31 -0.84 -9.71
C LYS D 156 -2.21 -0.75 -10.94
N HIS D 157 -2.80 0.42 -11.16
CA HIS D 157 -3.72 0.63 -12.27
C HIS D 157 -3.13 0.34 -13.63
N ASP D 158 -1.86 0.70 -13.80
CA ASP D 158 -1.18 0.72 -15.08
C ASP D 158 -0.53 -0.61 -15.51
N SER D 159 -0.52 -1.60 -14.62
CA SER D 159 0.16 -2.85 -14.92
C SER D 159 -0.69 -3.76 -15.80
N TYR D 160 -0.02 -4.61 -16.57
CA TYR D 160 -0.68 -5.66 -17.34
C TYR D 160 -0.48 -6.94 -16.59
N PRO D 161 -1.43 -7.87 -16.71
CA PRO D 161 -1.45 -9.15 -15.99
C PRO D 161 -0.17 -10.04 -16.06
N SER D 162 0.64 -9.87 -17.08
CA SER D 162 1.86 -10.65 -17.26
C SER D 162 2.84 -10.30 -16.13
N ASN D 163 2.65 -9.09 -15.64
CA ASN D 163 3.50 -8.43 -14.66
C ASN D 163 3.05 -8.77 -13.22
N LEU D 164 1.74 -8.98 -13.05
CA LEU D 164 1.12 -9.14 -11.73
C LEU D 164 1.40 -10.47 -11.02
N SER D 165 1.09 -10.50 -9.72
CA SER D 165 1.30 -11.69 -8.89
C SER D 165 0.07 -12.59 -8.85
N GLY D 166 0.27 -13.85 -8.47
CA GLY D 166 -0.82 -14.80 -8.34
C GLY D 166 -2.02 -14.23 -7.60
N GLY D 167 -1.76 -13.63 -6.45
CA GLY D 167 -2.82 -12.96 -5.70
C GLY D 167 -3.32 -11.67 -6.35
N GLN D 168 -2.41 -10.90 -6.93
CA GLN D 168 -2.76 -9.62 -7.52
C GLN D 168 -3.66 -9.82 -8.72
N LYS D 169 -3.45 -10.92 -9.43
CA LYS D 169 -4.34 -11.24 -10.54
C LYS D 169 -5.72 -11.57 -9.99
N GLN D 170 -5.77 -12.36 -8.93
CA GLN D 170 -7.05 -12.76 -8.33
C GLN D 170 -7.81 -11.56 -7.77
N ARG D 171 -7.07 -10.52 -7.37
CA ARG D 171 -7.66 -9.27 -6.91
C ARG D 171 -8.32 -8.50 -8.05
N VAL D 172 -7.76 -8.68 -9.24
CA VAL D 172 -8.32 -8.09 -10.44
C VAL D 172 -9.63 -8.86 -10.78
N ALA D 173 -9.54 -10.19 -10.70
CA ALA D 173 -10.69 -11.08 -10.93
C ALA D 173 -11.84 -10.73 -10.02
N ILE D 174 -11.53 -10.53 -8.73
CA ILE D 174 -12.52 -10.11 -7.73
C ILE D 174 -13.12 -8.75 -8.06
N ALA D 175 -12.25 -7.78 -8.32
CA ALA D 175 -12.68 -6.45 -8.66
C ALA D 175 -13.56 -6.42 -9.90
N ARG D 176 -13.30 -7.33 -10.82
CA ARG D 176 -14.14 -7.43 -12.01
C ARG D 176 -15.51 -8.07 -11.70
N ALA D 177 -15.49 -9.10 -10.87
CA ALA D 177 -16.74 -9.80 -10.54
C ALA D 177 -17.71 -8.84 -9.85
N LEU D 178 -17.18 -7.81 -9.19
CA LEU D 178 -17.99 -6.82 -8.44
C LEU D 178 -18.23 -5.53 -9.20
N ALA D 179 -17.73 -5.49 -10.42
CA ALA D 179 -17.90 -4.29 -11.21
C ALA D 179 -19.36 -4.01 -11.40
N SER D 180 -20.10 -5.07 -11.74
CA SER D 180 -21.52 -4.96 -11.96
C SER D 180 -22.30 -4.74 -10.68
N ASN D 181 -21.59 -4.79 -9.56
CA ASN D 181 -22.20 -4.76 -8.24
C ASN D 181 -23.26 -5.86 -8.06
N PRO D 182 -22.80 -7.11 -7.99
CA PRO D 182 -23.72 -8.24 -7.98
C PRO D 182 -24.18 -8.59 -6.56
N LYS D 183 -25.16 -9.51 -6.50
CA LYS D 183 -25.72 -10.05 -5.27
C LYS D 183 -25.09 -11.39 -4.87
N VAL D 184 -24.39 -12.03 -5.80
CA VAL D 184 -23.71 -13.31 -5.57
C VAL D 184 -22.24 -13.27 -6.07
N LEU D 185 -21.30 -13.90 -5.38
CA LEU D 185 -19.93 -13.96 -5.88
C LEU D 185 -19.47 -15.44 -5.91
N LEU D 186 -19.44 -16.03 -7.09
CA LEU D 186 -19.10 -17.45 -7.21
C LEU D 186 -17.59 -17.66 -7.30
N CYS D 187 -17.07 -18.69 -6.66
CA CYS D 187 -15.63 -18.94 -6.73
C CYS D 187 -15.34 -20.32 -7.11
N ASP D 188 -14.71 -20.48 -8.26
CA ASP D 188 -14.31 -21.77 -8.77
C ASP D 188 -12.83 -22.07 -8.42
N GLN D 189 -12.56 -22.72 -7.28
CA GLN D 189 -11.22 -23.09 -6.88
C GLN D 189 -10.34 -21.89 -6.83
N ALA D 190 -10.93 -20.76 -6.50
CA ALA D 190 -10.23 -19.48 -6.58
C ALA D 190 -8.78 -19.46 -6.08
N THR D 191 -8.42 -20.34 -5.15
CA THR D 191 -7.07 -20.31 -4.61
C THR D 191 -6.34 -21.62 -4.86
N SER D 192 -6.90 -22.45 -5.74
CA SER D 192 -6.43 -23.82 -5.98
C SER D 192 -4.94 -23.84 -6.31
N ALA D 193 -4.52 -22.82 -7.06
CA ALA D 193 -3.13 -22.68 -7.42
C ALA D 193 -2.60 -21.40 -6.79
N LEU D 194 -2.66 -21.31 -5.47
CA LEU D 194 -2.16 -20.14 -4.78
C LEU D 194 -1.35 -20.40 -3.48
N ASP D 195 -0.47 -19.43 -3.18
CA ASP D 195 0.43 -19.40 -2.03
C ASP D 195 -0.36 -19.30 -0.72
N PRO D 196 -0.08 -20.22 0.26
CA PRO D 196 -0.77 -20.20 1.55
C PRO D 196 -0.86 -18.83 2.23
N ALA D 197 0.20 -18.02 2.17
CA ALA D 197 0.16 -16.67 2.73
C ALA D 197 -0.83 -15.77 1.97
N THR D 198 -0.81 -15.86 0.65
CA THR D 198 -1.72 -15.08 -0.19
C THR D 198 -3.05 -15.86 -0.37
N THR D 199 -3.11 -17.11 0.04
CA THR D 199 -4.39 -17.80 0.16
C THR D 199 -5.12 -17.24 1.37
N ARG D 200 -4.38 -17.12 2.47
CA ARG D 200 -4.87 -16.53 3.70
C ARG D 200 -5.42 -15.14 3.41
N SER D 201 -4.65 -14.35 2.66
CA SER D 201 -5.04 -12.96 2.41
C SER D 201 -6.26 -12.81 1.51
N ILE D 202 -6.32 -13.66 0.49
CA ILE D 202 -7.46 -13.70 -0.44
C ILE D 202 -8.75 -14.18 0.25
N LEU D 203 -8.68 -15.33 0.89
CA LEU D 203 -9.80 -15.78 1.68
C LEU D 203 -10.17 -14.67 2.69
N GLU D 204 -9.15 -14.02 3.25
CA GLU D 204 -9.35 -12.97 4.26
C GLU D 204 -10.01 -11.75 3.63
N LEU D 205 -9.63 -11.47 2.40
CA LEU D 205 -10.25 -10.37 1.69
C LEU D 205 -11.70 -10.68 1.34
N LEU D 206 -11.96 -11.91 0.90
CA LEU D 206 -13.31 -12.29 0.52
C LEU D 206 -14.24 -12.18 1.72
N LYS D 207 -13.69 -12.45 2.91
CA LYS D 207 -14.48 -12.45 4.16
C LYS D 207 -14.85 -11.05 4.58
N ASP D 208 -13.92 -10.11 4.50
CA ASP D 208 -14.24 -8.72 4.83
C ASP D 208 -15.30 -8.13 3.86
N ILE D 209 -15.34 -8.69 2.65
CA ILE D 209 -16.33 -8.29 1.65
C ILE D 209 -17.74 -8.79 1.97
N ASN D 210 -17.82 -10.05 2.38
CA ASN D 210 -19.08 -10.64 2.81
C ASN D 210 -19.76 -9.75 3.83
N ARG D 211 -19.00 -9.38 4.86
CA ARG D 211 -19.52 -8.58 5.96
C ARG D 211 -19.87 -7.14 5.56
N ARG D 212 -19.00 -6.50 4.79
CA ARG D 212 -19.19 -5.10 4.46
C ARG D 212 -20.38 -4.88 3.50
N LEU D 213 -20.54 -5.74 2.49
CA LEU D 213 -21.51 -5.47 1.40
C LEU D 213 -22.79 -6.32 1.42
N GLY D 214 -22.81 -7.36 2.24
CA GLY D 214 -23.94 -8.29 2.24
C GLY D 214 -23.90 -9.21 1.02
N LEU D 215 -22.68 -9.47 0.55
CA LEU D 215 -22.45 -10.32 -0.61
C LEU D 215 -22.44 -11.81 -0.25
N THR D 216 -23.33 -12.56 -0.91
CA THR D 216 -23.40 -14.01 -0.76
C THR D 216 -22.17 -14.63 -1.46
N ILE D 217 -21.39 -15.44 -0.75
CA ILE D 217 -20.30 -16.18 -1.38
C ILE D 217 -20.60 -17.68 -1.35
N LEU D 218 -20.58 -18.30 -2.51
CA LEU D 218 -20.75 -19.74 -2.64
C LEU D 218 -19.47 -20.23 -3.29
N LEU D 219 -18.68 -21.07 -2.61
CA LEU D 219 -17.46 -21.52 -3.26
C LEU D 219 -17.21 -23.03 -3.27
N ILE D 220 -16.66 -23.52 -4.38
CA ILE D 220 -16.25 -24.89 -4.53
C ILE D 220 -14.74 -24.96 -4.35
N THR D 221 -14.26 -26.11 -3.85
CA THR D 221 -12.83 -26.30 -3.60
C THR D 221 -12.57 -27.80 -3.27
N HIS D 222 -11.32 -28.22 -3.43
CA HIS D 222 -10.93 -29.56 -3.02
C HIS D 222 -10.02 -29.42 -1.80
N GLU D 223 -9.49 -28.20 -1.59
CA GLU D 223 -8.76 -27.86 -0.37
C GLU D 223 -9.72 -27.74 0.83
N MET D 224 -9.34 -28.27 1.98
CA MET D 224 -10.15 -28.12 3.20
C MET D 224 -9.76 -26.89 3.99
N ASP D 225 -8.47 -26.59 4.06
CA ASP D 225 -8.01 -25.39 4.74
C ASP D 225 -8.89 -24.16 4.49
N VAL D 226 -9.50 -24.12 3.30
CA VAL D 226 -10.36 -22.99 2.91
C VAL D 226 -11.76 -23.07 3.52
N VAL D 227 -12.25 -24.28 3.64
CA VAL D 227 -13.56 -24.46 4.25
C VAL D 227 -13.53 -23.90 5.66
N LYS D 228 -12.57 -24.35 6.48
CA LYS D 228 -12.43 -23.85 7.83
C LYS D 228 -12.30 -22.33 7.80
N ARG D 229 -11.42 -21.83 6.96
CA ARG D 229 -11.04 -20.42 6.98
C ARG D 229 -12.18 -19.42 6.74
N ILE D 230 -13.16 -19.72 5.88
CA ILE D 230 -14.15 -18.68 5.56
C ILE D 230 -15.62 -19.06 5.50
N CYS D 231 -15.93 -20.33 5.75
CA CYS D 231 -17.31 -20.78 5.63
C CYS D 231 -18.15 -20.83 6.90
N ASP D 232 -19.39 -20.37 6.73
CA ASP D 232 -20.47 -20.49 7.69
C ASP D 232 -21.02 -21.89 7.68
N CYS D 233 -21.56 -22.28 6.52
CA CYS D 233 -22.06 -23.63 6.30
C CYS D 233 -21.16 -24.34 5.27
N VAL D 234 -21.25 -25.67 5.17
CA VAL D 234 -20.53 -26.46 4.16
C VAL D 234 -21.29 -27.69 3.69
N ALA D 235 -21.36 -27.91 2.39
CA ALA D 235 -21.90 -29.17 1.87
C ALA D 235 -20.75 -30.09 1.46
N VAL D 236 -20.99 -31.39 1.50
CA VAL D 236 -20.00 -32.33 0.98
C VAL D 236 -20.62 -33.18 -0.11
N ILE D 237 -20.12 -32.97 -1.33
CA ILE D 237 -20.65 -33.58 -2.55
C ILE D 237 -19.75 -34.67 -3.05
N SER D 238 -20.40 -35.72 -3.59
CA SER D 238 -19.66 -36.81 -4.19
C SER D 238 -20.49 -37.63 -5.15
N ASN D 239 -19.80 -38.12 -6.18
CA ASN D 239 -20.35 -39.03 -7.19
C ASN D 239 -21.71 -38.59 -7.70
N GLY D 240 -21.97 -37.30 -7.57
CA GLY D 240 -23.15 -36.67 -8.15
C GLY D 240 -24.04 -36.04 -7.12
N GLU D 241 -24.00 -36.57 -5.92
CA GLU D 241 -24.97 -36.14 -4.92
C GLU D 241 -24.25 -35.60 -3.71
N LEU D 242 -24.76 -34.49 -3.17
CA LEU D 242 -24.22 -33.88 -1.95
C LEU D 242 -24.85 -34.51 -0.68
N ILE D 243 -23.99 -35.10 0.16
CA ILE D 243 -24.43 -36.01 1.21
C ILE D 243 -24.42 -35.42 2.63
N GLU D 244 -23.92 -34.19 2.77
CA GLU D 244 -23.98 -33.48 4.06
C GLU D 244 -24.20 -31.99 3.92
N GLN D 245 -24.72 -31.35 4.95
CA GLN D 245 -24.95 -29.93 4.88
C GLN D 245 -25.14 -29.31 6.24
N ASP D 246 -24.06 -29.13 6.98
CA ASP D 246 -24.21 -28.55 8.32
C ASP D 246 -23.31 -27.33 8.48
N THR D 247 -23.20 -26.80 9.68
CA THR D 247 -22.19 -25.80 9.94
C THR D 247 -20.82 -26.39 9.67
N VAL D 248 -19.84 -25.54 9.38
CA VAL D 248 -18.47 -26.02 9.28
C VAL D 248 -18.08 -26.63 10.61
N SER D 249 -18.31 -25.87 11.68
CA SER D 249 -18.07 -26.31 13.05
C SER D 249 -18.62 -27.70 13.32
N GLU D 250 -19.94 -27.83 13.18
CA GLU D 250 -20.61 -29.07 13.50
C GLU D 250 -20.06 -30.23 12.65
N VAL D 251 -19.79 -29.97 11.38
CA VAL D 251 -19.29 -31.04 10.50
C VAL D 251 -17.89 -31.48 10.93
N PHE D 252 -17.04 -30.54 11.34
CA PHE D 252 -15.67 -30.90 11.75
C PHE D 252 -15.57 -31.75 13.00
N SER D 253 -16.45 -31.51 13.96
CA SER D 253 -16.39 -32.25 15.19
C SER D 253 -17.05 -33.61 15.03
N HIS D 254 -18.20 -33.66 14.36
CA HIS D 254 -19.03 -34.87 14.35
C HIS D 254 -19.58 -35.23 12.98
N PRO D 255 -18.68 -35.65 12.05
CA PRO D 255 -18.96 -35.97 10.64
C PRO D 255 -19.89 -37.13 10.41
N LYS D 256 -20.93 -36.92 9.62
CA LYS D 256 -21.96 -37.91 9.39
C LYS D 256 -21.49 -39.01 8.44
N THR D 257 -20.99 -38.64 7.27
CA THR D 257 -20.61 -39.60 6.22
C THR D 257 -19.11 -39.97 6.27
N PRO D 258 -18.78 -41.25 5.99
CA PRO D 258 -17.38 -41.71 5.96
C PRO D 258 -16.53 -40.84 5.04
N LEU D 259 -17.18 -40.20 4.06
CA LEU D 259 -16.55 -39.28 3.11
C LEU D 259 -15.97 -38.06 3.79
N ALA D 260 -16.76 -37.50 4.70
CA ALA D 260 -16.41 -36.33 5.47
C ALA D 260 -15.26 -36.60 6.45
N GLN D 261 -15.22 -37.80 7.03
CA GLN D 261 -14.12 -38.23 7.91
C GLN D 261 -12.75 -38.08 7.22
N LYS D 262 -12.70 -38.42 5.94
CA LYS D 262 -11.49 -38.25 5.15
C LYS D 262 -11.09 -36.77 5.07
N PHE D 263 -12.06 -35.90 4.79
CA PHE D 263 -11.78 -34.48 4.63
C PHE D 263 -11.38 -33.83 5.95
N ILE D 264 -11.90 -34.36 7.04
CA ILE D 264 -11.61 -33.87 8.39
C ILE D 264 -10.29 -34.44 8.89
N GLN D 265 -9.66 -35.26 8.06
CA GLN D 265 -8.44 -35.94 8.43
C GLN D 265 -7.24 -35.22 7.82
N SER D 266 -7.50 -34.51 6.72
CA SER D 266 -6.45 -33.82 5.98
C SER D 266 -6.04 -32.53 6.66
N THR D 267 -6.98 -31.93 7.38
CA THR D 267 -6.70 -30.68 8.09
C THR D 267 -5.85 -30.91 9.35
N LEU D 268 -6.29 -31.80 10.23
CA LEU D 268 -5.53 -32.13 11.43
C LEU D 268 -4.33 -33.01 11.10
N HIS D 269 -3.15 -32.40 11.04
CA HIS D 269 -1.92 -33.11 10.71
C HIS D 269 -1.56 -34.09 11.81
N LEU D 270 -2.12 -35.30 11.71
CA LEU D 270 -2.05 -36.32 12.74
C LEU D 270 -1.14 -37.48 12.35
N ASP D 271 0.15 -37.20 12.25
CA ASP D 271 1.11 -38.24 11.88
C ASP D 271 1.23 -39.29 13.00
N ILE D 272 0.58 -40.44 12.81
CA ILE D 272 0.70 -41.56 13.74
C ILE D 272 1.94 -42.39 13.42
N PRO D 273 2.86 -42.53 14.39
CA PRO D 273 4.16 -43.16 14.16
C PRO D 273 4.08 -44.55 13.52
N GLU D 274 5.02 -44.84 12.64
CA GLU D 274 5.08 -46.13 11.96
C GLU D 274 5.58 -47.20 12.93
N ASP D 275 6.48 -46.83 13.82
CA ASP D 275 7.14 -47.80 14.69
C ASP D 275 6.15 -48.55 15.59
N TYR D 276 5.06 -47.89 15.98
CA TYR D 276 4.12 -48.46 16.93
C TYR D 276 3.35 -49.67 16.42
N GLN D 277 3.09 -49.72 15.12
CA GLN D 277 2.23 -50.78 14.58
C GLN D 277 2.74 -52.21 14.82
N GLU D 278 4.05 -52.43 14.69
CA GLU D 278 4.66 -53.72 14.97
C GLU D 278 4.66 -54.03 16.47
N ARG D 279 4.66 -52.95 17.25
CA ARG D 279 4.66 -52.99 18.71
C ARG D 279 3.21 -53.04 19.26
N LEU D 280 2.27 -52.61 18.42
CA LEU D 280 0.86 -52.46 18.82
C LEU D 280 0.13 -53.78 18.87
N GLN D 281 -0.60 -53.98 19.95
CA GLN D 281 -1.38 -55.19 20.13
C GLN D 281 -2.88 -54.87 20.14
N ALA D 282 -3.69 -55.79 19.61
CA ALA D 282 -5.13 -55.63 19.57
C ALA D 282 -5.80 -55.89 20.94
N GLU D 283 -5.11 -56.63 21.82
CA GLU D 283 -5.64 -57.00 23.15
C GLU D 283 -4.57 -56.82 24.24
N PRO D 284 -4.98 -56.81 25.52
CA PRO D 284 -4.05 -56.54 26.63
C PRO D 284 -2.93 -57.59 26.80
N PHE D 285 -1.74 -57.14 27.19
CA PHE D 285 -0.61 -58.03 27.49
C PHE D 285 0.04 -57.65 28.84
N THR D 286 0.70 -58.61 29.51
CA THR D 286 1.32 -58.35 30.83
C THR D 286 2.37 -57.24 30.77
N ASP D 287 2.40 -56.36 31.78
CA ASP D 287 3.24 -55.15 31.76
C ASP D 287 2.87 -54.17 30.63
N CYS D 288 1.57 -54.03 30.38
CA CYS D 288 1.07 -53.15 29.33
C CYS D 288 0.56 -51.85 29.87
N VAL D 289 0.62 -50.83 29.02
CA VAL D 289 -0.09 -49.59 29.22
C VAL D 289 -0.92 -49.40 27.96
N PRO D 290 -2.19 -49.01 28.10
CA PRO D 290 -3.04 -48.81 26.92
C PRO D 290 -2.60 -47.59 26.10
N MET D 291 -2.89 -47.59 24.80
CA MET D 291 -2.65 -46.41 23.99
C MET D 291 -3.94 -45.73 23.54
N LEU D 292 -4.03 -44.42 23.75
CA LEU D 292 -5.29 -43.70 23.61
C LEU D 292 -5.30 -42.57 22.60
N ARG D 293 -6.50 -42.29 22.11
CA ARG D 293 -6.74 -41.20 21.19
C ARG D 293 -7.78 -40.22 21.77
N LEU D 294 -7.28 -39.06 22.17
CA LEU D 294 -8.10 -38.08 22.85
C LEU D 294 -8.56 -37.00 21.89
N GLU D 295 -9.87 -36.76 21.81
CA GLU D 295 -10.40 -35.68 21.00
C GLU D 295 -11.09 -34.57 21.85
N PHE D 296 -10.71 -33.32 21.59
CA PHE D 296 -11.11 -32.14 22.39
C PHE D 296 -12.09 -31.20 21.67
N THR D 297 -12.83 -30.40 22.42
CA THR D 297 -13.80 -29.49 21.83
C THR D 297 -13.90 -28.19 22.59
N GLY D 298 -13.81 -27.08 21.86
CA GLY D 298 -14.03 -25.74 22.41
C GLY D 298 -13.04 -25.25 23.43
N GLN D 299 -13.59 -24.90 24.58
CA GLN D 299 -12.79 -24.39 25.69
C GLN D 299 -11.87 -25.47 26.26
N SER D 300 -12.34 -26.71 26.16
CA SER D 300 -11.54 -27.89 26.50
C SER D 300 -10.16 -27.93 25.90
N VAL D 301 -10.03 -27.46 24.67
CA VAL D 301 -8.78 -27.57 23.92
C VAL D 301 -7.64 -26.79 24.57
N ASP D 302 -8.01 -25.74 25.28
CA ASP D 302 -7.06 -24.87 25.97
C ASP D 302 -6.87 -25.22 27.44
N ALA D 303 -7.69 -26.10 27.99
CA ALA D 303 -7.50 -26.56 29.36
C ALA D 303 -6.26 -27.44 29.53
N PRO D 304 -5.42 -27.14 30.53
CA PRO D 304 -4.24 -27.99 30.75
C PRO D 304 -4.57 -29.38 31.31
N LEU D 305 -5.48 -30.09 30.63
CA LEU D 305 -6.04 -31.37 31.08
C LEU D 305 -5.04 -32.51 31.30
N LEU D 306 -3.99 -32.61 30.49
CA LEU D 306 -3.07 -33.72 30.72
C LEU D 306 -2.12 -33.46 31.88
N SER D 307 -1.84 -32.20 32.15
CA SER D 307 -1.06 -31.87 33.35
C SER D 307 -1.93 -32.11 34.58
N GLU D 308 -3.24 -31.97 34.40
CA GLU D 308 -4.20 -32.13 35.48
C GLU D 308 -4.43 -33.62 35.86
N THR D 309 -4.58 -34.49 34.87
CA THR D 309 -4.75 -35.93 35.14
C THR D 309 -3.48 -36.57 35.63
N ALA D 310 -2.36 -35.98 35.27
CA ALA D 310 -1.06 -36.46 35.70
C ALA D 310 -0.93 -36.43 37.22
N ARG D 311 -1.44 -35.37 37.86
CA ARG D 311 -1.42 -35.29 39.33
C ARG D 311 -2.51 -36.09 40.00
N ARG D 312 -3.76 -35.79 39.63
CA ARG D 312 -4.94 -36.32 40.27
C ARG D 312 -5.00 -37.84 40.36
N PHE D 313 -4.45 -38.51 39.35
CA PHE D 313 -4.53 -39.95 39.31
C PHE D 313 -3.18 -40.62 39.20
N ASN D 314 -2.12 -39.84 39.43
CA ASN D 314 -0.75 -40.35 39.47
C ASN D 314 -0.44 -41.33 38.34
N VAL D 315 -0.78 -40.91 37.12
CA VAL D 315 -0.48 -41.63 35.87
C VAL D 315 0.50 -40.82 35.01
N ASN D 316 1.23 -41.51 34.14
CA ASN D 316 2.24 -40.87 33.28
C ASN D 316 1.87 -40.90 31.81
N ASN D 317 1.51 -39.75 31.23
CA ASN D 317 1.28 -39.69 29.78
C ASN D 317 2.54 -39.36 29.01
N ASN D 318 3.06 -40.37 28.30
CA ASN D 318 4.10 -40.14 27.32
C ASN D 318 3.34 -39.68 26.11
N ILE D 319 3.50 -38.40 25.82
CA ILE D 319 2.79 -37.70 24.76
C ILE D 319 3.43 -37.91 23.42
N ILE D 320 2.65 -38.44 22.50
CA ILE D 320 3.13 -38.76 21.14
C ILE D 320 2.89 -37.63 20.14
N SER D 321 1.64 -37.19 20.08
CA SER D 321 1.19 -36.32 19.01
C SER D 321 0.10 -35.38 19.46
N ALA D 322 0.12 -34.14 18.97
CA ALA D 322 -0.92 -33.16 19.30
C ALA D 322 -1.06 -32.06 18.25
N GLN D 323 -2.29 -31.77 17.86
CA GLN D 323 -2.58 -30.65 16.95
C GLN D 323 -3.91 -30.06 17.32
N MET D 324 -3.95 -28.74 17.48
CA MET D 324 -5.21 -28.03 17.72
C MET D 324 -5.50 -27.10 16.54
N ASP D 325 -6.78 -26.95 16.16
CA ASP D 325 -7.12 -26.20 14.95
C ASP D 325 -8.49 -25.55 15.08
N TYR D 326 -8.56 -24.24 14.89
CA TYR D 326 -9.84 -23.57 14.67
C TYR D 326 -10.46 -24.12 13.39
N ALA D 327 -11.70 -24.59 13.49
CA ALA D 327 -12.38 -25.15 12.35
C ALA D 327 -13.76 -24.55 12.27
N GLY D 328 -13.85 -23.37 11.71
CA GLY D 328 -15.13 -22.71 11.51
C GLY D 328 -15.68 -22.02 12.75
N GLY D 329 -14.82 -21.32 13.47
CA GLY D 329 -15.26 -20.58 14.65
C GLY D 329 -15.31 -21.36 15.96
N VAL D 330 -14.90 -22.61 15.94
CA VAL D 330 -14.77 -23.40 17.17
C VAL D 330 -13.39 -24.04 17.28
N LYS D 331 -12.78 -23.95 18.46
CA LYS D 331 -11.45 -24.51 18.63
C LYS D 331 -11.50 -26.04 18.68
N PHE D 332 -10.48 -26.71 18.19
CA PHE D 332 -10.48 -28.16 18.12
C PHE D 332 -9.12 -28.76 18.41
N GLY D 333 -9.10 -29.99 18.90
CA GLY D 333 -7.85 -30.62 19.23
C GLY D 333 -7.92 -32.11 19.27
N ILE D 334 -6.76 -32.72 19.13
CA ILE D 334 -6.65 -34.15 19.20
C ILE D 334 -5.22 -34.57 19.62
N MET D 335 -5.12 -35.62 20.45
CA MET D 335 -3.83 -36.21 20.81
C MET D 335 -3.81 -37.69 21.10
N LEU D 336 -2.66 -38.30 20.83
CA LEU D 336 -2.42 -39.71 21.10
C LEU D 336 -1.38 -39.88 22.19
N THR D 337 -1.71 -40.66 23.24
CA THR D 337 -0.72 -40.92 24.28
C THR D 337 -0.75 -42.34 24.82
N GLU D 338 0.40 -42.69 25.40
CA GLU D 338 0.48 -43.83 26.28
C GLU D 338 0.08 -43.31 27.62
N MET D 339 -0.26 -44.22 28.53
CA MET D 339 -0.65 -43.83 29.88
C MET D 339 -0.12 -44.86 30.87
N HIS D 340 1.10 -44.62 31.37
CA HIS D 340 1.77 -45.48 32.35
C HIS D 340 1.20 -45.32 33.76
N GLY D 341 0.99 -46.42 34.47
CA GLY D 341 0.52 -46.32 35.84
C GLY D 341 -0.17 -47.60 36.24
N THR D 342 -1.02 -47.50 37.28
CA THR D 342 -1.78 -48.65 37.77
C THR D 342 -3.06 -48.82 36.97
N GLN D 343 -3.68 -50.00 37.06
CA GLN D 343 -4.96 -50.20 36.39
C GLN D 343 -6.09 -49.51 37.12
N GLN D 344 -5.87 -49.21 38.39
CA GLN D 344 -6.87 -48.46 39.16
C GLN D 344 -6.73 -46.95 38.90
N ASP D 345 -5.50 -46.51 38.69
CA ASP D 345 -5.22 -45.10 38.42
C ASP D 345 -5.68 -44.75 37.02
N THR D 346 -5.44 -45.68 36.09
CA THR D 346 -5.76 -45.46 34.67
C THR D 346 -7.27 -45.34 34.42
N GLN D 347 -8.05 -46.34 34.80
CA GLN D 347 -9.49 -46.28 34.59
C GLN D 347 -10.13 -45.05 35.28
N ALA D 348 -9.49 -44.53 36.33
CA ALA D 348 -9.99 -43.37 37.08
C ALA D 348 -9.70 -42.04 36.36
N ALA D 349 -8.55 -41.97 35.68
CA ALA D 349 -8.16 -40.79 34.88
C ALA D 349 -8.86 -40.74 33.54
N ILE D 350 -8.93 -41.87 32.88
CA ILE D 350 -9.65 -42.01 31.63
C ILE D 350 -11.11 -41.65 31.87
N ALA D 351 -11.71 -42.17 32.95
CA ALA D 351 -13.10 -41.83 33.32
C ALA D 351 -13.28 -40.33 33.55
N TRP D 352 -12.33 -39.73 34.28
CA TRP D 352 -12.28 -38.29 34.58
C TRP D 352 -12.19 -37.47 33.30
N LEU D 353 -11.28 -37.84 32.42
CA LEU D 353 -11.16 -37.14 31.14
C LEU D 353 -12.46 -37.14 30.34
N GLN D 354 -13.13 -38.29 30.31
CA GLN D 354 -14.43 -38.43 29.65
C GLN D 354 -15.48 -37.55 30.33
N GLU D 355 -15.49 -37.51 31.67
CA GLU D 355 -16.39 -36.64 32.47
C GLU D 355 -16.21 -35.16 32.14
N HIS D 356 -15.10 -34.85 31.47
CA HIS D 356 -14.75 -33.49 31.10
C HIS D 356 -14.87 -33.22 29.63
N HIS D 357 -15.52 -34.14 28.91
CA HIS D 357 -15.83 -34.01 27.50
C HIS D 357 -14.64 -34.14 26.54
N VAL D 358 -13.64 -34.88 26.98
CA VAL D 358 -12.58 -35.35 26.12
C VAL D 358 -12.99 -36.73 25.65
N LYS D 359 -13.12 -36.91 24.33
CA LYS D 359 -13.46 -38.22 23.76
C LYS D 359 -12.28 -39.21 23.79
N VAL D 360 -12.36 -40.15 24.72
CA VAL D 360 -11.29 -41.12 24.89
C VAL D 360 -11.64 -42.36 24.13
N GLU D 361 -10.76 -42.72 23.21
CA GLU D 361 -10.85 -43.96 22.44
C GLU D 361 -9.54 -44.74 22.60
N VAL D 362 -9.62 -45.97 23.08
CA VAL D 362 -8.45 -46.82 23.23
C VAL D 362 -8.10 -47.42 21.87
N LEU D 363 -6.82 -47.48 21.54
CA LEU D 363 -6.40 -47.98 20.23
C LEU D 363 -5.81 -49.39 20.26
N GLY D 364 -5.14 -49.74 21.35
CA GLY D 364 -4.37 -50.99 21.47
C GLY D 364 -3.40 -50.85 22.63
N TYR D 365 -2.39 -51.71 22.72
CA TYR D 365 -1.54 -51.71 23.91
C TYR D 365 -0.03 -51.78 23.65
N VAL D 366 0.74 -51.13 24.52
CA VAL D 366 2.20 -51.05 24.40
C VAL D 366 2.90 -51.16 25.77
N MET E 1 -9.13 38.14 75.03
CA MET E 1 -8.78 39.55 74.86
C MET E 1 -7.70 40.07 75.85
N SER E 2 -6.88 39.16 76.37
CA SER E 2 -5.91 39.48 77.41
C SER E 2 -4.70 40.21 76.88
N GLU E 3 -3.95 40.88 77.75
CA GLU E 3 -2.75 41.56 77.29
C GLU E 3 -1.58 40.64 76.97
N PRO E 4 -1.37 39.57 77.77
CA PRO E 4 -0.30 38.60 77.50
C PRO E 4 -0.58 37.78 76.23
N MET E 5 -1.85 37.69 75.85
CA MET E 5 -2.28 36.99 74.63
C MET E 5 -2.04 37.81 73.34
N MET E 6 -2.46 39.06 73.34
CA MET E 6 -2.19 39.97 72.24
C MET E 6 -0.69 40.04 71.97
N TRP E 7 0.08 40.35 73.01
CA TRP E 7 1.53 40.48 72.90
C TRP E 7 2.18 39.11 72.61
N LEU E 8 1.32 38.12 72.37
CA LEU E 8 1.76 36.77 72.10
C LEU E 8 1.47 36.42 70.64
N LEU E 9 0.34 36.91 70.13
CA LEU E 9 0.03 36.77 68.72
C LEU E 9 1.02 37.56 67.86
N VAL E 10 1.38 38.76 68.29
CA VAL E 10 2.46 39.48 67.66
C VAL E 10 3.75 38.67 67.64
N ARG E 11 4.01 37.89 68.69
CA ARG E 11 5.14 36.98 68.67
C ARG E 11 4.89 35.87 67.64
N GLY E 12 3.66 35.35 67.61
CA GLY E 12 3.30 34.27 66.69
C GLY E 12 3.22 34.62 65.21
N VAL E 13 2.71 35.81 64.90
CA VAL E 13 2.70 36.28 63.53
C VAL E 13 4.13 36.41 62.98
N TRP E 14 5.01 37.11 63.71
CA TRP E 14 6.42 37.17 63.33
C TRP E 14 6.96 35.79 63.07
N GLU E 15 6.65 34.86 63.97
CA GLU E 15 7.14 33.50 63.86
C GLU E 15 6.70 32.77 62.58
N THR E 16 5.41 32.86 62.24
CA THR E 16 4.89 32.26 61.01
C THR E 16 5.59 32.85 59.80
N LEU E 17 5.58 34.19 59.71
CA LEU E 17 6.22 34.91 58.60
C LEU E 17 7.66 34.48 58.39
N ALA E 18 8.46 34.45 59.46
CA ALA E 18 9.84 34.00 59.35
C ALA E 18 9.92 32.58 58.78
N MET E 19 9.12 31.66 59.32
CA MET E 19 9.06 30.27 58.83
C MET E 19 8.66 30.12 57.35
N THR E 20 7.67 30.86 56.87
CA THR E 20 7.26 30.76 55.47
C THR E 20 8.30 31.35 54.55
N PHE E 21 8.93 32.44 54.96
CA PHE E 21 9.82 33.18 54.09
C PHE E 21 11.23 32.65 54.10
N VAL E 22 11.62 31.96 55.16
CA VAL E 22 12.96 31.41 55.19
C VAL E 22 13.01 29.98 54.67
N SER E 23 11.86 29.30 54.70
CA SER E 23 11.73 28.02 54.00
C SER E 23 11.36 28.31 52.55
N GLY E 24 10.79 29.49 52.30
CA GLY E 24 10.52 29.93 50.96
C GLY E 24 11.86 30.23 50.34
N PHE E 25 12.69 30.96 51.05
CA PHE E 25 13.99 31.29 50.54
C PHE E 25 14.86 30.06 50.37
N PHE E 26 15.07 29.34 51.45
CA PHE E 26 15.98 28.22 51.36
C PHE E 26 15.40 27.06 50.51
N GLY E 27 14.08 26.90 50.49
CA GLY E 27 13.44 25.97 49.58
C GLY E 27 13.84 26.24 48.14
N PHE E 28 13.68 27.50 47.72
CA PHE E 28 13.99 27.95 46.35
C PHE E 28 15.46 27.78 45.97
N VAL E 29 16.39 28.14 46.87
CA VAL E 29 17.81 28.00 46.57
C VAL E 29 18.15 26.58 46.19
N ILE E 30 17.54 25.64 46.87
CA ILE E 30 17.75 24.25 46.53
C ILE E 30 16.75 23.82 45.45
N GLY E 31 15.60 24.46 45.38
CA GLY E 31 14.52 24.03 44.51
C GLY E 31 14.60 24.45 43.05
N LEU E 32 15.03 25.69 42.85
CA LEU E 32 15.15 26.26 41.52
C LEU E 32 16.16 25.54 40.61
N PRO E 33 17.41 25.35 41.10
CA PRO E 33 18.43 24.58 40.38
C PRO E 33 18.03 23.14 40.13
N VAL E 34 17.32 22.52 41.07
CA VAL E 34 16.77 21.20 40.77
C VAL E 34 15.76 21.29 39.61
N GLY E 35 14.92 22.32 39.65
CA GLY E 35 13.91 22.52 38.61
C GLY E 35 14.44 22.89 37.24
N VAL E 36 15.46 23.75 37.19
CA VAL E 36 16.12 24.12 35.94
C VAL E 36 16.85 22.95 35.33
N LEU E 37 17.66 22.27 36.14
CA LEU E 37 18.38 21.11 35.66
C LEU E 37 17.41 19.94 35.44
N LEU E 38 16.21 20.02 36.01
CA LEU E 38 15.13 19.08 35.70
C LEU E 38 14.64 19.21 34.29
N TYR E 39 14.54 20.45 33.85
CA TYR E 39 13.99 20.80 32.54
C TYR E 39 14.96 20.49 31.43
N VAL E 40 16.20 20.93 31.62
CA VAL E 40 17.19 20.75 30.57
C VAL E 40 17.54 19.29 30.37
N THR E 41 17.35 18.45 31.38
CA THR E 41 17.67 17.06 31.20
C THR E 41 16.53 16.32 30.51
N ARG E 42 15.42 17.02 30.27
CA ARG E 42 14.27 16.43 29.59
C ARG E 42 14.61 15.92 28.18
N PRO E 43 13.62 15.28 27.50
CA PRO E 43 13.97 14.73 26.18
C PRO E 43 14.43 15.75 25.12
N GLY E 44 13.67 16.81 24.88
CA GLY E 44 14.02 17.71 23.80
C GLY E 44 15.12 18.71 24.14
N GLN E 45 15.29 18.96 25.42
CA GLN E 45 16.09 20.11 25.83
C GLN E 45 17.59 19.88 25.74
N ILE E 46 18.34 20.92 26.11
CA ILE E 46 19.76 21.02 25.83
C ILE E 46 20.66 20.01 26.56
N ILE E 47 20.78 20.08 27.88
CA ILE E 47 21.68 19.18 28.60
C ILE E 47 21.29 17.71 28.38
N ALA E 48 20.03 17.38 28.64
CA ALA E 48 19.40 16.12 28.20
C ALA E 48 20.10 14.78 28.55
N ASN E 49 20.77 14.68 29.70
CA ASN E 49 21.29 13.39 30.16
C ASN E 49 20.16 12.56 30.74
N ALA E 50 19.49 11.80 29.88
CA ALA E 50 18.28 11.06 30.27
C ALA E 50 18.48 10.07 31.42
N LYS E 51 19.76 9.87 31.79
CA LYS E 51 20.12 9.03 32.95
C LYS E 51 19.50 9.62 34.21
N LEU E 52 19.63 10.94 34.34
CA LEU E 52 19.26 11.59 35.59
C LEU E 52 17.80 12.05 35.68
N TYR E 53 17.20 12.45 34.56
CA TYR E 53 15.78 12.80 34.62
C TYR E 53 14.94 11.61 35.14
N ARG E 54 15.26 10.41 34.69
CA ARG E 54 14.66 9.22 35.27
C ARG E 54 14.81 9.21 36.81
N THR E 55 16.01 9.52 37.29
CA THR E 55 16.31 9.49 38.74
C THR E 55 15.92 10.80 39.45
N VAL E 56 16.44 11.95 39.01
CA VAL E 56 16.15 13.23 39.67
C VAL E 56 14.64 13.48 39.78
N SER E 57 13.89 13.08 38.78
CA SER E 57 12.44 13.19 38.85
C SER E 57 11.83 12.22 39.87
N ALA E 58 12.31 10.97 39.92
CA ALA E 58 11.76 9.95 40.83
C ALA E 58 11.92 10.28 42.31
N ILE E 59 13.09 10.77 42.71
CA ILE E 59 13.32 11.17 44.11
C ILE E 59 12.52 12.44 44.47
N VAL E 60 12.45 13.39 43.54
CA VAL E 60 11.67 14.61 43.74
C VAL E 60 10.19 14.32 43.75
N ASN E 61 9.79 13.37 42.94
CA ASN E 61 8.40 12.95 42.88
C ASN E 61 8.03 12.25 44.19
N ILE E 62 9.04 11.67 44.85
CA ILE E 62 8.85 10.93 46.11
C ILE E 62 8.60 11.83 47.33
N PHE E 63 9.49 12.76 47.58
CA PHE E 63 9.32 13.73 48.65
C PHE E 63 7.98 14.45 48.52
N ARG E 64 7.65 14.85 47.29
CA ARG E 64 6.37 15.46 46.96
C ARG E 64 5.20 14.63 47.49
N SER E 65 5.35 13.31 47.46
CA SER E 65 4.27 12.42 47.87
C SER E 65 4.00 12.41 49.38
N ILE E 66 5.06 12.23 50.18
CA ILE E 66 4.98 12.20 51.65
C ILE E 66 4.19 13.36 52.26
N PRO E 67 3.06 13.06 52.95
CA PRO E 67 2.36 14.14 53.66
C PRO E 67 3.30 14.88 54.61
N PHE E 68 3.24 16.21 54.61
CA PHE E 68 4.23 17.00 55.36
C PHE E 68 4.25 16.75 56.87
N ILE E 69 3.10 16.58 57.48
CA ILE E 69 3.07 16.29 58.92
C ILE E 69 3.98 15.11 59.24
N ILE E 70 3.82 14.00 58.51
CA ILE E 70 4.68 12.84 58.68
C ILE E 70 6.15 13.16 58.39
N LEU E 71 6.43 13.83 57.27
CA LEU E 71 7.80 14.20 56.91
C LEU E 71 8.50 14.94 58.06
N LEU E 72 7.75 15.86 58.64
CA LEU E 72 8.19 16.64 59.77
C LEU E 72 8.47 15.72 60.96
N VAL E 73 7.53 14.81 61.24
CA VAL E 73 7.64 13.85 62.34
C VAL E 73 8.71 12.78 62.08
N TRP E 74 8.79 12.30 60.84
CA TRP E 74 9.78 11.27 60.47
C TRP E 74 11.20 11.80 60.59
N MET E 75 11.42 13.05 60.19
CA MET E 75 12.77 13.63 60.23
C MET E 75 13.11 14.40 61.51
N ILE E 76 12.35 14.15 62.56
CA ILE E 76 12.69 14.61 63.91
C ILE E 76 14.12 14.21 64.33
N PRO E 77 14.45 12.91 64.21
CA PRO E 77 15.85 12.51 64.44
C PRO E 77 16.85 13.34 63.63
N PHE E 78 16.62 13.43 62.33
CA PHE E 78 17.50 14.16 61.42
C PHE E 78 17.60 15.63 61.81
N THR E 79 16.44 16.25 61.95
CA THR E 79 16.39 17.66 62.26
C THR E 79 17.32 17.99 63.42
N ARG E 80 17.26 17.16 64.45
CA ARG E 80 17.90 17.47 65.73
C ARG E 80 19.42 17.44 65.67
N VAL E 81 19.99 16.58 64.84
CA VAL E 81 21.44 16.50 64.73
C VAL E 81 22.01 17.69 63.95
N ILE E 82 21.17 18.31 63.13
CA ILE E 82 21.61 19.37 62.23
C ILE E 82 21.63 20.75 62.89
N VAL E 83 20.61 21.03 63.70
CA VAL E 83 20.51 22.34 64.37
C VAL E 83 20.90 22.18 65.84
N GLY E 84 20.76 20.95 66.33
CA GLY E 84 21.06 20.64 67.72
C GLY E 84 19.81 20.37 68.53
N THR E 85 18.74 21.10 68.20
CA THR E 85 17.48 20.96 68.91
C THR E 85 16.41 20.50 67.93
N SER E 86 15.29 20.02 68.46
CA SER E 86 14.16 19.57 67.65
C SER E 86 12.93 20.48 67.76
N ILE E 87 13.06 21.53 68.55
CA ILE E 87 11.96 22.46 68.77
C ILE E 87 12.37 23.91 68.46
N GLY E 88 11.38 24.79 68.33
CA GLY E 88 11.62 26.20 68.06
C GLY E 88 11.43 26.56 66.59
N LEU E 89 11.56 27.84 66.26
CA LEU E 89 11.41 28.24 64.86
C LEU E 89 12.64 27.90 63.99
N GLN E 90 13.84 28.21 64.50
CA GLN E 90 15.10 27.91 63.79
C GLN E 90 15.28 26.41 63.48
N ALA E 91 14.58 25.55 64.22
CA ALA E 91 14.65 24.11 64.03
C ALA E 91 13.53 23.65 63.10
N ALA E 92 12.43 24.38 63.11
CA ALA E 92 11.28 24.05 62.27
C ALA E 92 11.56 24.27 60.78
N ILE E 93 12.49 25.18 60.47
CA ILE E 93 12.84 25.49 59.08
C ILE E 93 13.25 24.28 58.28
N VAL E 94 13.93 23.34 58.92
CA VAL E 94 14.47 22.21 58.19
C VAL E 94 13.44 21.33 57.50
N PRO E 95 12.43 20.84 58.23
CA PRO E 95 11.40 20.05 57.55
C PRO E 95 10.59 20.88 56.56
N LEU E 96 10.42 22.16 56.82
CA LEU E 96 9.73 23.06 55.90
C LEU E 96 10.52 23.25 54.60
N THR E 97 11.82 23.48 54.71
CA THR E 97 12.66 23.59 53.53
C THR E 97 12.65 22.30 52.71
N VAL E 98 12.85 21.16 53.37
CA VAL E 98 12.78 19.91 52.67
C VAL E 98 11.36 19.63 52.19
N GLY E 99 10.35 20.08 52.92
CA GLY E 99 8.97 19.88 52.52
C GLY E 99 8.59 20.71 51.30
N ALA E 100 9.23 21.87 51.18
CA ALA E 100 8.91 22.84 50.13
C ALA E 100 9.70 22.67 48.78
N ALA E 101 10.89 22.07 48.85
CA ALA E 101 11.79 22.00 47.68
C ALA E 101 11.25 21.15 46.51
N PRO E 102 10.67 19.97 46.80
CA PRO E 102 10.05 19.26 45.69
C PRO E 102 8.92 20.07 45.03
N PHE E 103 8.17 20.86 45.81
CA PHE E 103 7.13 21.77 45.26
C PHE E 103 7.70 22.69 44.19
N ILE E 104 8.66 23.50 44.58
CA ILE E 104 9.26 24.48 43.68
C ILE E 104 10.07 23.85 42.52
N ALA E 105 10.86 22.80 42.80
CA ALA E 105 11.60 22.12 41.74
C ALA E 105 10.64 21.58 40.67
N ARG E 106 9.52 20.99 41.11
CA ARG E 106 8.47 20.52 40.19
C ARG E 106 7.73 21.67 39.55
N MET E 107 7.54 22.74 40.30
CA MET E 107 6.87 23.90 39.76
C MET E 107 7.76 24.75 38.86
N VAL E 108 9.06 24.76 39.14
CA VAL E 108 10.01 25.45 38.27
C VAL E 108 10.07 24.75 36.91
N GLU E 109 9.89 23.43 36.93
CA GLU E 109 9.82 22.63 35.72
C GLU E 109 8.59 23.03 34.89
N ASN E 110 7.44 23.16 35.54
CA ASN E 110 6.20 23.53 34.84
C ASN E 110 6.19 24.93 34.28
N ALA E 111 6.98 25.80 34.89
CA ALA E 111 7.10 27.19 34.45
C ALA E 111 8.03 27.34 33.23
N LEU E 112 8.96 26.40 33.05
CA LEU E 112 9.83 26.45 31.88
C LEU E 112 9.18 25.73 30.71
N LEU E 113 8.28 24.82 31.00
CA LEU E 113 7.58 24.13 29.93
C LEU E 113 6.54 25.03 29.25
N GLU E 114 6.11 26.08 29.96
CA GLU E 114 5.21 27.06 29.38
C GLU E 114 5.98 27.77 28.28
N ILE E 115 7.30 27.96 28.46
CA ILE E 115 8.12 28.60 27.43
C ILE E 115 8.11 27.79 26.17
N PRO E 116 7.69 28.43 25.04
CA PRO E 116 7.58 27.76 23.75
C PRO E 116 8.95 27.34 23.23
N THR E 117 9.10 26.05 22.96
CA THR E 117 10.35 25.52 22.46
C THR E 117 10.68 26.15 21.14
N GLY E 118 11.96 26.19 20.82
CA GLY E 118 12.35 26.86 19.60
C GLY E 118 12.78 28.26 19.96
N LEU E 119 12.16 28.80 20.99
CA LEU E 119 12.72 29.98 21.59
C LEU E 119 14.12 29.54 21.98
N ILE E 120 14.23 28.23 22.26
CA ILE E 120 15.51 27.58 22.50
C ILE E 120 16.33 27.40 21.23
N GLU E 121 15.67 26.99 20.16
CA GLU E 121 16.31 26.83 18.87
C GLU E 121 16.92 28.13 18.40
N ALA E 122 16.20 29.24 18.55
CA ALA E 122 16.69 30.56 18.12
C ALA E 122 17.94 30.95 18.86
N SER E 123 17.92 30.69 20.15
CA SER E 123 19.04 30.95 21.01
C SER E 123 20.26 30.03 20.76
N ARG E 124 20.03 28.74 20.47
CA ARG E 124 21.16 27.84 20.18
C ARG E 124 21.94 28.21 18.95
N ALA E 125 21.21 28.66 17.93
CA ALA E 125 21.76 29.04 16.64
C ALA E 125 22.69 30.23 16.75
N MET E 126 22.48 31.04 17.78
CA MET E 126 23.22 32.29 17.99
C MET E 126 24.61 32.10 18.62
N GLY E 127 24.82 30.93 19.22
CA GLY E 127 26.11 30.60 19.83
C GLY E 127 26.11 30.71 21.35
N ALA E 128 25.02 30.25 21.96
CA ALA E 128 24.85 30.35 23.39
C ALA E 128 25.33 29.09 24.13
N THR E 129 26.06 29.31 25.20
CA THR E 129 26.46 28.24 26.09
C THR E 129 25.17 27.79 26.78
N PRO E 130 25.00 26.48 26.98
CA PRO E 130 23.83 26.06 27.76
C PRO E 130 23.61 26.95 29.01
N MET E 131 24.69 27.48 29.60
CA MET E 131 24.60 28.40 30.74
C MET E 131 23.97 29.73 30.34
N GLN E 132 24.45 30.28 29.23
CA GLN E 132 23.93 31.52 28.70
C GLN E 132 22.45 31.35 28.35
N ILE E 133 22.05 30.11 28.07
CA ILE E 133 20.66 29.86 27.72
C ILE E 133 19.72 30.07 28.88
N VAL E 134 19.97 29.39 29.99
CA VAL E 134 19.12 29.54 31.18
C VAL E 134 19.21 30.92 31.81
N ARG E 135 20.43 31.44 31.92
CA ARG E 135 20.67 32.74 32.55
C ARG E 135 20.06 33.90 31.72
N LYS E 136 20.08 33.78 30.39
CA LYS E 136 19.64 34.87 29.51
C LYS E 136 18.27 34.69 28.84
N VAL E 137 17.83 33.45 28.65
CA VAL E 137 16.53 33.23 28.02
C VAL E 137 15.48 32.52 28.88
N LEU E 138 15.84 31.39 29.46
CA LEU E 138 14.85 30.58 30.14
C LEU E 138 14.20 31.28 31.33
N LEU E 139 15.01 31.60 32.34
CA LEU E 139 14.48 32.26 33.53
C LEU E 139 13.76 33.58 33.22
N PRO E 140 14.44 34.51 32.54
CA PRO E 140 13.77 35.78 32.26
C PRO E 140 12.48 35.61 31.45
N GLU E 141 12.36 34.52 30.71
CA GLU E 141 11.17 34.28 29.90
C GLU E 141 10.05 33.63 30.69
N ALA E 142 10.41 32.98 31.80
CA ALA E 142 9.42 32.31 32.63
C ALA E 142 9.18 33.07 33.94
N LEU E 143 9.43 34.38 33.94
CA LEU E 143 9.29 35.18 35.15
C LEU E 143 7.89 35.22 35.72
N PRO E 144 6.87 35.35 34.86
CA PRO E 144 5.49 35.27 35.34
C PRO E 144 5.09 33.90 35.92
N GLY E 145 5.81 32.84 35.56
CA GLY E 145 5.53 31.53 36.11
C GLY E 145 6.35 31.29 37.35
N LEU E 146 7.53 31.87 37.38
CA LEU E 146 8.43 31.75 38.54
C LEU E 146 7.93 32.57 39.74
N VAL E 147 7.68 33.86 39.55
CA VAL E 147 7.15 34.68 40.67
C VAL E 147 5.72 34.29 41.02
N ASN E 148 5.04 33.60 40.11
CA ASN E 148 3.74 33.05 40.43
C ASN E 148 3.85 31.84 41.36
N ALA E 149 4.79 30.93 41.07
CA ALA E 149 4.94 29.71 41.86
C ALA E 149 5.65 29.98 43.19
N ALA E 150 6.47 31.04 43.21
CA ALA E 150 7.04 31.54 44.47
C ALA E 150 5.91 32.07 45.34
N THR E 151 4.79 32.43 44.72
CA THR E 151 3.59 32.76 45.47
C THR E 151 2.94 31.54 46.04
N ILE E 152 2.73 30.50 45.22
CA ILE E 152 2.02 29.32 45.73
C ILE E 152 2.78 28.68 46.90
N THR E 153 4.11 28.61 46.79
CA THR E 153 4.93 28.03 47.86
C THR E 153 4.88 28.87 49.13
N LEU E 154 5.14 30.16 49.02
CA LEU E 154 5.01 31.02 50.17
C LEU E 154 3.66 30.84 50.82
N ILE E 155 2.63 30.59 50.02
CA ILE E 155 1.31 30.38 50.58
C ILE E 155 1.10 29.03 51.17
N THR E 156 1.62 28.00 50.52
CA THR E 156 1.48 26.67 51.09
C THR E 156 2.29 26.51 52.39
N LEU E 157 3.46 27.17 52.47
CA LEU E 157 4.33 27.15 53.66
C LEU E 157 3.71 27.81 54.89
N VAL E 158 2.83 28.78 54.66
CA VAL E 158 2.00 29.34 55.71
C VAL E 158 1.13 28.22 56.33
N GLY E 159 0.59 27.35 55.48
CA GLY E 159 -0.16 26.21 55.97
C GLY E 159 0.72 25.19 56.67
N TYR E 160 1.96 25.04 56.21
CA TYR E 160 2.90 24.10 56.82
C TYR E 160 3.36 24.56 58.20
N SER E 161 3.73 25.84 58.34
CA SER E 161 4.19 26.38 59.65
C SER E 161 3.07 26.35 60.68
N ALA E 162 1.84 26.54 60.21
CA ALA E 162 0.66 26.41 61.05
C ALA E 162 0.55 24.97 61.51
N MET E 163 0.80 24.03 60.60
CA MET E 163 0.81 22.62 60.96
C MET E 163 1.93 22.31 61.91
N GLY E 164 3.12 22.85 61.58
CA GLY E 164 4.32 22.63 62.36
C GLY E 164 4.14 22.99 63.81
N GLY E 165 3.28 23.95 64.10
CA GLY E 165 3.01 24.38 65.46
C GLY E 165 2.47 23.28 66.37
N ALA E 166 1.74 22.32 65.80
CA ALA E 166 1.25 21.14 66.55
C ALA E 166 2.38 20.19 66.96
N VAL E 167 3.57 20.41 66.41
CA VAL E 167 4.78 19.64 66.74
C VAL E 167 5.90 20.57 67.22
N GLY E 168 5.49 21.60 67.98
CA GLY E 168 6.40 22.53 68.62
C GLY E 168 7.26 23.34 67.67
N ALA E 169 6.63 23.93 66.66
CA ALA E 169 7.32 24.85 65.75
C ALA E 169 7.04 26.27 66.23
N GLY E 170 5.93 26.43 66.93
CA GLY E 170 5.57 27.74 67.40
C GLY E 170 4.76 28.43 66.35
N GLY E 171 4.62 29.75 66.49
CA GLY E 171 3.84 30.55 65.57
C GLY E 171 2.34 30.45 65.76
N LEU E 172 1.57 31.07 64.88
CA LEU E 172 0.14 31.05 65.02
C LEU E 172 -0.40 29.62 65.08
N GLY E 173 0.39 28.66 64.61
CA GLY E 173 -0.07 27.28 64.52
C GLY E 173 -0.12 26.62 65.87
N GLN E 174 0.90 26.88 66.66
CA GLN E 174 0.99 26.34 67.98
C GLN E 174 -0.03 27.02 68.87
N ILE E 175 -0.10 28.35 68.78
CA ILE E 175 -1.07 29.13 69.53
C ILE E 175 -2.49 28.72 69.18
N GLY E 176 -2.69 28.24 67.98
CA GLY E 176 -4.00 27.76 67.58
C GLY E 176 -4.26 26.37 68.13
N TYR E 177 -3.18 25.61 68.34
CA TYR E 177 -3.27 24.26 68.90
C TYR E 177 -3.57 24.28 70.39
N GLN E 178 -2.92 25.20 71.11
CA GLN E 178 -3.04 25.35 72.57
C GLN E 178 -4.44 25.81 72.98
N TYR E 179 -4.82 26.97 72.50
CA TYR E 179 -6.07 27.60 72.87
C TYR E 179 -7.15 27.31 71.87
N GLY E 180 -6.99 26.23 71.12
CA GLY E 180 -7.98 25.77 70.17
C GLY E 180 -8.33 24.31 70.36
N TYR E 181 -7.32 23.43 70.28
CA TYR E 181 -7.51 21.98 70.43
C TYR E 181 -7.56 21.55 71.88
N ILE E 182 -6.51 21.92 72.61
CA ILE E 182 -6.39 21.62 74.04
C ILE E 182 -7.49 22.25 74.89
N GLY E 183 -7.50 23.58 74.95
CA GLY E 183 -8.57 24.29 75.62
C GLY E 183 -9.16 25.37 74.72
N TYR E 184 -10.45 25.26 74.42
CA TYR E 184 -11.03 26.10 73.38
C TYR E 184 -11.37 27.51 73.84
N ASN E 185 -10.83 28.50 73.15
CA ASN E 185 -11.23 29.87 73.39
C ASN E 185 -11.79 30.49 72.13
N ALA E 186 -13.06 30.88 72.16
CA ALA E 186 -13.70 31.38 70.95
C ALA E 186 -13.04 32.62 70.33
N THR E 187 -12.69 33.62 71.14
CA THR E 187 -11.98 34.79 70.62
C THR E 187 -10.54 34.46 70.13
N VAL E 188 -9.83 33.58 70.83
CA VAL E 188 -8.46 33.26 70.43
C VAL E 188 -8.41 32.42 69.13
N MET E 189 -9.40 31.55 68.86
CA MET E 189 -9.40 30.81 67.57
C MET E 189 -9.66 31.72 66.41
N ASN E 190 -10.73 32.49 66.50
CA ASN E 190 -11.09 33.42 65.46
C ASN E 190 -9.91 34.35 65.16
N THR E 191 -9.20 34.77 66.19
CA THR E 191 -8.03 35.61 65.97
C THR E 191 -6.85 34.90 65.28
N VAL E 192 -6.59 33.63 65.62
CA VAL E 192 -5.59 32.91 64.86
C VAL E 192 -6.08 32.75 63.43
N LEU E 193 -7.36 32.42 63.27
CA LEU E 193 -7.90 32.24 61.92
C LEU E 193 -7.80 33.47 61.02
N VAL E 194 -8.55 34.50 61.34
CA VAL E 194 -8.53 35.71 60.54
C VAL E 194 -7.13 36.26 60.34
N LEU E 195 -6.29 36.21 61.36
CA LEU E 195 -4.94 36.67 61.20
C LEU E 195 -4.19 35.77 60.16
N LEU E 196 -4.49 34.47 60.13
CA LEU E 196 -3.88 33.57 59.13
C LEU E 196 -4.45 33.73 57.74
N VAL E 197 -5.75 33.96 57.59
CA VAL E 197 -6.34 34.17 56.26
C VAL E 197 -5.80 35.47 55.62
N ILE E 198 -5.79 36.53 56.40
CA ILE E 198 -5.21 37.80 55.96
C ILE E 198 -3.74 37.67 55.51
N LEU E 199 -2.91 36.86 56.17
CA LEU E 199 -1.53 36.64 55.69
C LEU E 199 -1.49 35.94 54.34
N VAL E 200 -2.47 35.09 54.04
CA VAL E 200 -2.54 34.53 52.67
C VAL E 200 -2.95 35.62 51.65
N TYR E 201 -4.06 36.33 51.93
CA TYR E 201 -4.54 37.46 51.15
C TYR E 201 -3.59 38.66 51.10
N LEU E 202 -2.37 38.48 51.60
CA LEU E 202 -1.33 39.51 51.57
C LEU E 202 -0.16 39.02 50.75
N ILE E 203 0.14 37.73 50.84
CA ILE E 203 1.15 37.12 49.97
C ILE E 203 0.60 36.99 48.55
N GLN E 204 -0.68 36.63 48.45
CA GLN E 204 -1.32 36.56 47.15
C GLN E 204 -1.39 37.92 46.50
N PHE E 205 -1.88 38.93 47.21
CA PHE E 205 -1.95 40.26 46.65
C PHE E 205 -0.58 40.74 46.18
N ALA E 206 0.41 40.70 47.06
CA ALA E 206 1.74 41.14 46.67
C ALA E 206 2.27 40.30 45.51
N GLY E 207 1.97 39.00 45.54
CA GLY E 207 2.37 38.09 44.48
C GLY E 207 1.81 38.47 43.11
N ASP E 208 0.51 38.70 43.03
CA ASP E 208 -0.11 39.15 41.79
C ASP E 208 0.40 40.50 41.36
N ARG E 209 0.56 41.39 42.32
CA ARG E 209 1.02 42.72 42.01
C ARG E 209 2.36 42.65 41.27
N ILE E 210 3.28 41.80 41.72
CA ILE E 210 4.59 41.69 41.08
C ILE E 210 4.54 40.85 39.79
N VAL E 211 3.62 39.89 39.73
CA VAL E 211 3.43 39.07 38.54
C VAL E 211 2.97 39.93 37.36
N ARG E 212 1.97 40.79 37.57
CA ARG E 212 1.45 41.69 36.53
C ARG E 212 2.50 42.70 36.06
N ALA E 213 3.15 43.37 37.01
CA ALA E 213 4.11 44.42 36.72
C ALA E 213 5.32 43.93 35.92
N VAL E 214 5.46 42.61 35.79
CA VAL E 214 6.56 42.00 35.04
C VAL E 214 6.08 41.09 33.90
N THR E 215 5.17 41.60 33.07
CA THR E 215 4.65 40.85 31.92
C THR E 215 4.57 41.79 30.69
N MET F 1 9.93 -5.20 63.12
CA MET F 1 10.33 -6.52 63.59
C MET F 1 9.51 -6.98 64.80
N SER F 2 8.34 -6.37 64.94
CA SER F 2 7.48 -6.64 66.08
C SER F 2 6.00 -6.74 65.68
N GLU F 3 5.51 -7.96 65.48
CA GLU F 3 4.12 -8.23 65.06
C GLU F 3 3.00 -7.72 65.98
N PRO F 4 3.27 -7.61 67.30
CA PRO F 4 2.23 -7.07 68.19
C PRO F 4 1.76 -5.69 67.74
N MET F 5 2.70 -4.83 67.38
CA MET F 5 2.40 -3.47 66.91
C MET F 5 2.33 -3.35 65.37
N MET F 6 1.97 -4.44 64.68
CA MET F 6 1.84 -4.42 63.22
C MET F 6 0.37 -4.44 62.78
N TRP F 7 -0.51 -5.01 63.60
CA TRP F 7 -1.94 -4.98 63.32
C TRP F 7 -2.54 -3.60 63.52
N LEU F 8 -1.75 -2.71 64.11
CA LEU F 8 -2.06 -1.28 64.16
C LEU F 8 -2.14 -0.75 62.75
N LEU F 9 -1.21 -1.18 61.92
CA LEU F 9 -1.12 -0.68 60.55
C LEU F 9 -2.36 -1.10 59.76
N VAL F 10 -2.89 -2.29 60.00
CA VAL F 10 -4.11 -2.72 59.30
C VAL F 10 -5.37 -1.95 59.69
N ARG F 11 -5.61 -1.74 60.98
CA ARG F 11 -6.71 -0.86 61.35
C ARG F 11 -6.38 0.55 60.89
N GLY F 12 -5.10 0.91 60.97
CA GLY F 12 -4.61 2.19 60.51
C GLY F 12 -5.00 2.51 59.09
N VAL F 13 -4.47 1.76 58.12
CA VAL F 13 -4.80 2.03 56.71
C VAL F 13 -6.30 2.15 56.52
N TRP F 14 -7.06 1.18 56.99
CA TRP F 14 -8.51 1.25 56.83
C TRP F 14 -9.08 2.57 57.30
N GLU F 15 -8.64 3.03 58.47
CA GLU F 15 -9.13 4.31 58.95
C GLU F 15 -8.79 5.49 58.02
N THR F 16 -7.50 5.70 57.74
CA THR F 16 -7.10 6.75 56.82
C THR F 16 -7.80 6.59 55.48
N LEU F 17 -7.80 5.36 54.99
CA LEU F 17 -8.44 5.02 53.74
C LEU F 17 -9.92 5.42 53.71
N ALA F 18 -10.69 5.07 54.72
CA ALA F 18 -12.12 5.42 54.77
C ALA F 18 -12.36 6.94 54.83
N MET F 19 -11.52 7.67 55.54
CA MET F 19 -11.72 9.13 55.65
C MET F 19 -11.21 9.93 54.43
N THR F 20 -10.21 9.43 53.70
CA THR F 20 -9.80 10.06 52.43
C THR F 20 -10.90 10.05 51.40
N PHE F 21 -11.46 8.86 51.18
CA PHE F 21 -12.46 8.61 50.15
C PHE F 21 -13.88 9.10 50.49
N VAL F 22 -14.36 8.83 51.70
CA VAL F 22 -15.72 9.28 52.02
C VAL F 22 -15.78 10.81 52.13
N SER F 23 -14.67 11.40 52.50
CA SER F 23 -14.60 12.86 52.58
C SER F 23 -14.51 13.46 51.17
N GLY F 24 -13.78 12.79 50.29
CA GLY F 24 -13.74 13.19 48.90
C GLY F 24 -15.12 13.12 48.26
N PHE F 25 -15.79 11.99 48.45
CA PHE F 25 -17.14 11.82 47.94
C PHE F 25 -18.09 12.92 48.39
N PHE F 26 -18.08 13.24 49.66
CA PHE F 26 -18.95 14.32 50.14
C PHE F 26 -18.41 15.66 49.67
N GLY F 27 -17.08 15.79 49.63
CA GLY F 27 -16.45 16.98 49.08
C GLY F 27 -16.87 17.31 47.66
N PHE F 28 -17.20 16.28 46.89
CA PHE F 28 -17.62 16.47 45.51
C PHE F 28 -19.11 16.74 45.45
N VAL F 29 -19.86 16.16 46.37
CA VAL F 29 -21.28 16.49 46.45
C VAL F 29 -21.46 18.00 46.65
N ILE F 30 -20.58 18.63 47.41
CA ILE F 30 -20.71 20.07 47.59
C ILE F 30 -19.80 20.86 46.66
N GLY F 31 -18.65 20.30 46.28
CA GLY F 31 -17.69 20.99 45.44
C GLY F 31 -18.11 21.12 43.99
N LEU F 32 -18.72 20.07 43.45
CA LEU F 32 -19.11 20.02 42.04
C LEU F 32 -20.23 20.96 41.65
N PRO F 33 -21.34 20.96 42.42
CA PRO F 33 -22.35 22.01 42.25
C PRO F 33 -21.74 23.40 42.38
N VAL F 34 -20.91 23.63 43.39
CA VAL F 34 -20.23 24.91 43.48
C VAL F 34 -19.34 25.13 42.25
N GLY F 35 -18.77 24.06 41.71
CA GLY F 35 -17.92 24.16 40.54
C GLY F 35 -18.62 24.66 39.28
N VAL F 36 -19.69 23.99 38.85
CA VAL F 36 -20.37 24.38 37.61
C VAL F 36 -21.01 25.74 37.77
N LEU F 37 -21.63 25.96 38.92
CA LEU F 37 -22.19 27.28 39.22
C LEU F 37 -21.14 28.38 39.07
N LEU F 38 -19.96 28.15 39.63
CA LEU F 38 -18.87 29.09 39.56
C LEU F 38 -18.43 29.36 38.10
N TYR F 39 -18.54 28.34 37.25
CA TYR F 39 -18.13 28.40 35.82
C TYR F 39 -19.07 29.18 34.98
N VAL F 40 -20.33 28.78 35.06
CA VAL F 40 -21.32 29.38 34.21
C VAL F 40 -21.62 30.85 34.60
N THR F 41 -21.08 31.34 35.70
CA THR F 41 -21.36 32.72 36.08
C THR F 41 -20.23 33.68 35.70
N ARG F 42 -19.11 33.14 35.24
CA ARG F 42 -18.03 34.00 34.78
C ARG F 42 -18.53 34.80 33.61
N PRO F 43 -18.14 36.09 33.53
CA PRO F 43 -18.59 36.97 32.43
C PRO F 43 -18.50 36.33 31.03
N GLY F 44 -19.56 36.51 30.25
CA GLY F 44 -19.62 35.98 28.91
C GLY F 44 -20.09 34.55 28.89
N GLN F 45 -20.29 33.97 30.06
CA GLN F 45 -20.70 32.57 30.09
C GLN F 45 -22.22 32.45 30.09
N ILE F 46 -22.72 31.31 29.63
CA ILE F 46 -24.16 31.05 29.66
C ILE F 46 -24.63 31.27 31.08
N ILE F 47 -25.74 31.98 31.30
CA ILE F 47 -26.33 32.24 32.65
C ILE F 47 -25.40 32.92 33.69
N ALA F 48 -24.62 33.90 33.24
CA ALA F 48 -23.57 34.46 34.08
C ALA F 48 -23.97 35.75 34.79
N ASN F 49 -23.84 35.80 36.13
CA ASN F 49 -24.08 37.00 36.91
C ASN F 49 -22.85 37.36 37.70
N ALA F 50 -22.23 38.50 37.41
CA ALA F 50 -20.94 38.82 38.01
C ALA F 50 -21.04 38.98 39.53
N LYS F 51 -22.20 39.45 39.97
CA LYS F 51 -22.44 39.65 41.40
C LYS F 51 -22.43 38.28 42.12
N LEU F 52 -23.05 37.29 41.50
CA LEU F 52 -23.13 35.96 42.08
C LEU F 52 -21.76 35.32 42.15
N TYR F 53 -21.07 35.30 40.99
CA TYR F 53 -19.71 34.77 40.89
C TYR F 53 -18.79 35.55 41.84
N ARG F 54 -18.88 36.87 41.82
CA ARG F 54 -18.01 37.70 42.67
C ARG F 54 -18.09 37.26 44.13
N THR F 55 -19.31 36.91 44.56
CA THR F 55 -19.58 36.41 45.92
C THR F 55 -19.12 34.96 46.13
N VAL F 56 -19.62 34.04 45.32
CA VAL F 56 -19.20 32.64 45.41
C VAL F 56 -17.68 32.47 45.33
N SER F 57 -17.06 33.06 44.32
CA SER F 57 -15.61 33.00 44.19
C SER F 57 -14.90 33.60 45.42
N ALA F 58 -15.55 34.53 46.10
CA ALA F 58 -14.99 35.11 47.32
C ALA F 58 -15.03 34.14 48.51
N ILE F 59 -16.16 33.43 48.64
CA ILE F 59 -16.36 32.43 49.71
C ILE F 59 -15.55 31.14 49.54
N VAL F 60 -15.48 30.60 48.32
CA VAL F 60 -14.65 29.42 48.04
C VAL F 60 -13.19 29.77 48.30
N ASN F 61 -12.86 31.06 48.17
CA ASN F 61 -11.49 31.54 48.40
C ASN F 61 -11.08 31.57 49.86
N ILE F 62 -11.86 32.30 50.65
CA ILE F 62 -11.53 32.43 52.06
C ILE F 62 -11.42 31.05 52.68
N PHE F 63 -12.34 30.16 52.33
CA PHE F 63 -12.31 28.76 52.81
C PHE F 63 -11.04 27.99 52.41
N ARG F 64 -10.69 28.09 51.14
CA ARG F 64 -9.51 27.44 50.63
C ARG F 64 -8.26 28.15 51.19
N SER F 65 -8.47 29.38 51.69
CA SER F 65 -7.40 30.19 52.24
C SER F 65 -6.91 29.79 53.67
N ILE F 66 -7.74 29.06 54.42
CA ILE F 66 -7.38 28.60 55.77
C ILE F 66 -6.49 27.34 55.78
N PRO F 67 -5.30 27.43 56.42
CA PRO F 67 -4.46 26.23 56.58
C PRO F 67 -5.29 25.14 57.24
N PHE F 68 -5.19 23.88 56.80
CA PHE F 68 -6.20 22.87 57.19
C PHE F 68 -6.35 22.64 58.69
N ILE F 69 -5.26 22.49 59.42
CA ILE F 69 -5.40 22.24 60.85
C ILE F 69 -6.17 23.34 61.56
N ILE F 70 -5.87 24.60 61.27
CA ILE F 70 -6.58 25.73 61.90
C ILE F 70 -8.05 25.64 61.58
N LEU F 71 -8.39 25.26 60.36
CA LEU F 71 -9.79 25.03 60.05
C LEU F 71 -10.34 23.89 60.90
N LEU F 72 -9.73 22.72 60.79
CA LEU F 72 -10.18 21.52 61.53
C LEU F 72 -10.34 21.71 63.03
N VAL F 73 -9.30 22.28 63.63
CA VAL F 73 -9.24 22.61 65.05
C VAL F 73 -10.31 23.67 65.43
N TRP F 74 -10.46 24.68 64.57
CA TRP F 74 -11.47 25.74 64.76
C TRP F 74 -12.90 25.23 64.55
N MET F 75 -13.02 24.11 63.86
CA MET F 75 -14.31 23.54 63.60
C MET F 75 -14.78 22.65 64.72
N ILE F 76 -13.91 22.39 65.69
CA ILE F 76 -14.24 21.45 66.77
C ILE F 76 -15.61 21.63 67.41
N PRO F 77 -15.85 22.79 68.04
CA PRO F 77 -17.17 23.05 68.63
C PRO F 77 -18.34 22.76 67.67
N PHE F 78 -18.17 23.09 66.40
CA PHE F 78 -19.19 22.81 65.41
C PHE F 78 -19.21 21.33 64.96
N THR F 79 -18.04 20.76 64.69
CA THR F 79 -17.96 19.34 64.31
C THR F 79 -18.65 18.48 65.35
N ARG F 80 -18.41 18.80 66.63
CA ARG F 80 -18.98 18.09 67.79
C ARG F 80 -20.51 18.20 67.86
N VAL F 81 -21.08 19.27 67.33
CA VAL F 81 -22.54 19.43 67.33
C VAL F 81 -23.21 18.45 66.37
N ILE F 82 -22.71 18.42 65.15
CA ILE F 82 -23.29 17.58 64.11
C ILE F 82 -23.18 16.08 64.45
N VAL F 83 -21.96 15.59 64.65
CA VAL F 83 -21.76 14.18 64.99
C VAL F 83 -21.98 13.91 66.50
N GLY F 84 -21.48 14.81 67.33
CA GLY F 84 -21.65 14.66 68.76
C GLY F 84 -20.35 14.47 69.50
N THR F 85 -19.27 14.19 68.78
CA THR F 85 -18.03 13.82 69.45
C THR F 85 -16.88 14.81 69.21
N SER F 86 -16.65 15.15 67.95
CA SER F 86 -15.48 15.94 67.52
C SER F 86 -14.17 15.15 67.61
N ILE F 87 -14.28 13.85 67.86
CA ILE F 87 -13.14 12.92 67.82
C ILE F 87 -13.55 11.61 67.13
N GLY F 88 -12.62 10.99 66.43
CA GLY F 88 -12.91 9.74 65.73
C GLY F 88 -13.06 9.91 64.22
N LEU F 89 -13.11 8.77 63.52
CA LEU F 89 -13.29 8.73 62.07
C LEU F 89 -14.48 9.53 61.63
N GLN F 90 -15.61 9.23 62.25
CA GLN F 90 -16.85 9.89 61.91
C GLN F 90 -16.76 11.41 62.08
N ALA F 91 -15.96 11.86 63.05
CA ALA F 91 -15.81 13.29 63.28
C ALA F 91 -14.75 13.89 62.36
N ALA F 92 -13.85 13.05 61.85
CA ALA F 92 -12.76 13.50 60.98
C ALA F 92 -13.24 13.93 59.59
N ILE F 93 -14.32 13.31 59.10
CA ILE F 93 -14.77 13.57 57.73
C ILE F 93 -15.39 14.96 57.59
N VAL F 94 -16.10 15.44 58.61
CA VAL F 94 -16.72 16.77 58.53
C VAL F 94 -15.78 17.96 58.17
N PRO F 95 -14.70 18.16 58.93
CA PRO F 95 -13.76 19.20 58.56
C PRO F 95 -12.99 18.86 57.29
N LEU F 96 -12.75 17.58 57.03
CA LEU F 96 -12.09 17.19 55.78
C LEU F 96 -12.98 17.62 54.61
N THR F 97 -14.27 17.27 54.64
CA THR F 97 -15.23 17.68 53.60
C THR F 97 -15.29 19.20 53.43
N VAL F 98 -15.31 19.91 54.54
CA VAL F 98 -15.31 21.36 54.43
C VAL F 98 -13.99 21.96 53.93
N GLY F 99 -12.85 21.36 54.28
CA GLY F 99 -11.55 21.89 53.86
C GLY F 99 -11.25 21.51 52.43
N ALA F 100 -11.99 20.50 51.93
CA ALA F 100 -11.75 19.92 50.61
C ALA F 100 -12.79 20.37 49.56
N ALA F 101 -13.97 20.80 50.00
CA ALA F 101 -15.02 21.29 49.09
C ALA F 101 -14.54 22.43 48.18
N PRO F 102 -13.87 23.46 48.74
CA PRO F 102 -13.33 24.61 48.01
C PRO F 102 -12.17 24.28 47.07
N PHE F 103 -11.31 23.37 47.51
CA PHE F 103 -10.21 22.86 46.69
C PHE F 103 -10.82 22.26 45.43
N ILE F 104 -11.95 21.56 45.61
CA ILE F 104 -12.69 20.92 44.50
C ILE F 104 -13.40 21.93 43.63
N ALA F 105 -14.23 22.77 44.25
CA ALA F 105 -14.99 23.79 43.51
C ALA F 105 -14.10 24.65 42.61
N ARG F 106 -12.92 25.03 43.11
CA ARG F 106 -11.99 25.78 42.30
C ARG F 106 -11.46 24.94 41.16
N MET F 107 -11.30 23.64 41.40
CA MET F 107 -10.82 22.72 40.35
C MET F 107 -11.86 22.38 39.31
N VAL F 108 -13.07 22.08 39.76
CA VAL F 108 -14.14 21.79 38.83
C VAL F 108 -14.25 22.96 37.85
N GLU F 109 -14.12 24.19 38.34
CA GLU F 109 -14.17 25.36 37.47
C GLU F 109 -13.07 25.33 36.40
N ASN F 110 -11.81 25.19 36.80
CA ASN F 110 -10.71 25.20 35.83
C ASN F 110 -10.72 24.07 34.81
N ALA F 111 -11.31 22.93 35.18
CA ALA F 111 -11.46 21.76 34.30
C ALA F 111 -12.55 21.96 33.25
N LEU F 112 -13.54 22.78 33.59
CA LEU F 112 -14.56 23.23 32.64
C LEU F 112 -14.03 24.35 31.75
N LEU F 113 -13.07 25.13 32.23
CA LEU F 113 -12.52 26.21 31.43
C LEU F 113 -11.70 25.71 30.26
N GLU F 114 -11.30 24.44 30.34
CA GLU F 114 -10.51 23.86 29.26
C GLU F 114 -11.38 23.53 28.03
N ILE F 115 -12.69 23.38 28.23
CA ILE F 115 -13.60 23.09 27.11
C ILE F 115 -13.58 24.23 26.12
N PRO F 116 -13.31 23.93 24.81
CA PRO F 116 -13.19 24.92 23.74
C PRO F 116 -14.39 25.83 23.79
N THR F 117 -14.20 27.14 23.85
CA THR F 117 -15.30 28.10 23.97
C THR F 117 -16.37 27.83 22.91
N GLY F 118 -15.97 27.06 21.91
CA GLY F 118 -16.86 26.70 20.84
C GLY F 118 -17.99 25.74 21.17
N LEU F 119 -17.69 24.60 21.77
CA LEU F 119 -18.74 23.62 21.98
C LEU F 119 -19.90 24.26 22.71
N ILE F 120 -19.60 25.34 23.42
CA ILE F 120 -20.62 26.08 24.14
C ILE F 120 -21.52 26.87 23.16
N GLU F 121 -20.92 27.52 22.16
CA GLU F 121 -21.70 28.22 21.12
C GLU F 121 -22.60 27.28 20.37
N ALA F 122 -22.05 26.15 19.95
CA ALA F 122 -22.80 25.12 19.23
C ALA F 122 -24.00 24.62 20.03
N SER F 123 -23.79 24.48 21.33
CA SER F 123 -24.82 24.07 22.27
C SER F 123 -25.92 25.09 22.37
N ARG F 124 -25.54 26.36 22.49
CA ARG F 124 -26.51 27.46 22.54
C ARG F 124 -27.25 27.62 21.21
N ALA F 125 -26.51 27.45 20.11
CA ALA F 125 -27.05 27.59 18.78
C ALA F 125 -28.14 26.57 18.52
N MET F 126 -28.07 25.44 19.21
CA MET F 126 -29.10 24.42 19.12
C MET F 126 -30.23 24.73 20.08
N GLY F 127 -30.03 25.73 20.95
CA GLY F 127 -31.10 26.16 21.85
C GLY F 127 -31.25 25.28 23.06
N ALA F 128 -30.11 24.77 23.53
CA ALA F 128 -30.09 23.96 24.73
C ALA F 128 -30.27 24.85 25.97
N THR F 129 -31.08 24.40 26.93
CA THR F 129 -31.23 25.13 28.18
C THR F 129 -29.96 25.02 29.03
N PRO F 130 -29.72 26.03 29.88
CA PRO F 130 -28.52 26.06 30.72
C PRO F 130 -28.20 24.72 31.35
N MET F 131 -29.20 24.07 31.93
CA MET F 131 -29.04 22.79 32.61
C MET F 131 -28.61 21.66 31.64
N GLN F 132 -29.11 21.71 30.41
CA GLN F 132 -28.81 20.71 29.40
C GLN F 132 -27.41 20.82 28.87
N ILE F 133 -26.90 22.05 28.83
CA ILE F 133 -25.50 22.27 28.49
C ILE F 133 -24.63 21.61 29.55
N VAL F 134 -24.97 21.89 30.80
CA VAL F 134 -24.25 21.35 31.94
C VAL F 134 -24.23 19.84 31.95
N ARG F 135 -25.43 19.27 31.87
CA ARG F 135 -25.62 17.81 31.95
C ARG F 135 -25.06 17.04 30.73
N LYS F 136 -25.20 17.62 29.54
CA LYS F 136 -24.93 16.92 28.29
C LYS F 136 -23.64 17.35 27.56
N VAL F 137 -23.16 18.57 27.80
CA VAL F 137 -21.97 19.06 27.11
C VAL F 137 -20.79 19.29 28.06
N LEU F 138 -21.06 20.06 29.11
CA LEU F 138 -20.02 20.46 30.04
C LEU F 138 -19.40 19.30 30.84
N LEU F 139 -20.20 18.63 31.66
CA LEU F 139 -19.67 17.52 32.49
C LEU F 139 -19.08 16.37 31.66
N PRO F 140 -19.85 15.85 30.69
CA PRO F 140 -19.31 14.78 29.86
C PRO F 140 -18.04 15.16 29.13
N GLU F 141 -17.87 16.45 28.84
CA GLU F 141 -16.70 16.92 28.08
C GLU F 141 -15.48 17.11 28.95
N ALA F 142 -15.72 17.46 30.21
CA ALA F 142 -14.64 17.78 31.13
C ALA F 142 -14.20 16.58 31.96
N LEU F 143 -14.70 15.37 31.62
CA LEU F 143 -14.38 14.18 32.39
C LEU F 143 -12.85 13.91 32.59
N PRO F 144 -12.02 14.12 31.54
CA PRO F 144 -10.56 13.99 31.72
C PRO F 144 -9.98 15.00 32.71
N GLY F 145 -10.52 16.22 32.66
CA GLY F 145 -10.14 17.27 33.60
C GLY F 145 -10.68 17.04 35.01
N LEU F 146 -11.91 16.53 35.10
CA LEU F 146 -12.60 16.24 36.38
C LEU F 146 -12.14 15.02 37.15
N VAL F 147 -12.07 13.90 36.46
CA VAL F 147 -11.50 12.70 37.04
C VAL F 147 -10.11 13.00 37.58
N ASN F 148 -9.26 13.66 36.78
CA ASN F 148 -7.94 14.07 37.26
C ASN F 148 -8.00 15.01 38.49
N ALA F 149 -8.94 15.94 38.51
CA ALA F 149 -9.10 16.78 39.69
C ALA F 149 -9.49 15.94 40.88
N ALA F 150 -10.32 14.92 40.65
CA ALA F 150 -10.75 14.01 41.72
C ALA F 150 -9.60 13.18 42.27
N THR F 151 -8.65 12.82 41.40
CA THR F 151 -7.40 12.18 41.81
C THR F 151 -6.52 13.13 42.65
N ILE F 152 -6.32 14.37 42.17
CA ILE F 152 -5.61 15.38 42.95
C ILE F 152 -6.34 15.65 44.25
N THR F 153 -7.65 15.43 44.24
CA THR F 153 -8.41 15.55 45.47
C THR F 153 -7.96 14.55 46.50
N LEU F 154 -7.98 13.27 46.11
CA LEU F 154 -7.70 12.21 47.06
C LEU F 154 -6.26 12.20 47.61
N ILE F 155 -5.27 12.40 46.74
CA ILE F 155 -3.90 12.55 47.19
C ILE F 155 -3.75 13.72 48.20
N THR F 156 -4.64 14.71 48.11
CA THR F 156 -4.66 15.81 49.10
C THR F 156 -5.36 15.43 50.41
N LEU F 157 -6.53 14.81 50.30
CA LEU F 157 -7.29 14.35 51.46
C LEU F 157 -6.53 13.22 52.22
N VAL F 158 -5.54 12.60 51.60
CA VAL F 158 -4.63 11.75 52.36
C VAL F 158 -3.80 12.59 53.32
N GLY F 159 -3.12 13.61 52.78
CA GLY F 159 -2.33 14.50 53.60
C GLY F 159 -3.12 15.23 54.68
N TYR F 160 -4.39 15.54 54.41
CA TYR F 160 -5.24 16.23 55.38
C TYR F 160 -5.76 15.26 56.46
N SER F 161 -5.96 14.02 56.08
CA SER F 161 -6.34 12.99 57.03
C SER F 161 -5.18 12.68 57.99
N ALA F 162 -3.94 12.88 57.55
CA ALA F 162 -2.79 12.65 58.40
C ALA F 162 -2.67 13.79 59.38
N MET F 163 -2.77 15.02 58.86
CA MET F 163 -2.74 16.19 59.74
C MET F 163 -3.83 16.05 60.76
N GLY F 164 -4.91 15.36 60.39
CA GLY F 164 -6.00 15.12 61.31
C GLY F 164 -5.62 14.19 62.43
N GLY F 165 -4.55 13.42 62.24
CA GLY F 165 -4.09 12.47 63.24
C GLY F 165 -3.55 13.16 64.49
N ALA F 166 -2.99 14.35 64.33
CA ALA F 166 -2.47 15.10 65.47
C ALA F 166 -3.59 15.73 66.27
N VAL F 167 -4.81 15.60 65.79
CA VAL F 167 -5.95 16.21 66.45
C VAL F 167 -7.10 15.23 66.72
N GLY F 168 -6.73 13.97 66.97
CA GLY F 168 -7.66 12.96 67.46
C GLY F 168 -8.77 12.50 66.54
N ALA F 169 -8.49 12.56 65.24
CA ALA F 169 -9.41 12.07 64.23
C ALA F 169 -9.26 10.56 64.09
N GLY F 170 -8.01 10.09 64.24
CA GLY F 170 -7.69 8.68 64.25
C GLY F 170 -7.38 8.08 62.90
N GLY F 171 -6.11 7.72 62.64
CA GLY F 171 -5.73 7.13 61.36
C GLY F 171 -4.24 6.90 61.31
N LEU F 172 -3.71 6.54 60.15
CA LEU F 172 -2.26 6.31 60.00
C LEU F 172 -1.43 7.55 60.37
N GLY F 173 -2.08 8.70 60.29
CA GLY F 173 -1.45 9.95 60.68
C GLY F 173 -1.28 9.97 62.19
N GLN F 174 -2.18 9.30 62.90
CA GLN F 174 -2.09 9.24 64.37
C GLN F 174 -0.99 8.30 64.86
N ILE F 175 -0.90 7.13 64.26
CA ILE F 175 0.21 6.25 64.54
C ILE F 175 1.52 6.99 64.37
N GLY F 176 1.66 7.75 63.29
CA GLY F 176 2.88 8.51 63.06
C GLY F 176 3.17 9.53 64.14
N TYR F 177 2.11 10.08 64.70
CA TYR F 177 2.22 11.10 65.75
C TYR F 177 2.70 10.48 67.07
N GLN F 178 2.08 9.36 67.44
CA GLN F 178 2.30 8.72 68.73
C GLN F 178 3.61 7.90 68.82
N TYR F 179 4.03 7.35 67.68
CA TYR F 179 5.24 6.52 67.60
C TYR F 179 6.45 7.27 67.02
N GLY F 180 6.24 8.51 66.61
CA GLY F 180 7.29 9.31 66.03
C GLY F 180 7.56 10.57 66.84
N TYR F 181 6.49 11.32 67.12
CA TYR F 181 6.60 12.54 67.93
C TYR F 181 6.86 12.24 69.44
N ILE F 182 6.17 11.24 69.96
CA ILE F 182 6.31 10.87 71.37
C ILE F 182 6.91 9.47 71.62
N GLY F 183 6.56 8.49 70.80
CA GLY F 183 7.08 7.12 70.93
C GLY F 183 8.52 6.90 70.40
N TYR F 184 8.90 7.68 69.38
CA TYR F 184 10.24 7.70 68.80
C TYR F 184 10.70 6.39 68.14
N ASN F 185 9.82 5.38 68.16
CA ASN F 185 10.06 4.08 67.49
C ASN F 185 10.44 4.26 66.02
N ALA F 186 11.41 3.49 65.54
CA ALA F 186 11.91 3.69 64.18
C ALA F 186 11.33 2.72 63.17
N THR F 187 10.73 1.64 63.63
CA THR F 187 10.16 0.67 62.69
C THR F 187 8.76 1.10 62.31
N VAL F 188 7.95 1.53 63.29
CA VAL F 188 6.58 2.00 63.01
C VAL F 188 6.56 3.35 62.30
N MET F 189 7.58 4.16 62.54
CA MET F 189 7.67 5.44 61.84
C MET F 189 7.99 5.26 60.35
N ASN F 190 8.92 4.36 60.03
CA ASN F 190 9.29 4.14 58.64
C ASN F 190 8.24 3.37 57.87
N THR F 191 7.49 2.52 58.57
CA THR F 191 6.39 1.77 57.95
C THR F 191 5.20 2.64 57.59
N VAL F 192 4.95 3.64 58.42
CA VAL F 192 3.90 4.58 58.09
C VAL F 192 4.36 5.53 56.97
N LEU F 193 5.57 6.09 57.04
CA LEU F 193 6.08 6.92 55.92
C LEU F 193 6.05 6.16 54.60
N VAL F 194 6.63 4.97 54.57
CA VAL F 194 6.63 4.15 53.36
C VAL F 194 5.22 3.63 53.00
N LEU F 195 4.39 3.30 53.99
CA LEU F 195 3.04 2.82 53.68
C LEU F 195 2.17 3.96 53.07
N LEU F 196 2.50 5.22 53.34
CA LEU F 196 1.73 6.36 52.79
C LEU F 196 2.17 6.71 51.38
N VAL F 197 3.48 6.72 51.14
CA VAL F 197 3.98 6.96 49.79
C VAL F 197 3.38 5.92 48.83
N ILE F 198 3.16 4.70 49.30
CA ILE F 198 2.50 3.70 48.49
C ILE F 198 1.02 3.97 48.37
N LEU F 199 0.40 4.54 49.39
CA LEU F 199 -1.02 4.84 49.31
C LEU F 199 -1.32 5.98 48.33
N VAL F 200 -0.33 6.82 48.11
CA VAL F 200 -0.45 7.91 47.13
C VAL F 200 -0.38 7.39 45.68
N TYR F 201 0.70 6.67 45.34
CA TYR F 201 0.88 6.09 44.00
C TYR F 201 -0.25 5.14 43.64
N LEU F 202 -0.92 4.60 44.64
CA LEU F 202 -2.00 3.66 44.37
C LEU F 202 -3.25 4.43 43.93
N ILE F 203 -3.46 5.64 44.45
CA ILE F 203 -4.57 6.47 43.98
C ILE F 203 -4.18 7.26 42.72
N GLN F 204 -2.88 7.42 42.53
CA GLN F 204 -2.31 8.06 41.35
C GLN F 204 -2.48 7.21 40.10
N PHE F 205 -2.00 5.97 40.20
CA PHE F 205 -2.09 4.98 39.14
C PHE F 205 -3.55 4.70 38.79
N ALA F 206 -4.36 4.38 39.78
CA ALA F 206 -5.77 4.10 39.54
C ALA F 206 -6.46 5.27 38.88
N GLY F 207 -6.03 6.47 39.24
CA GLY F 207 -6.57 7.68 38.65
C GLY F 207 -6.19 7.89 37.19
N ASP F 208 -4.94 7.64 36.84
CA ASP F 208 -4.50 7.75 35.45
C ASP F 208 -5.09 6.66 34.56
N ARG F 209 -5.32 5.49 35.15
CA ARG F 209 -5.93 4.39 34.41
C ARG F 209 -7.28 4.80 33.89
N ILE F 210 -8.01 5.56 34.69
CA ILE F 210 -9.33 6.02 34.29
C ILE F 210 -9.27 7.24 33.36
N VAL F 211 -8.29 8.12 33.56
CA VAL F 211 -8.09 9.20 32.61
C VAL F 211 -7.79 8.65 31.22
N ARG F 212 -6.79 7.78 31.10
CA ARG F 212 -6.42 7.17 29.81
C ARG F 212 -7.57 6.35 29.24
N ALA F 213 -8.30 5.64 30.10
CA ALA F 213 -9.42 4.79 29.67
C ALA F 213 -10.65 5.61 29.30
N VAL F 214 -10.59 6.92 29.53
CA VAL F 214 -11.71 7.76 29.18
C VAL F 214 -11.30 8.84 28.17
N THR F 215 -9.99 9.03 27.96
CA THR F 215 -9.56 9.95 26.88
C THR F 215 -9.78 9.39 25.46
N ARG F 216 -10.60 10.13 24.69
CA ARG F 216 -10.99 9.78 23.33
C ARG F 216 -10.69 10.93 22.39
N MET G 24 30.59 28.33 -0.40
CA MET G 24 30.36 27.96 0.99
C MET G 24 29.06 27.16 1.17
N ILE G 25 28.63 26.99 2.43
CA ILE G 25 27.45 26.18 2.75
C ILE G 25 27.25 24.94 1.82
N LYS G 26 28.32 24.18 1.68
CA LYS G 26 28.35 22.99 0.85
C LYS G 26 28.18 21.75 1.73
N LEU G 27 26.98 21.19 1.74
CA LEU G 27 26.74 20.04 2.57
C LEU G 27 26.62 18.77 1.73
N SER G 28 27.55 17.85 1.96
CA SER G 28 27.63 16.65 1.15
C SER G 28 27.18 15.43 1.94
N ASN G 29 26.32 14.62 1.31
CA ASN G 29 25.93 13.30 1.86
C ASN G 29 25.35 13.33 3.26
N ILE G 30 24.38 14.20 3.50
CA ILE G 30 23.73 14.25 4.81
C ILE G 30 22.66 13.17 5.00
N THR G 31 22.73 12.46 6.12
CA THR G 31 21.76 11.42 6.44
C THR G 31 21.41 11.62 7.89
N LYS G 32 20.13 11.78 8.16
CA LYS G 32 19.73 11.92 9.54
C LYS G 32 18.65 10.89 9.84
N VAL G 33 18.94 9.99 10.78
CA VAL G 33 18.01 8.97 11.22
C VAL G 33 17.65 9.25 12.68
N PHE G 34 16.41 8.95 13.07
CA PHE G 34 15.91 9.26 14.43
C PHE G 34 15.67 8.03 15.34
N HIS G 35 16.00 8.16 16.63
CA HIS G 35 16.00 7.03 17.58
C HIS G 35 15.01 7.15 18.77
N GLN G 36 14.15 6.14 18.92
CA GLN G 36 13.29 6.02 20.10
C GLN G 36 13.00 4.55 20.35
N GLY G 37 14.04 3.78 20.63
CA GLY G 37 13.89 2.35 20.88
C GLY G 37 13.59 1.52 19.64
N THR G 38 12.30 1.27 19.39
CA THR G 38 11.84 0.62 18.15
C THR G 38 11.55 1.67 17.06
N ARG G 39 11.05 2.83 17.49
CA ARG G 39 10.81 3.97 16.61
C ARG G 39 12.14 4.37 15.91
N THR G 40 12.19 4.17 14.60
CA THR G 40 13.36 4.50 13.79
C THR G 40 12.90 5.10 12.48
N ILE G 41 13.15 6.39 12.30
CA ILE G 41 12.80 7.06 11.05
C ILE G 41 14.02 7.73 10.44
N GLN G 42 14.11 7.73 9.11
CA GLN G 42 15.17 8.41 8.40
C GLN G 42 14.62 9.56 7.58
N ALA G 43 14.81 10.78 8.10
CA ALA G 43 14.30 12.01 7.49
C ALA G 43 15.15 12.50 6.33
N LEU G 44 16.44 12.11 6.33
CA LEU G 44 17.32 12.45 5.23
C LEU G 44 18.16 11.25 4.82
N ASN G 45 18.28 11.05 3.50
CA ASN G 45 19.07 9.95 2.95
C ASN G 45 19.92 10.48 1.81
N ASN G 46 21.20 10.64 2.11
CA ASN G 46 22.22 11.10 1.14
C ASN G 46 21.81 12.36 0.40
N VAL G 47 21.52 13.42 1.15
CA VAL G 47 21.23 14.73 0.60
C VAL G 47 22.49 15.53 0.39
N SER G 48 22.74 15.89 -0.87
CA SER G 48 23.93 16.67 -1.23
C SER G 48 23.54 18.02 -1.81
N LEU G 49 24.21 19.07 -1.39
CA LEU G 49 23.79 20.39 -1.79
C LEU G 49 24.89 21.44 -1.70
N HIS G 50 25.27 22.00 -2.84
CA HIS G 50 26.29 23.06 -2.90
C HIS G 50 25.57 24.36 -3.20
N VAL G 51 25.65 25.30 -2.27
CA VAL G 51 25.16 26.64 -2.56
C VAL G 51 26.32 27.59 -2.81
N PRO G 52 26.38 28.14 -4.02
CA PRO G 52 27.44 29.08 -4.36
C PRO G 52 27.28 30.36 -3.56
N ALA G 53 28.39 30.95 -3.13
CA ALA G 53 28.38 32.19 -2.34
C ALA G 53 27.59 33.28 -3.02
N GLY G 54 26.84 34.06 -2.24
CA GLY G 54 26.03 35.14 -2.76
C GLY G 54 24.89 34.63 -3.65
N GLN G 55 24.36 33.46 -3.32
CA GLN G 55 23.22 32.93 -4.05
C GLN G 55 22.00 32.64 -3.16
N ILE G 56 20.81 32.64 -3.74
CA ILE G 56 19.64 32.26 -2.98
C ILE G 56 19.10 30.97 -3.48
N TYR G 57 19.32 29.93 -2.68
CA TYR G 57 18.94 28.56 -2.97
C TYR G 57 17.71 28.25 -2.12
N GLY G 58 16.60 27.84 -2.76
CA GLY G 58 15.40 27.45 -2.05
C GLY G 58 15.14 25.94 -2.14
N VAL G 59 14.74 25.31 -1.04
CA VAL G 59 14.39 23.88 -1.02
C VAL G 59 12.88 23.71 -0.76
N ILE G 60 12.16 23.24 -1.76
CA ILE G 60 10.71 23.10 -1.64
C ILE G 60 10.25 21.64 -1.56
N GLY G 61 9.21 21.40 -0.77
CA GLY G 61 8.62 20.08 -0.63
C GLY G 61 7.40 20.13 0.28
N ALA G 62 6.52 19.14 0.17
CA ALA G 62 5.36 19.06 1.06
C ALA G 62 5.80 18.88 2.50
N SER G 63 4.83 18.90 3.42
CA SER G 63 5.08 18.79 4.86
C SER G 63 5.70 17.41 5.24
N GLY G 64 6.75 17.43 6.05
CA GLY G 64 7.39 16.22 6.52
C GLY G 64 8.31 15.51 5.53
N ALA G 65 8.76 16.23 4.51
CA ALA G 65 9.61 15.67 3.48
C ALA G 65 11.10 15.71 3.87
N GLY G 66 11.47 16.61 4.78
CA GLY G 66 12.83 16.68 5.29
C GLY G 66 13.44 18.07 5.31
N LYS G 67 12.59 19.09 5.16
CA LYS G 67 13.06 20.46 5.09
C LYS G 67 13.77 20.88 6.35
N SER G 68 13.04 20.88 7.47
CA SER G 68 13.55 21.38 8.77
C SER G 68 14.76 20.64 9.28
N THR G 69 14.74 19.32 9.08
CA THR G 69 15.86 18.49 9.44
C THR G 69 17.11 18.91 8.66
N LEU G 70 16.93 19.18 7.37
CA LEU G 70 18.04 19.62 6.51
C LEU G 70 18.49 21.02 6.87
N ILE G 71 17.52 21.90 7.03
CA ILE G 71 17.88 23.30 7.25
C ILE G 71 18.74 23.47 8.49
N ARG G 72 18.27 23.05 9.65
CA ARG G 72 19.06 23.19 10.87
C ARG G 72 20.22 22.22 10.87
N CYS G 73 20.32 21.43 9.81
CA CYS G 73 21.42 20.54 9.66
C CYS G 73 22.62 21.38 9.16
N VAL G 74 22.37 22.47 8.45
CA VAL G 74 23.45 23.44 8.13
C VAL G 74 24.09 24.06 9.35
N ASN G 75 23.23 24.37 10.32
CA ASN G 75 23.50 25.06 11.58
C ASN G 75 23.98 24.12 12.69
N LEU G 76 23.72 22.83 12.47
CA LEU G 76 24.02 21.78 13.44
C LEU G 76 23.05 21.76 14.62
N LEU G 77 21.91 22.43 14.46
CA LEU G 77 20.83 22.26 15.41
C LEU G 77 20.36 20.81 15.31
N GLU G 78 20.57 20.24 14.15
CA GLU G 78 20.31 18.82 13.98
C GLU G 78 21.67 18.24 13.54
N ARG G 79 22.07 17.12 14.13
CA ARG G 79 23.39 16.56 13.83
C ARG G 79 23.28 15.28 13.00
N PRO G 80 23.88 15.27 11.79
CA PRO G 80 23.72 14.17 10.83
C PRO G 80 24.26 12.84 11.34
N THR G 81 23.51 11.77 11.11
CA THR G 81 23.99 10.41 11.34
C THR G 81 25.25 10.15 10.53
N GLU G 82 25.23 10.65 9.29
CA GLU G 82 26.38 10.63 8.39
C GLU G 82 26.40 11.90 7.53
N GLY G 83 27.58 12.41 7.22
CA GLY G 83 27.68 13.53 6.29
C GLY G 83 28.68 14.58 6.70
N SER G 84 28.94 15.53 5.81
CA SER G 84 29.88 16.61 6.09
C SER G 84 29.28 17.97 5.78
N VAL G 85 29.19 18.82 6.79
CA VAL G 85 28.66 20.16 6.58
C VAL G 85 29.78 21.22 6.61
N LEU G 86 30.06 21.79 5.45
CA LEU G 86 31.11 22.80 5.30
C LEU G 86 30.49 24.15 5.07
N VAL G 87 31.11 25.20 5.60
CA VAL G 87 30.63 26.57 5.45
C VAL G 87 31.83 27.53 5.41
N ASP G 88 31.85 28.46 4.45
CA ASP G 88 32.96 29.40 4.36
C ASP G 88 34.29 28.64 4.28
N GLY G 89 34.25 27.38 3.84
CA GLY G 89 35.45 26.58 3.71
C GLY G 89 35.93 25.81 4.95
N GLN G 90 35.15 25.84 6.04
CA GLN G 90 35.49 25.11 7.28
C GLN G 90 34.46 24.03 7.69
N GLU G 91 34.94 22.92 8.21
CA GLU G 91 34.10 21.77 8.56
C GLU G 91 33.28 22.04 9.83
N LEU G 92 32.05 21.51 9.90
CA LEU G 92 31.21 21.68 11.09
C LEU G 92 30.93 20.38 11.88
N THR G 93 30.65 19.28 11.17
CA THR G 93 30.35 18.00 11.84
C THR G 93 31.39 17.68 12.90
N THR G 94 32.63 18.05 12.63
CA THR G 94 33.70 17.85 13.62
C THR G 94 34.24 19.17 14.15
N LEU G 95 33.63 19.69 15.21
CA LEU G 95 34.05 20.97 15.73
C LEU G 95 33.79 20.99 17.25
N SER G 96 34.62 21.73 17.96
CA SER G 96 34.48 21.91 19.40
C SER G 96 33.19 22.66 19.72
N GLU G 97 32.53 22.32 20.82
CA GLU G 97 31.28 22.99 21.20
C GLU G 97 31.47 24.50 21.40
N SER G 98 32.69 24.90 21.78
CA SER G 98 33.08 26.30 21.97
C SER G 98 33.35 27.05 20.66
N GLU G 99 33.66 26.28 19.61
CA GLU G 99 34.01 26.84 18.31
C GLU G 99 32.84 26.79 17.31
N LEU G 100 31.88 25.88 17.55
CA LEU G 100 30.59 25.93 16.85
C LEU G 100 30.02 27.29 17.13
N THR G 101 30.18 27.73 18.38
CA THR G 101 29.83 29.07 18.83
C THR G 101 30.43 30.16 17.94
N LYS G 102 31.75 30.07 17.68
CA LYS G 102 32.45 31.04 16.80
C LYS G 102 31.84 31.09 15.39
N ALA G 103 31.53 29.90 14.85
CA ALA G 103 31.03 29.75 13.48
C ALA G 103 29.55 30.07 13.36
N ARG G 104 28.79 29.73 14.40
CA ARG G 104 27.36 29.95 14.40
C ARG G 104 27.00 31.42 14.45
N ARG G 105 27.98 32.26 14.74
CA ARG G 105 27.79 33.70 14.63
C ARG G 105 27.84 34.15 13.17
N GLN G 106 28.40 33.30 12.30
CA GLN G 106 28.47 33.61 10.87
C GLN G 106 27.31 32.98 10.10
N ILE G 107 26.52 32.18 10.80
CA ILE G 107 25.37 31.50 10.24
C ILE G 107 24.11 31.90 10.98
N GLY G 108 23.44 32.94 10.50
CA GLY G 108 22.16 33.37 11.08
C GLY G 108 20.96 32.51 10.69
N MET G 109 19.88 32.60 11.46
CA MET G 109 18.68 31.79 11.19
C MET G 109 17.39 32.50 11.60
N ILE G 110 16.34 32.35 10.78
CA ILE G 110 15.00 32.86 11.12
C ILE G 110 13.90 31.78 10.97
N PHE G 111 12.78 31.95 11.67
CA PHE G 111 11.81 30.85 11.78
C PHE G 111 10.40 31.19 11.34
N GLN G 112 9.61 30.15 11.13
CA GLN G 112 8.21 30.29 10.75
C GLN G 112 7.43 31.06 11.83
N HIS G 113 7.80 30.80 13.08
CA HIS G 113 7.31 31.47 14.27
C HIS G 113 8.55 32.24 14.65
N PHE G 114 8.43 33.53 14.86
CA PHE G 114 9.59 34.39 15.01
C PHE G 114 10.55 34.08 16.16
N ASN G 115 10.00 33.65 17.29
CA ASN G 115 10.86 33.14 18.34
C ASN G 115 11.56 34.22 19.13
N LEU G 116 10.98 35.43 19.15
CA LEU G 116 11.49 36.54 19.96
C LEU G 116 11.19 36.39 21.48
N LEU G 117 12.11 36.83 22.33
CA LEU G 117 11.91 36.76 23.78
C LEU G 117 10.83 37.76 24.22
N SER G 118 9.82 37.28 24.97
CA SER G 118 8.77 38.15 25.54
C SER G 118 9.32 39.19 26.50
N SER G 119 10.30 38.77 27.30
CA SER G 119 11.01 39.62 28.26
C SER G 119 11.66 40.86 27.61
N ARG G 120 12.42 40.66 26.54
CA ARG G 120 13.17 41.74 25.92
C ARG G 120 12.40 42.52 24.87
N THR G 121 12.78 43.79 24.75
CA THR G 121 12.30 44.72 23.74
C THR G 121 12.86 44.40 22.36
N VAL G 122 12.43 45.13 21.33
CA VAL G 122 12.96 44.91 19.99
C VAL G 122 14.44 45.22 19.97
N PHE G 123 14.82 46.37 20.52
CA PHE G 123 16.23 46.72 20.65
C PHE G 123 16.89 45.56 21.37
N GLY G 124 16.15 44.99 22.32
CA GLY G 124 16.66 43.90 23.13
C GLY G 124 16.78 42.57 22.42
N ASN G 125 15.68 42.14 21.78
CA ASN G 125 15.66 40.88 21.07
C ASN G 125 16.78 40.77 20.08
N VAL G 126 17.17 41.91 19.53
CA VAL G 126 18.21 41.99 18.53
C VAL G 126 19.61 41.96 19.13
N ALA G 127 19.74 42.51 20.33
CA ALA G 127 21.05 42.64 20.95
C ALA G 127 21.60 41.33 21.50
N LEU G 128 20.73 40.35 21.70
CA LEU G 128 21.07 39.07 22.32
C LEU G 128 22.32 38.37 21.78
N PRO G 129 22.43 38.25 20.45
CA PRO G 129 23.57 37.53 19.87
C PRO G 129 24.90 38.22 20.21
N LEU G 130 24.85 39.55 20.30
CA LEU G 130 26.03 40.34 20.64
C LEU G 130 26.45 40.13 22.09
N GLU G 131 25.47 40.03 22.99
CA GLU G 131 25.74 39.83 24.41
C GLU G 131 26.30 38.45 24.69
N LEU G 132 26.04 37.50 23.81
CA LEU G 132 26.60 36.15 23.97
C LEU G 132 28.13 36.15 23.85
N ASP G 133 28.65 36.92 22.89
CA ASP G 133 30.09 37.16 22.75
C ASP G 133 30.34 38.52 23.36
N ASN G 134 31.21 38.57 24.34
CA ASN G 134 31.39 39.81 25.05
C ASN G 134 31.70 40.94 24.06
N THR G 135 31.00 42.06 24.22
CA THR G 135 31.22 43.21 23.36
C THR G 135 31.02 44.49 24.18
N PRO G 136 31.69 45.58 23.77
CA PRO G 136 31.51 46.87 24.43
C PRO G 136 30.07 47.40 24.35
N LYS G 137 29.55 47.93 25.45
CA LYS G 137 28.19 48.44 25.47
C LYS G 137 28.05 49.64 24.52
N ASP G 138 29.06 50.51 24.47
CA ASP G 138 29.11 51.62 23.51
C ASP G 138 29.01 51.12 22.07
N GLU G 139 29.69 50.01 21.79
CA GLU G 139 29.67 49.35 20.48
C GLU G 139 28.34 48.63 20.22
N VAL G 140 27.79 48.01 21.26
CA VAL G 140 26.49 47.37 21.16
C VAL G 140 25.40 48.40 20.89
N LYS G 141 25.38 49.48 21.66
CA LYS G 141 24.38 50.54 21.47
C LYS G 141 24.33 50.98 20.02
N ARG G 142 25.49 51.29 19.46
CA ARG G 142 25.55 51.79 18.08
C ARG G 142 25.25 50.75 17.00
N ARG G 143 25.76 49.53 17.17
CA ARG G 143 25.58 48.48 16.15
C ARG G 143 24.16 47.95 16.04
N VAL G 144 23.44 47.88 17.16
CA VAL G 144 22.06 47.44 17.08
C VAL G 144 21.21 48.55 16.47
N THR G 145 21.52 49.80 16.78
CA THR G 145 20.75 50.91 16.21
C THR G 145 20.75 50.97 14.68
N GLU G 146 21.84 50.48 14.06
CA GLU G 146 21.97 50.48 12.60
C GLU G 146 20.95 49.57 11.94
N LEU G 147 21.01 48.30 12.32
CA LEU G 147 20.19 47.26 11.71
C LEU G 147 18.68 47.48 11.92
N LEU G 148 18.28 48.05 13.05
CA LEU G 148 16.89 48.37 13.25
C LEU G 148 16.46 49.47 12.30
N SER G 149 17.40 50.32 11.88
CA SER G 149 17.10 51.35 10.91
C SER G 149 17.05 50.78 9.50
N LEU G 150 17.90 49.79 9.23
CA LEU G 150 18.01 49.11 7.94
C LEU G 150 16.74 48.31 7.60
N VAL G 151 16.22 47.58 8.58
CA VAL G 151 14.92 46.92 8.40
C VAL G 151 13.80 47.93 8.66
N GLY G 152 14.19 49.16 8.97
CA GLY G 152 13.23 50.25 9.16
C GLY G 152 12.47 50.20 10.46
N LEU G 153 13.12 49.76 11.53
CA LEU G 153 12.48 49.65 12.84
C LEU G 153 13.02 50.66 13.86
N GLY G 154 13.75 51.68 13.41
CA GLY G 154 14.23 52.73 14.30
C GLY G 154 13.08 53.50 14.93
N ASP G 155 11.92 53.44 14.28
CA ASP G 155 10.68 54.06 14.76
C ASP G 155 10.20 53.41 16.06
N LYS G 156 10.06 52.09 16.03
CA LYS G 156 9.54 51.36 17.18
C LYS G 156 10.68 50.65 17.93
N HIS G 157 11.59 51.48 18.45
CA HIS G 157 12.87 51.03 19.02
C HIS G 157 12.76 50.29 20.34
N ASP G 158 11.79 50.71 21.16
CA ASP G 158 11.60 50.18 22.52
C ASP G 158 10.37 49.27 22.68
N SER G 159 9.67 48.99 21.59
CA SER G 159 8.44 48.18 21.68
C SER G 159 8.71 46.69 21.99
N TYR G 160 7.76 46.03 22.64
CA TYR G 160 7.93 44.60 22.92
C TYR G 160 7.36 43.75 21.80
N PRO G 161 7.77 42.48 21.73
CA PRO G 161 7.25 41.56 20.72
C PRO G 161 5.73 41.57 20.65
N SER G 162 5.05 41.73 21.78
CA SER G 162 3.58 41.73 21.80
C SER G 162 2.98 42.81 20.90
N ASN G 163 3.61 43.99 20.93
CA ASN G 163 3.16 45.13 20.15
C ASN G 163 3.37 44.93 18.66
N LEU G 164 4.38 44.15 18.29
CA LEU G 164 4.70 43.97 16.89
C LEU G 164 3.84 42.90 16.21
N SER G 165 3.51 43.11 14.94
CA SER G 165 2.83 42.11 14.12
C SER G 165 3.83 41.25 13.34
N GLY G 166 3.34 40.15 12.77
CA GLY G 166 4.17 39.20 12.05
C GLY G 166 5.30 39.83 11.28
N GLY G 167 4.96 40.81 10.44
CA GLY G 167 5.90 41.45 9.52
C GLY G 167 7.05 42.09 10.27
N GLN G 168 6.71 42.79 11.33
CA GLN G 168 7.73 43.48 12.10
C GLN G 168 8.41 42.60 13.15
N LYS G 169 7.73 41.56 13.59
CA LYS G 169 8.39 40.55 14.43
C LYS G 169 9.46 39.87 13.61
N GLN G 170 9.14 39.61 12.33
CA GLN G 170 10.04 38.95 11.40
C GLN G 170 11.13 39.88 10.93
N ARG G 171 10.81 41.17 10.91
CA ARG G 171 11.80 42.21 10.59
C ARG G 171 12.85 42.33 11.68
N VAL G 172 12.41 42.10 12.90
CA VAL G 172 13.35 42.15 14.00
C VAL G 172 14.19 40.87 14.08
N ALA G 173 13.60 39.73 13.73
CA ALA G 173 14.34 38.49 13.72
C ALA G 173 15.46 38.56 12.71
N ILE G 174 15.19 39.22 11.58
CA ILE G 174 16.18 39.43 10.52
C ILE G 174 17.30 40.31 10.99
N ALA G 175 16.94 41.42 11.60
CA ALA G 175 17.93 42.30 12.15
C ALA G 175 18.81 41.59 13.16
N ARG G 176 18.24 40.59 13.85
CA ARG G 176 18.98 39.82 14.84
C ARG G 176 20.00 38.88 14.22
N ALA G 177 19.58 38.17 13.18
CA ALA G 177 20.48 37.25 12.52
C ALA G 177 21.67 38.02 11.94
N LEU G 178 21.41 39.22 11.42
CA LEU G 178 22.43 40.06 10.75
C LEU G 178 23.35 40.80 11.71
N ALA G 179 22.95 40.88 12.97
CA ALA G 179 23.74 41.57 13.98
C ALA G 179 25.19 41.07 14.03
N SER G 180 25.35 39.75 14.02
CA SER G 180 26.68 39.15 14.05
C SER G 180 27.41 39.17 12.69
N ASN G 181 26.94 39.99 11.75
CA ASN G 181 27.61 40.15 10.45
C ASN G 181 27.95 38.82 9.73
N PRO G 182 26.94 37.94 9.60
CA PRO G 182 27.15 36.54 9.22
C PRO G 182 27.44 36.40 7.75
N LYS G 183 27.98 35.25 7.35
CA LYS G 183 28.24 34.96 5.95
C LYS G 183 27.00 34.32 5.28
N VAL G 184 26.28 33.49 6.04
CA VAL G 184 25.11 32.74 5.60
C VAL G 184 23.86 33.18 6.37
N LEU G 185 22.72 33.08 5.71
CA LEU G 185 21.40 33.24 6.36
C LEU G 185 20.49 32.06 6.01
N LEU G 186 19.76 31.56 7.00
CA LEU G 186 18.90 30.40 6.83
C LEU G 186 17.43 30.79 7.13
N CYS G 187 16.49 30.37 6.27
CA CYS G 187 15.09 30.71 6.51
C CYS G 187 14.20 29.49 6.57
N ASP G 188 13.73 29.20 7.79
CA ASP G 188 12.87 28.07 8.08
C ASP G 188 11.40 28.44 7.86
N GLN G 189 10.89 28.26 6.65
CA GLN G 189 9.50 28.63 6.35
C GLN G 189 9.14 30.07 6.80
N ALA G 190 10.07 31.04 6.63
CA ALA G 190 10.01 32.39 7.25
C ALA G 190 8.76 33.26 7.00
N THR G 191 8.18 33.15 5.80
CA THR G 191 7.01 33.92 5.40
C THR G 191 5.75 33.05 5.31
N SER G 192 5.91 31.80 5.73
CA SER G 192 4.93 30.73 5.58
C SER G 192 3.69 31.10 6.40
N ALA G 193 3.92 31.93 7.41
CA ALA G 193 2.84 32.32 8.31
C ALA G 193 2.53 33.80 8.24
N LEU G 194 2.89 34.42 7.11
CA LEU G 194 2.64 35.84 6.85
C LEU G 194 1.58 36.04 5.74
N ASP G 195 0.80 37.10 5.84
CA ASP G 195 -0.14 37.46 4.78
C ASP G 195 0.60 37.91 3.52
N PRO G 196 0.05 37.61 2.34
CA PRO G 196 0.67 37.85 1.02
C PRO G 196 1.35 39.21 0.86
N ALA G 197 0.75 40.27 1.40
CA ALA G 197 1.30 41.62 1.31
C ALA G 197 2.68 41.73 1.97
N THR G 198 2.79 41.20 3.18
CA THR G 198 4.03 41.27 3.94
C THR G 198 5.07 40.26 3.46
N THR G 199 4.61 39.12 2.95
CA THR G 199 5.50 38.10 2.40
C THR G 199 6.47 38.73 1.42
N ARG G 200 5.94 39.59 0.54
CA ARG G 200 6.75 40.25 -0.48
C ARG G 200 7.70 41.29 0.08
N SER G 201 7.19 42.08 1.00
CA SER G 201 8.00 43.13 1.58
C SER G 201 9.30 42.55 2.13
N ILE G 202 9.19 41.43 2.83
CA ILE G 202 10.36 40.75 3.42
C ILE G 202 11.24 40.04 2.37
N LEU G 203 10.60 39.43 1.37
CA LEU G 203 11.34 38.68 0.38
C LEU G 203 12.17 39.61 -0.43
N GLU G 204 11.58 40.71 -0.85
CA GLU G 204 12.33 41.75 -1.57
C GLU G 204 13.51 42.23 -0.71
N LEU G 205 13.25 42.32 0.59
CA LEU G 205 14.24 42.74 1.56
C LEU G 205 15.42 41.78 1.66
N LEU G 206 15.11 40.49 1.81
CA LEU G 206 16.14 39.48 1.88
C LEU G 206 16.94 39.46 0.60
N LYS G 207 16.25 39.64 -0.52
CA LYS G 207 16.93 39.72 -1.82
C LYS G 207 17.83 40.93 -1.83
N ASP G 208 17.29 42.04 -1.34
CA ASP G 208 18.03 43.30 -1.26
C ASP G 208 19.41 43.10 -0.63
N ILE G 209 19.40 42.74 0.65
CA ILE G 209 20.66 42.52 1.36
C ILE G 209 21.52 41.43 0.68
N ASN G 210 20.90 40.43 0.05
CA ASN G 210 21.68 39.39 -0.61
C ASN G 210 22.62 39.92 -1.68
N ARG G 211 22.07 40.69 -2.63
CA ARG G 211 22.84 41.26 -3.74
C ARG G 211 23.48 42.62 -3.41
N ARG G 212 22.99 43.30 -2.38
CA ARG G 212 23.62 44.52 -1.89
C ARG G 212 24.90 44.18 -1.09
N LEU G 213 24.79 43.22 -0.16
CA LEU G 213 25.89 42.83 0.75
C LEU G 213 26.57 41.50 0.45
N GLY G 214 25.93 40.66 -0.35
CA GLY G 214 26.50 39.38 -0.75
C GLY G 214 26.23 38.19 0.17
N LEU G 215 25.14 38.26 0.93
CA LEU G 215 24.84 37.27 1.96
C LEU G 215 24.28 36.01 1.31
N THR G 216 24.99 34.90 1.43
CA THR G 216 24.48 33.64 0.85
C THR G 216 23.26 33.25 1.65
N ILE G 217 22.18 32.84 0.99
CA ILE G 217 20.90 32.49 1.65
C ILE G 217 20.42 31.10 1.28
N LEU G 218 19.98 30.30 2.25
CA LEU G 218 19.33 28.99 2.00
C LEU G 218 17.97 29.00 2.69
N LEU G 219 16.91 28.69 1.95
CA LEU G 219 15.57 28.68 2.57
C LEU G 219 14.76 27.44 2.26
N ILE G 220 13.70 27.21 3.04
CA ILE G 220 12.80 26.06 2.83
C ILE G 220 11.35 26.52 2.90
N THR G 221 10.51 26.06 1.97
CA THR G 221 9.08 26.40 1.98
C THR G 221 8.26 25.32 1.30
N HIS G 222 6.97 25.33 1.60
CA HIS G 222 5.98 24.56 0.83
C HIS G 222 5.33 25.48 -0.19
N GLU G 223 5.87 26.70 -0.28
CA GLU G 223 5.39 27.75 -1.16
C GLU G 223 6.29 27.84 -2.39
N MET G 224 5.75 27.59 -3.59
CA MET G 224 6.57 27.74 -4.79
C MET G 224 6.87 29.19 -5.15
N ASP G 225 5.99 30.11 -4.73
CA ASP G 225 6.12 31.54 -5.05
C ASP G 225 7.40 32.13 -4.54
N VAL G 226 7.81 31.66 -3.37
CA VAL G 226 9.03 32.11 -2.74
C VAL G 226 10.22 31.68 -3.57
N VAL G 227 10.17 30.45 -4.04
CA VAL G 227 11.20 29.95 -4.92
C VAL G 227 11.22 30.87 -6.11
N LYS G 228 10.04 31.05 -6.70
CA LYS G 228 9.85 31.86 -7.91
C LYS G 228 10.33 33.29 -7.74
N ARG G 229 9.93 33.92 -6.65
CA ARG G 229 10.26 35.31 -6.48
C ARG G 229 11.75 35.55 -6.22
N ILE G 230 12.40 34.76 -5.38
CA ILE G 230 13.75 35.13 -4.95
C ILE G 230 14.88 34.12 -5.12
N CYS G 231 14.59 32.93 -5.63
CA CYS G 231 15.64 31.90 -5.68
C CYS G 231 16.47 31.89 -6.98
N ASP G 232 17.76 31.61 -6.85
CA ASP G 232 18.60 31.42 -8.01
C ASP G 232 18.63 29.93 -8.36
N CYS G 233 18.85 29.09 -7.36
CA CYS G 233 18.76 27.64 -7.55
C CYS G 233 17.61 27.09 -6.69
N VAL G 234 17.09 25.92 -7.02
CA VAL G 234 15.99 25.35 -6.26
C VAL G 234 16.03 23.83 -6.29
N ALA G 235 15.79 23.22 -5.15
CA ALA G 235 15.74 21.79 -5.07
C ALA G 235 14.35 21.37 -4.61
N VAL G 236 13.74 20.43 -5.34
CA VAL G 236 12.52 19.81 -4.83
C VAL G 236 12.91 18.58 -3.96
N ILE G 237 12.37 18.53 -2.74
CA ILE G 237 12.64 17.46 -1.78
C ILE G 237 11.39 16.64 -1.41
N SER G 238 11.54 15.33 -1.43
CA SER G 238 10.41 14.48 -1.16
C SER G 238 10.94 13.11 -0.64
N ASN G 239 10.39 12.73 0.53
CA ASN G 239 10.80 11.55 1.34
C ASN G 239 12.28 11.49 1.70
N GLY G 240 12.83 12.61 2.17
CA GLY G 240 14.22 12.74 2.54
C GLY G 240 15.08 12.80 1.30
N GLU G 241 14.45 12.95 0.14
CA GLU G 241 15.16 12.85 -1.13
C GLU G 241 15.03 14.14 -1.92
N LEU G 242 16.14 14.53 -2.52
CA LEU G 242 16.12 15.61 -3.49
C LEU G 242 15.84 14.98 -4.84
N ILE G 243 14.58 15.02 -5.27
CA ILE G 243 14.20 14.39 -6.53
C ILE G 243 14.74 15.13 -7.81
N GLU G 244 14.72 16.46 -7.79
CA GLU G 244 15.24 17.29 -8.89
C GLU G 244 16.02 18.45 -8.28
N GLN G 245 17.12 18.84 -8.88
CA GLN G 245 18.00 19.81 -8.28
C GLN G 245 18.64 20.67 -9.35
N ASP G 246 18.25 21.95 -9.47
CA ASP G 246 18.81 22.78 -10.54
C ASP G 246 18.75 24.28 -10.32
N THR G 247 18.95 25.06 -11.37
CA THR G 247 18.69 26.50 -11.26
C THR G 247 17.19 26.66 -11.38
N VAL G 248 16.70 27.82 -10.95
CA VAL G 248 15.28 28.13 -10.97
C VAL G 248 14.70 28.12 -12.39
N SER G 249 15.32 28.87 -13.29
CA SER G 249 14.87 28.95 -14.68
C SER G 249 14.72 27.58 -15.38
N GLU G 250 15.71 26.70 -15.17
CA GLU G 250 15.72 25.38 -15.79
C GLU G 250 14.68 24.51 -15.16
N VAL G 251 14.55 24.55 -13.84
CA VAL G 251 13.51 23.77 -13.18
C VAL G 251 12.07 24.14 -13.61
N PHE G 252 11.78 25.44 -13.77
CA PHE G 252 10.46 25.94 -14.20
C PHE G 252 10.07 25.66 -15.66
N SER G 253 10.94 26.08 -16.57
CA SER G 253 10.72 25.82 -17.97
C SER G 253 11.03 24.36 -18.32
N HIS G 254 11.87 23.72 -17.53
CA HIS G 254 12.19 22.30 -17.73
C HIS G 254 12.15 21.42 -16.45
N PRO G 255 10.93 21.09 -15.97
CA PRO G 255 10.77 20.27 -14.77
C PRO G 255 10.97 18.77 -15.06
N LYS G 256 11.87 18.10 -14.32
CA LYS G 256 12.19 16.69 -14.58
C LYS G 256 11.07 15.76 -14.13
N THR G 257 10.60 16.02 -12.92
CA THR G 257 9.71 15.14 -12.19
C THR G 257 8.29 15.66 -12.19
N PRO G 258 7.30 14.74 -12.23
CA PRO G 258 5.91 15.15 -12.11
C PRO G 258 5.68 16.07 -10.94
N LEU G 259 6.44 15.89 -9.87
CA LEU G 259 6.21 16.73 -8.70
C LEU G 259 6.58 18.19 -8.93
N ALA G 260 7.80 18.45 -9.42
CA ALA G 260 8.19 19.83 -9.72
C ALA G 260 7.12 20.49 -10.60
N GLN G 261 6.67 19.79 -11.64
CA GLN G 261 5.60 20.28 -12.50
C GLN G 261 4.40 20.66 -11.70
N LYS G 262 4.19 19.93 -10.62
CA LYS G 262 3.01 20.16 -9.80
C LYS G 262 3.07 21.49 -9.06
N PHE G 263 4.23 21.77 -8.44
CA PHE G 263 4.50 23.06 -7.81
C PHE G 263 4.50 24.22 -8.80
N ILE G 264 5.11 24.01 -9.96
CA ILE G 264 5.13 25.02 -11.01
C ILE G 264 3.74 25.30 -11.57
N GLN G 265 3.01 24.25 -11.92
CA GLN G 265 1.70 24.48 -12.47
C GLN G 265 0.86 25.35 -11.54
N SER G 266 0.95 25.07 -10.25
CA SER G 266 0.22 25.88 -9.27
C SER G 266 0.61 27.36 -9.31
N THR G 267 1.91 27.64 -9.36
CA THR G 267 2.33 29.04 -9.35
C THR G 267 1.77 29.82 -10.53
N LEU G 268 1.49 29.12 -11.63
CA LEU G 268 0.97 29.79 -12.81
C LEU G 268 -0.55 29.91 -12.75
N HIS G 269 -1.17 29.16 -11.84
CA HIS G 269 -2.62 29.22 -11.60
C HIS G 269 -3.51 28.68 -12.73
N LEU G 270 -3.20 27.46 -13.19
CA LEU G 270 -3.97 26.76 -14.22
C LEU G 270 -5.15 25.95 -13.70
N ASP G 271 -6.26 25.94 -14.44
CA ASP G 271 -7.48 25.42 -13.84
C ASP G 271 -7.84 23.95 -14.13
N ILE G 272 -7.86 23.51 -15.38
CA ILE G 272 -8.29 22.12 -15.70
C ILE G 272 -9.65 21.66 -15.10
N PRO G 273 -10.75 22.41 -15.36
CA PRO G 273 -12.04 22.29 -14.66
C PRO G 273 -12.44 20.89 -14.26
N GLU G 274 -13.12 20.78 -13.13
CA GLU G 274 -13.51 19.48 -12.59
C GLU G 274 -14.22 18.62 -13.61
N ASP G 275 -15.16 19.22 -14.34
CA ASP G 275 -15.91 18.45 -15.34
C ASP G 275 -15.03 17.69 -16.32
N TYR G 276 -13.96 18.31 -16.78
CA TYR G 276 -13.00 17.62 -17.65
C TYR G 276 -12.25 16.51 -16.91
N GLN G 277 -11.62 16.88 -15.79
CA GLN G 277 -10.82 15.96 -15.00
C GLN G 277 -11.60 14.70 -14.63
N GLU G 278 -12.84 14.89 -14.23
CA GLU G 278 -13.66 13.77 -13.78
C GLU G 278 -13.93 12.80 -14.91
N ARG G 279 -14.22 13.36 -16.09
CA ARG G 279 -14.36 12.54 -17.27
C ARG G 279 -13.06 12.39 -18.08
N LEU G 280 -11.94 12.40 -17.39
CA LEU G 280 -10.65 12.15 -18.01
C LEU G 280 -10.11 10.76 -17.62
N GLN G 281 -10.08 9.87 -18.61
CA GLN G 281 -9.61 8.49 -18.40
C GLN G 281 -8.16 8.30 -18.86
N ALA G 282 -7.47 7.32 -18.28
CA ALA G 282 -6.06 7.07 -18.58
C ALA G 282 -5.81 6.34 -19.91
N GLU G 283 -6.83 5.68 -20.47
CA GLU G 283 -6.68 4.89 -21.70
C GLU G 283 -7.64 5.35 -22.79
N PRO G 284 -7.18 5.28 -24.05
CA PRO G 284 -7.94 5.81 -25.18
C PRO G 284 -9.24 5.04 -25.51
N PHE G 285 -10.23 5.75 -26.04
CA PHE G 285 -11.49 5.12 -26.46
C PHE G 285 -11.97 5.59 -27.84
N THR G 286 -13.13 5.09 -28.28
CA THR G 286 -13.68 5.41 -29.61
C THR G 286 -14.20 6.84 -29.72
N ASP G 287 -13.78 7.53 -30.77
CA ASP G 287 -14.13 8.94 -30.97
C ASP G 287 -13.60 9.88 -29.88
N CYS G 288 -12.45 9.53 -29.29
CA CYS G 288 -11.87 10.35 -28.22
C CYS G 288 -10.85 11.39 -28.71
N VAL G 289 -10.86 12.57 -28.10
CA VAL G 289 -9.76 13.53 -28.24
C VAL G 289 -8.88 13.41 -26.99
N PRO G 290 -7.56 13.54 -27.14
CA PRO G 290 -6.62 13.46 -26.00
C PRO G 290 -6.43 14.80 -25.25
N MET G 291 -6.18 14.72 -23.95
CA MET G 291 -5.85 15.88 -23.12
C MET G 291 -4.33 16.09 -23.19
N LEU G 292 -3.94 17.22 -23.76
CA LEU G 292 -2.54 17.53 -23.94
C LEU G 292 -2.07 18.65 -23.06
N ARG G 293 -0.94 18.45 -22.39
CA ARG G 293 -0.32 19.48 -21.59
C ARG G 293 0.98 19.94 -22.23
N LEU G 294 0.93 21.12 -22.85
CA LEU G 294 2.02 21.65 -23.63
C LEU G 294 2.90 22.59 -22.79
N GLU G 295 4.19 22.30 -22.76
CA GLU G 295 5.16 23.20 -22.14
C GLU G 295 5.84 24.00 -23.24
N PHE G 296 5.96 25.31 -23.04
CA PHE G 296 6.61 26.21 -23.98
C PHE G 296 7.94 26.77 -23.40
N THR G 297 8.95 26.91 -24.26
CA THR G 297 10.24 27.34 -23.76
C THR G 297 10.89 28.41 -24.67
N GLY G 298 11.35 29.50 -24.02
CA GLY G 298 12.04 30.59 -24.67
C GLY G 298 11.21 31.20 -25.79
N GLN G 299 11.66 30.95 -27.01
CA GLN G 299 11.03 31.41 -28.25
C GLN G 299 9.65 30.82 -28.47
N SER G 300 9.48 29.59 -28.03
CA SER G 300 8.27 28.88 -28.33
C SER G 300 7.05 29.61 -27.75
N VAL G 301 7.26 30.37 -26.69
CA VAL G 301 6.17 30.95 -25.88
C VAL G 301 5.37 32.05 -26.54
N ASP G 302 6.09 33.01 -27.09
CA ASP G 302 5.50 34.16 -27.76
C ASP G 302 5.24 33.90 -29.25
N ALA G 303 5.15 32.64 -29.64
CA ALA G 303 4.88 32.29 -31.02
C ALA G 303 3.46 31.79 -31.18
N PRO G 304 2.78 32.16 -32.27
CA PRO G 304 1.39 31.75 -32.49
C PRO G 304 1.30 30.35 -33.04
N LEU G 305 1.59 29.34 -32.21
CA LEU G 305 1.76 27.97 -32.65
C LEU G 305 0.49 27.16 -32.71
N LEU G 306 -0.44 27.47 -31.82
CA LEU G 306 -1.69 26.72 -31.76
C LEU G 306 -2.60 27.18 -32.86
N SER G 307 -2.38 28.42 -33.31
CA SER G 307 -3.12 28.96 -34.44
C SER G 307 -2.64 28.37 -35.75
N GLU G 308 -1.34 28.20 -35.81
CA GLU G 308 -0.66 27.61 -36.95
C GLU G 308 -0.94 26.11 -37.07
N THR G 309 -0.83 25.33 -35.99
CA THR G 309 -1.12 23.89 -36.10
C THR G 309 -2.50 23.70 -36.67
N ALA G 310 -3.39 24.64 -36.40
CA ALA G 310 -4.78 24.56 -36.86
C ALA G 310 -4.85 24.50 -38.39
N ARG G 311 -4.17 25.42 -39.06
CA ARG G 311 -4.12 25.43 -40.54
C ARG G 311 -3.30 24.29 -41.11
N ARG G 312 -2.03 24.18 -40.70
CA ARG G 312 -1.11 23.17 -41.23
C ARG G 312 -1.62 21.75 -41.23
N PHE G 313 -2.33 21.36 -40.17
CA PHE G 313 -2.79 19.96 -40.03
C PHE G 313 -4.31 19.86 -39.93
N ASN G 314 -4.97 21.00 -39.98
CA ASN G 314 -6.41 21.09 -39.84
C ASN G 314 -6.99 20.18 -38.75
N VAL G 315 -6.42 20.31 -37.55
CA VAL G 315 -6.91 19.70 -36.31
C VAL G 315 -7.17 20.85 -35.35
N ASN G 316 -8.38 21.41 -35.40
CA ASN G 316 -8.76 22.56 -34.60
C ASN G 316 -8.96 22.18 -33.12
N ASN G 317 -8.09 22.68 -32.24
CA ASN G 317 -8.06 22.27 -30.84
C ASN G 317 -8.68 23.23 -29.82
N ASN G 318 -9.13 22.65 -28.71
CA ASN G 318 -9.80 23.40 -27.69
C ASN G 318 -8.94 23.67 -26.46
N ILE G 319 -8.62 24.95 -26.20
CA ILE G 319 -7.76 25.32 -25.06
C ILE G 319 -8.49 25.69 -23.78
N ILE G 320 -8.24 24.90 -22.72
CA ILE G 320 -8.85 25.07 -21.41
C ILE G 320 -8.13 26.14 -20.58
N SER G 321 -6.81 26.00 -20.43
CA SER G 321 -6.02 26.97 -19.68
C SER G 321 -4.64 27.22 -20.30
N ALA G 322 -4.17 28.47 -20.19
CA ALA G 322 -2.86 28.85 -20.71
C ALA G 322 -2.31 29.97 -19.87
N GLN G 323 -0.99 29.97 -19.71
CA GLN G 323 -0.34 31.06 -18.98
C GLN G 323 1.14 31.29 -19.30
N MET G 324 1.54 32.56 -19.25
CA MET G 324 2.87 33.05 -19.55
C MET G 324 3.62 33.34 -18.29
N ASP G 325 4.94 33.25 -18.31
CA ASP G 325 5.70 33.79 -17.20
C ASP G 325 7.21 33.77 -17.31
N TYR G 326 7.85 34.46 -16.39
CA TYR G 326 9.31 34.48 -16.28
C TYR G 326 9.68 33.77 -14.99
N ALA G 327 10.63 32.87 -15.08
CA ALA G 327 11.17 32.26 -13.89
C ALA G 327 12.68 32.37 -14.00
N GLY G 328 13.27 33.15 -13.11
CA GLY G 328 14.70 33.37 -13.20
C GLY G 328 15.25 34.15 -14.40
N GLY G 329 14.43 35.04 -14.98
CA GLY G 329 14.84 35.84 -16.12
C GLY G 329 14.51 35.27 -17.51
N VAL G 330 14.23 33.97 -17.55
CA VAL G 330 13.84 33.27 -18.78
C VAL G 330 12.34 33.04 -18.86
N LYS G 331 11.72 33.23 -20.02
CA LYS G 331 10.27 33.12 -20.14
C LYS G 331 9.80 31.68 -20.38
N PHE G 332 8.60 31.38 -19.89
CA PHE G 332 7.99 30.08 -20.11
C PHE G 332 6.47 30.13 -20.10
N GLY G 333 5.84 29.02 -20.40
CA GLY G 333 4.41 28.96 -20.26
C GLY G 333 3.88 27.55 -20.41
N ILE G 334 2.69 27.29 -19.87
CA ILE G 334 2.10 25.99 -19.97
C ILE G 334 0.72 26.10 -20.49
N MET G 335 0.27 25.11 -21.22
CA MET G 335 -1.09 25.17 -21.76
C MET G 335 -1.89 23.86 -21.74
N LEU G 336 -3.16 23.96 -21.37
CA LEU G 336 -4.04 22.79 -21.34
C LEU G 336 -5.02 22.84 -22.50
N THR G 337 -4.86 21.90 -23.44
CA THR G 337 -5.79 21.80 -24.58
C THR G 337 -6.12 20.33 -24.89
N GLU G 338 -7.18 20.16 -25.69
CA GLU G 338 -7.53 18.88 -26.32
C GLU G 338 -7.74 19.10 -27.82
N MET G 339 -7.18 18.20 -28.64
CA MET G 339 -7.14 18.37 -30.10
C MET G 339 -8.36 17.82 -30.89
N HIS G 340 -9.18 18.73 -31.42
CA HIS G 340 -10.38 18.34 -32.16
C HIS G 340 -10.18 18.25 -33.69
N GLY G 341 -9.92 17.04 -34.19
CA GLY G 341 -9.79 16.78 -35.61
C GLY G 341 -9.71 15.29 -35.86
N THR G 342 -9.08 14.90 -36.98
CA THR G 342 -8.91 13.49 -37.33
C THR G 342 -7.85 12.84 -36.46
N GLN G 343 -7.39 11.66 -36.86
CA GLN G 343 -6.50 10.84 -36.05
C GLN G 343 -5.05 10.95 -36.51
N GLN G 344 -4.87 11.12 -37.81
CA GLN G 344 -3.54 11.25 -38.43
C GLN G 344 -2.92 12.60 -38.09
N ASP G 345 -3.74 13.64 -38.24
CA ASP G 345 -3.34 15.02 -37.93
C ASP G 345 -2.84 15.14 -36.50
N THR G 346 -3.60 14.59 -35.57
CA THR G 346 -3.24 14.64 -34.16
C THR G 346 -1.77 14.32 -33.98
N GLN G 347 -1.32 13.17 -34.48
CA GLN G 347 0.08 12.78 -34.29
C GLN G 347 1.05 13.78 -34.94
N ALA G 348 0.76 14.19 -36.17
CA ALA G 348 1.65 15.11 -36.91
C ALA G 348 1.83 16.45 -36.20
N ALA G 349 0.73 16.99 -35.68
CA ALA G 349 0.76 18.24 -34.92
C ALA G 349 1.63 18.13 -33.65
N ILE G 350 1.41 17.08 -32.86
CA ILE G 350 2.31 16.79 -31.76
C ILE G 350 3.78 16.85 -32.21
N ALA G 351 4.13 16.05 -33.21
CA ALA G 351 5.48 15.98 -33.71
C ALA G 351 6.02 17.35 -34.03
N TRP G 352 5.18 18.17 -34.65
CA TRP G 352 5.49 19.58 -35.02
C TRP G 352 5.67 20.52 -33.82
N LEU G 353 4.72 20.49 -32.90
CA LEU G 353 4.87 21.24 -31.70
C LEU G 353 6.15 20.80 -31.02
N GLN G 354 6.47 19.51 -31.04
CA GLN G 354 7.71 18.98 -30.46
C GLN G 354 8.94 19.38 -31.26
N GLU G 355 8.73 19.59 -32.56
CA GLU G 355 9.79 20.06 -33.48
C GLU G 355 10.18 21.53 -33.23
N HIS G 356 9.18 22.36 -32.89
CA HIS G 356 9.36 23.72 -32.34
C HIS G 356 9.53 23.58 -30.86
N HIS G 357 10.03 24.53 -30.14
CA HIS G 357 10.36 24.07 -28.80
C HIS G 357 9.20 23.87 -27.83
N VAL G 358 8.29 22.97 -28.16
CA VAL G 358 7.13 22.71 -27.32
C VAL G 358 7.10 21.24 -26.90
N LYS G 359 6.94 21.01 -25.58
CA LYS G 359 6.95 19.67 -24.98
C LYS G 359 5.53 19.26 -24.81
N VAL G 360 5.21 18.11 -25.35
CA VAL G 360 3.84 17.62 -25.31
C VAL G 360 3.72 16.33 -24.51
N GLU G 361 2.85 16.36 -23.52
CA GLU G 361 2.51 15.21 -22.69
C GLU G 361 1.04 15.07 -22.77
N VAL G 362 0.61 13.83 -22.60
CA VAL G 362 -0.80 13.51 -22.64
C VAL G 362 -1.28 13.13 -21.23
N LEU G 363 -2.25 13.89 -20.72
CA LEU G 363 -2.74 13.76 -19.34
C LEU G 363 -3.82 12.74 -19.21
N GLY G 364 -4.40 12.42 -20.35
CA GLY G 364 -5.51 11.50 -20.40
C GLY G 364 -6.24 11.74 -21.69
N TYR G 365 -7.49 11.33 -21.74
CA TYR G 365 -8.31 11.39 -22.94
C TYR G 365 -9.75 11.72 -22.58
N VAL G 366 -10.44 12.48 -23.43
CA VAL G 366 -11.85 12.77 -23.18
C VAL G 366 -12.72 12.63 -24.43
N HIS H 23 -37.37 37.97 2.54
CA HIS H 23 -38.27 36.82 2.70
C HIS H 23 -37.97 36.00 3.97
N MET H 24 -37.18 34.94 3.88
CA MET H 24 -36.95 34.06 5.05
C MET H 24 -36.11 34.71 6.15
N ILE H 25 -34.93 35.23 5.84
CA ILE H 25 -34.15 36.00 6.81
C ILE H 25 -34.31 37.47 6.52
N LYS H 26 -34.65 38.28 7.51
CA LYS H 26 -34.86 39.69 7.23
C LYS H 26 -34.16 40.53 8.29
N LEU H 27 -32.92 40.91 8.06
CA LEU H 27 -32.21 41.69 9.07
C LEU H 27 -32.40 43.16 8.71
N SER H 28 -33.02 43.91 9.61
CA SER H 28 -33.22 45.31 9.34
C SER H 28 -32.48 46.22 10.28
N ASN H 29 -31.59 47.03 9.71
CA ASN H 29 -30.93 48.07 10.47
C ASN H 29 -30.10 47.57 11.65
N ILE H 30 -29.49 46.39 11.50
CA ILE H 30 -28.67 45.75 12.54
C ILE H 30 -27.39 46.48 12.81
N THR H 31 -27.18 46.88 14.06
CA THR H 31 -25.94 47.52 14.50
C THR H 31 -25.42 46.77 15.73
N LYS H 32 -24.11 46.53 15.79
CA LYS H 32 -23.54 45.91 16.97
C LYS H 32 -22.30 46.68 17.29
N VAL H 33 -22.17 47.09 18.55
CA VAL H 33 -20.92 47.72 18.96
C VAL H 33 -20.22 46.86 20.04
N PHE H 34 -18.92 46.67 19.88
CA PHE H 34 -18.08 45.99 20.87
C PHE H 34 -17.10 46.98 21.47
N HIS H 35 -16.63 46.72 22.68
CA HIS H 35 -15.69 47.62 23.34
C HIS H 35 -14.28 47.05 23.60
N GLN H 36 -13.27 47.77 23.12
CA GLN H 36 -11.87 47.43 23.36
C GLN H 36 -11.18 48.60 24.05
N GLY H 37 -10.85 48.43 25.32
CA GLY H 37 -10.21 49.51 26.06
C GLY H 37 -11.04 50.75 25.92
N THR H 38 -10.43 51.84 25.49
CA THR H 38 -11.13 53.13 25.39
C THR H 38 -11.44 53.46 23.94
N ARG H 39 -11.65 52.42 23.13
CA ARG H 39 -12.13 52.60 21.75
C ARG H 39 -13.40 51.76 21.52
N THR H 40 -14.27 52.23 20.64
CA THR H 40 -15.50 51.52 20.39
C THR H 40 -15.73 51.25 18.89
N ILE H 41 -15.75 49.96 18.55
CA ILE H 41 -15.84 49.45 17.19
C ILE H 41 -17.30 49.32 16.77
N GLN H 42 -17.61 49.66 15.51
CA GLN H 42 -18.94 49.36 14.97
C GLN H 42 -18.90 48.09 14.15
N ALA H 43 -18.96 46.95 14.83
CA ALA H 43 -18.79 45.63 14.20
C ALA H 43 -19.70 45.51 13.02
N LEU H 44 -20.94 45.91 13.23
CA LEU H 44 -21.89 46.08 12.14
C LEU H 44 -22.50 47.45 12.27
N ASN H 45 -22.80 48.09 11.15
CA ASN H 45 -23.36 49.44 11.14
C ASN H 45 -24.56 49.66 10.24
N ASN H 46 -25.74 49.81 10.83
CA ASN H 46 -26.99 49.81 10.07
C ASN H 46 -26.98 48.83 8.90
N VAL H 47 -26.48 47.63 9.17
CA VAL H 47 -26.48 46.57 8.19
C VAL H 47 -27.92 46.07 8.00
N SER H 48 -28.39 46.09 6.75
CA SER H 48 -29.72 45.56 6.44
C SER H 48 -29.63 44.48 5.36
N LEU H 49 -30.26 43.34 5.59
CA LEU H 49 -30.06 42.17 4.74
C LEU H 49 -31.37 41.42 4.57
N HIS H 50 -31.67 41.04 3.34
CA HIS H 50 -32.90 40.33 3.08
C HIS H 50 -32.60 39.10 2.25
N VAL H 51 -32.77 37.93 2.83
CA VAL H 51 -32.46 36.66 2.16
C VAL H 51 -33.70 35.85 1.84
N PRO H 52 -34.11 35.85 0.54
CA PRO H 52 -35.27 35.11 0.05
C PRO H 52 -35.19 33.60 0.21
N ALA H 53 -36.35 33.08 0.60
CA ALA H 53 -36.48 31.69 1.03
C ALA H 53 -36.14 30.73 -0.08
N GLY H 54 -35.56 29.59 0.29
CA GLY H 54 -35.20 28.53 -0.62
C GLY H 54 -33.97 28.88 -1.44
N GLN H 55 -33.11 29.76 -0.92
CA GLN H 55 -31.99 30.29 -1.70
C GLN H 55 -30.64 30.33 -0.92
N ILE H 56 -29.52 30.23 -1.63
CA ILE H 56 -28.20 30.32 -1.00
C ILE H 56 -27.64 31.72 -1.09
N TYR H 57 -27.44 32.33 0.07
CA TYR H 57 -26.96 33.68 0.12
C TYR H 57 -25.62 33.76 0.82
N GLY H 58 -24.60 34.29 0.18
CA GLY H 58 -23.32 34.44 0.85
C GLY H 58 -23.00 35.88 1.21
N VAL H 59 -22.37 36.10 2.37
CA VAL H 59 -21.82 37.44 2.71
C VAL H 59 -20.31 37.33 2.75
N ILE H 60 -19.61 38.10 1.96
CA ILE H 60 -18.17 37.93 1.88
C ILE H 60 -17.48 39.25 2.22
N GLY H 61 -16.29 39.19 2.79
CA GLY H 61 -15.57 40.42 3.05
C GLY H 61 -14.26 40.14 3.73
N ALA H 62 -13.43 41.16 3.88
CA ALA H 62 -12.14 40.99 4.56
C ALA H 62 -12.32 40.62 6.02
N SER H 63 -11.20 40.31 6.68
CA SER H 63 -11.24 40.03 8.10
C SER H 63 -11.53 41.31 8.85
N GLY H 64 -12.43 41.25 9.82
CA GLY H 64 -12.76 42.39 10.63
C GLY H 64 -13.90 43.21 10.09
N ALA H 65 -14.49 42.78 8.98
CA ALA H 65 -15.61 43.49 8.37
C ALA H 65 -16.91 43.34 9.16
N GLY H 66 -17.26 42.12 9.52
CA GLY H 66 -18.45 41.93 10.30
C GLY H 66 -19.09 40.61 9.99
N LYS H 67 -18.43 39.81 9.15
CA LYS H 67 -18.89 38.46 8.83
C LYS H 67 -19.20 37.68 10.10
N SER H 68 -18.32 37.81 11.11
CA SER H 68 -18.35 37.03 12.35
C SER H 68 -19.56 37.31 13.23
N THR H 69 -19.80 38.59 13.48
CA THR H 69 -20.91 39.09 14.26
C THR H 69 -22.25 38.93 13.51
N LEU H 70 -22.25 39.32 12.23
CA LEU H 70 -23.50 39.31 11.43
C LEU H 70 -24.21 37.98 11.40
N ILE H 71 -23.51 36.96 10.92
CA ILE H 71 -24.06 35.60 10.84
C ILE H 71 -24.71 35.14 12.16
N ARG H 72 -24.07 35.46 13.28
CA ARG H 72 -24.58 35.02 14.56
C ARG H 72 -25.59 35.97 15.15
N CYS H 73 -25.85 37.10 14.49
CA CYS H 73 -26.99 37.97 14.90
C CYS H 73 -28.36 37.41 14.47
N VAL H 74 -28.39 36.67 13.35
CA VAL H 74 -29.55 35.91 12.88
C VAL H 74 -30.03 34.87 13.92
N ASN H 75 -29.03 34.22 14.52
CA ASN H 75 -29.16 33.19 15.53
C ASN H 75 -29.48 33.80 16.89
N LEU H 76 -29.18 35.08 16.99
CA LEU H 76 -29.17 35.79 18.25
C LEU H 76 -28.14 35.28 19.24
N LEU H 77 -27.19 34.49 18.75
CA LEU H 77 -25.96 34.18 19.49
C LEU H 77 -25.29 35.48 19.88
N GLU H 78 -25.46 36.49 19.04
CA GLU H 78 -25.02 37.83 19.33
C GLU H 78 -26.26 38.73 19.33
N ARG H 79 -26.37 39.59 20.33
CA ARG H 79 -27.48 40.50 20.45
C ARG H 79 -27.20 41.86 19.78
N PRO H 80 -27.98 42.23 18.75
CA PRO H 80 -27.71 43.50 18.04
C PRO H 80 -27.93 44.69 18.94
N THR H 81 -27.04 45.66 18.91
CA THR H 81 -27.26 46.86 19.68
C THR H 81 -28.56 47.53 19.24
N GLU H 82 -28.81 47.56 17.93
CA GLU H 82 -29.93 48.28 17.33
C GLU H 82 -30.43 47.55 16.10
N GLY H 83 -31.73 47.29 16.01
CA GLY H 83 -32.28 46.76 14.77
C GLY H 83 -33.10 45.52 15.01
N SER H 84 -33.54 44.84 13.96
CA SER H 84 -34.42 43.66 14.11
C SER H 84 -34.01 42.42 13.31
N VAL H 85 -34.14 41.26 13.93
CA VAL H 85 -33.92 40.02 13.22
C VAL H 85 -35.23 39.26 13.13
N LEU H 86 -35.67 39.02 11.89
CA LEU H 86 -36.93 38.29 11.65
C LEU H 86 -36.66 36.98 10.94
N VAL H 87 -36.77 35.87 11.65
CA VAL H 87 -36.59 34.59 11.02
C VAL H 87 -37.95 33.93 10.81
N ASP H 88 -38.29 33.71 9.55
CA ASP H 88 -39.59 33.18 9.17
C ASP H 88 -40.63 34.21 9.62
N GLY H 89 -40.20 35.47 9.66
CA GLY H 89 -41.08 36.59 9.96
C GLY H 89 -41.52 36.70 11.40
N GLN H 90 -40.84 35.96 12.28
CA GLN H 90 -41.07 36.06 13.72
C GLN H 90 -39.93 36.86 14.33
N GLU H 91 -40.25 37.85 15.15
CA GLU H 91 -39.23 38.71 15.71
C GLU H 91 -38.37 37.95 16.70
N LEU H 92 -37.07 38.26 16.73
CA LEU H 92 -36.20 37.55 17.63
C LEU H 92 -35.58 38.44 18.73
N THR H 93 -35.26 39.71 18.45
CA THR H 93 -34.77 40.62 19.51
C THR H 93 -35.77 40.73 20.67
N THR H 94 -37.06 40.69 20.33
CA THR H 94 -38.17 40.69 21.28
C THR H 94 -38.20 39.49 22.21
N LEU H 95 -37.91 38.33 21.65
CA LEU H 95 -38.00 37.05 22.36
C LEU H 95 -37.23 36.98 23.67
N SER H 96 -37.89 36.43 24.69
CA SER H 96 -37.23 36.08 25.95
C SER H 96 -36.50 34.76 25.77
N GLU H 97 -35.52 34.50 26.65
CA GLU H 97 -34.62 33.34 26.55
C GLU H 97 -35.34 32.01 26.39
N SER H 98 -36.55 31.92 26.94
CA SER H 98 -37.36 30.72 26.83
C SER H 98 -37.96 30.60 25.45
N GLU H 99 -38.40 31.72 24.89
CA GLU H 99 -38.92 31.77 23.52
C GLU H 99 -37.82 31.66 22.45
N LEU H 100 -36.68 32.29 22.73
CA LEU H 100 -35.50 32.24 21.86
C LEU H 100 -35.04 30.79 21.69
N THR H 101 -35.34 29.96 22.68
CA THR H 101 -35.00 28.55 22.65
C THR H 101 -35.72 27.79 21.55
N LYS H 102 -37.03 27.96 21.51
CA LYS H 102 -37.84 27.28 20.51
C LYS H 102 -37.47 27.71 19.09
N ALA H 103 -37.14 28.99 18.89
CA ALA H 103 -36.80 29.54 17.57
C ALA H 103 -35.50 28.99 17.01
N ARG H 104 -34.51 28.77 17.86
CA ARG H 104 -33.22 28.23 17.44
C ARG H 104 -33.33 26.77 16.93
N ARG H 105 -34.47 26.13 17.20
CA ARG H 105 -34.75 24.78 16.70
C ARG H 105 -34.82 24.81 15.19
N GLN H 106 -35.21 25.97 14.66
CA GLN H 106 -35.41 26.19 13.23
C GLN H 106 -34.27 26.93 12.54
N ILE H 107 -33.19 27.21 13.27
CA ILE H 107 -31.96 27.75 12.67
C ILE H 107 -30.76 26.85 13.00
N GLY H 108 -30.45 25.88 12.14
CA GLY H 108 -29.26 25.05 12.34
C GLY H 108 -28.01 25.83 11.96
N MET H 109 -26.86 25.51 12.55
CA MET H 109 -25.65 26.31 12.29
C MET H 109 -24.34 25.51 12.33
N ILE H 110 -23.48 25.74 11.35
CA ILE H 110 -22.21 25.04 11.33
C ILE H 110 -21.01 26.03 11.33
N PHE H 111 -19.86 25.52 11.79
CA PHE H 111 -18.74 26.37 12.17
C PHE H 111 -17.44 26.10 11.42
N GLN H 112 -16.50 27.04 11.54
CA GLN H 112 -15.21 27.00 10.86
C GLN H 112 -14.41 25.83 11.39
N HIS H 113 -14.37 25.79 12.71
CA HIS H 113 -13.87 24.65 13.40
C HIS H 113 -15.15 23.86 13.49
N PHE H 114 -15.17 22.73 14.15
CA PHE H 114 -16.32 21.90 13.95
C PHE H 114 -17.21 21.90 15.13
N ASN H 115 -16.62 22.22 16.26
CA ASN H 115 -17.41 22.34 17.45
C ASN H 115 -18.19 21.08 17.58
N LEU H 116 -17.46 19.98 17.71
CA LEU H 116 -18.03 18.66 17.98
C LEU H 116 -17.58 18.11 19.32
N LEU H 117 -18.45 17.34 19.97
CA LEU H 117 -18.14 16.72 21.24
C LEU H 117 -17.20 15.50 21.07
N SER H 118 -15.99 15.57 21.61
CA SER H 118 -15.05 14.45 21.56
C SER H 118 -15.58 13.31 22.40
N SER H 119 -16.50 13.66 23.30
CA SER H 119 -17.16 12.69 24.16
C SER H 119 -18.06 11.68 23.44
N ARG H 120 -18.80 12.15 22.45
CA ARG H 120 -19.80 11.32 21.78
C ARG H 120 -19.35 10.75 20.42
N THR H 121 -20.08 9.73 19.94
CA THR H 121 -19.86 9.11 18.64
C THR H 121 -20.41 9.97 17.51
N VAL H 122 -20.11 9.62 16.27
CA VAL H 122 -20.69 10.36 15.15
C VAL H 122 -22.21 10.16 15.08
N PHE H 123 -22.70 9.04 15.61
CA PHE H 123 -24.13 8.87 15.81
C PHE H 123 -24.58 9.81 16.92
N GLY H 124 -23.86 9.76 18.04
CA GLY H 124 -24.20 10.57 19.20
C GLY H 124 -24.25 12.06 18.96
N ASN H 125 -23.19 12.60 18.37
CA ASN H 125 -23.14 14.02 18.04
C ASN H 125 -24.43 14.52 17.40
N VAL H 126 -24.91 13.74 16.43
CA VAL H 126 -26.08 14.08 15.61
C VAL H 126 -27.39 13.87 16.35
N ALA H 127 -27.42 12.93 17.28
CA ALA H 127 -28.65 12.63 17.98
C ALA H 127 -28.94 13.70 19.02
N LEU H 128 -27.95 14.53 19.28
CA LEU H 128 -28.06 15.50 20.36
C LEU H 128 -29.27 16.42 20.31
N PRO H 129 -29.48 17.11 19.16
CA PRO H 129 -30.55 18.11 19.08
C PRO H 129 -31.90 17.47 19.33
N LEU H 130 -32.09 16.24 18.86
CA LEU H 130 -33.32 15.50 19.12
C LEU H 130 -33.48 15.10 20.57
N GLU H 131 -32.35 14.94 21.26
CA GLU H 131 -32.37 14.51 22.66
C GLU H 131 -33.12 15.54 23.51
N LEU H 132 -32.85 16.82 23.23
CA LEU H 132 -33.56 17.94 23.87
C LEU H 132 -35.04 17.96 23.49
N ASP H 133 -35.31 17.62 22.23
CA ASP H 133 -36.66 17.56 21.68
C ASP H 133 -37.55 16.49 22.36
N ASN H 134 -36.92 15.39 22.77
CA ASN H 134 -37.63 14.31 23.46
C ASN H 134 -38.12 13.17 22.57
N THR H 135 -37.59 13.06 21.35
CA THR H 135 -37.95 11.94 20.49
C THR H 135 -37.48 10.67 21.19
N PRO H 136 -38.32 9.61 21.19
CA PRO H 136 -38.04 8.39 21.97
C PRO H 136 -37.70 7.13 21.16
N LYS H 137 -36.67 6.40 21.56
CA LYS H 137 -36.37 5.07 21.02
C LYS H 137 -36.07 5.03 19.50
N ASP H 138 -36.78 4.16 18.77
CA ASP H 138 -36.54 3.89 17.35
C ASP H 138 -36.73 5.15 16.49
N GLU H 139 -37.73 5.97 16.83
CA GLU H 139 -38.02 7.21 16.09
C GLU H 139 -36.78 8.14 16.10
N VAL H 140 -36.09 8.20 17.25
CA VAL H 140 -34.80 8.88 17.33
C VAL H 140 -33.72 8.18 16.52
N LYS H 141 -33.71 6.86 16.60
CA LYS H 141 -32.70 6.08 15.89
C LYS H 141 -32.93 6.13 14.37
N ARG H 142 -34.20 6.04 13.98
CA ARG H 142 -34.60 6.06 12.56
C ARG H 142 -34.27 7.39 11.89
N ARG H 143 -34.46 8.49 12.62
CA ARG H 143 -34.22 9.83 12.10
C ARG H 143 -32.74 10.11 11.85
N VAL H 144 -31.88 9.62 12.71
CA VAL H 144 -30.45 9.87 12.56
C VAL H 144 -29.83 8.99 11.49
N THR H 145 -30.34 7.77 11.38
CA THR H 145 -29.81 6.83 10.41
C THR H 145 -29.97 7.33 8.98
N GLU H 146 -31.13 7.88 8.65
CA GLU H 146 -31.34 8.41 7.31
C GLU H 146 -30.54 9.69 7.10
N LEU H 147 -30.39 10.49 8.16
CA LEU H 147 -29.59 11.71 8.08
C LEU H 147 -28.10 11.40 7.94
N LEU H 148 -27.69 10.26 8.45
CA LEU H 148 -26.30 9.81 8.30
C LEU H 148 -26.02 9.28 6.89
N SER H 149 -27.06 8.75 6.24
CA SER H 149 -26.91 8.28 4.88
C SER H 149 -26.70 9.45 3.91
N LEU H 150 -27.37 10.56 4.19
CA LEU H 150 -27.35 11.75 3.32
C LEU H 150 -26.01 12.48 3.34
N VAL H 151 -25.40 12.55 4.51
CA VAL H 151 -24.12 13.22 4.65
C VAL H 151 -22.95 12.43 4.02
N GLY H 152 -23.20 11.17 3.69
CA GLY H 152 -22.18 10.34 3.06
C GLY H 152 -21.44 9.47 4.05
N LEU H 153 -21.92 9.47 5.30
CA LEU H 153 -21.29 8.68 6.36
C LEU H 153 -22.02 7.37 6.61
N GLY H 154 -21.51 6.30 6.01
CA GLY H 154 -21.92 4.94 6.31
C GLY H 154 -20.65 4.17 6.56
N ASP H 155 -20.73 3.14 7.40
CA ASP H 155 -19.52 2.42 7.85
C ASP H 155 -18.66 3.24 8.82
N LYS H 156 -19.00 4.51 8.99
CA LYS H 156 -18.37 5.33 10.00
C LYS H 156 -19.46 5.66 11.03
N HIS H 157 -20.29 4.67 11.34
CA HIS H 157 -21.47 4.86 12.19
C HIS H 157 -21.15 5.10 13.66
N ASP H 158 -20.00 4.60 14.12
CA ASP H 158 -19.67 4.63 15.54
C ASP H 158 -18.34 5.32 15.87
N SER H 159 -17.56 5.71 14.87
CA SER H 159 -16.22 6.26 15.11
C SER H 159 -16.22 7.56 15.93
N TYR H 160 -15.17 7.76 16.71
CA TYR H 160 -15.01 8.98 17.51
C TYR H 160 -14.31 10.07 16.70
N PRO H 161 -14.67 11.34 16.94
CA PRO H 161 -14.08 12.52 16.30
C PRO H 161 -12.56 12.56 16.42
N SER H 162 -12.01 11.68 17.23
CA SER H 162 -10.58 11.60 17.47
C SER H 162 -9.82 11.14 16.21
N ASN H 163 -10.49 10.34 15.38
CA ASN H 163 -9.87 9.72 14.20
C ASN H 163 -10.39 10.20 12.83
N LEU H 164 -11.00 11.40 12.77
CA LEU H 164 -11.56 11.97 11.53
C LEU H 164 -10.77 13.15 10.97
N SER H 165 -10.66 13.22 9.64
CA SER H 165 -9.97 14.34 8.99
C SER H 165 -10.92 15.52 8.86
N GLY H 166 -10.39 16.64 8.37
CA GLY H 166 -11.16 17.86 8.25
C GLY H 166 -12.57 17.68 7.70
N GLY H 167 -12.66 17.11 6.51
CA GLY H 167 -13.97 16.97 5.88
C GLY H 167 -15.00 16.16 6.63
N GLN H 168 -14.59 15.02 7.17
CA GLN H 168 -15.51 14.08 7.77
C GLN H 168 -16.37 14.72 8.84
N LYS H 169 -15.73 15.48 9.73
CA LYS H 169 -16.44 16.03 10.89
C LYS H 169 -17.33 17.26 10.58
N GLN H 170 -17.01 18.02 9.53
CA GLN H 170 -17.90 19.10 9.12
C GLN H 170 -19.21 18.52 8.60
N ARG H 171 -19.10 17.33 7.99
CA ARG H 171 -20.25 16.59 7.49
C ARG H 171 -21.13 16.15 8.63
N VAL H 172 -20.49 15.95 9.78
CA VAL H 172 -21.19 15.55 10.98
C VAL H 172 -22.02 16.70 11.53
N ALA H 173 -21.38 17.87 11.55
CA ALA H 173 -21.98 19.12 12.00
C ALA H 173 -23.18 19.49 11.14
N ILE H 174 -23.05 19.23 9.84
CA ILE H 174 -24.13 19.43 8.87
C ILE H 174 -25.34 18.56 9.16
N ALA H 175 -25.07 17.29 9.36
CA ALA H 175 -26.09 16.33 9.78
C ALA H 175 -26.68 16.73 11.12
N ARG H 176 -25.85 17.31 11.98
CA ARG H 176 -26.29 17.73 13.31
C ARG H 176 -27.26 18.91 13.29
N ALA H 177 -26.99 19.88 12.43
CA ALA H 177 -27.81 21.09 12.30
C ALA H 177 -29.17 20.79 11.65
N LEU H 178 -29.20 19.82 10.74
CA LEU H 178 -30.42 19.40 10.08
C LEU H 178 -31.21 18.40 10.92
N ALA H 179 -30.61 17.95 12.02
CA ALA H 179 -31.27 17.00 12.90
C ALA H 179 -32.60 17.51 13.41
N SER H 180 -32.73 18.82 13.46
CA SER H 180 -33.92 19.47 13.97
C SER H 180 -34.92 19.82 12.86
N ASN H 181 -34.53 19.55 11.61
CA ASN H 181 -35.25 19.99 10.38
C ASN H 181 -35.59 21.49 10.36
N PRO H 182 -34.56 22.32 10.19
CA PRO H 182 -34.58 23.78 10.38
C PRO H 182 -35.01 24.54 9.11
N LYS H 183 -35.57 25.73 9.29
CA LYS H 183 -35.97 26.54 8.16
C LYS H 183 -34.75 27.19 7.47
N VAL H 184 -33.70 27.46 8.26
CA VAL H 184 -32.49 28.14 7.82
C VAL H 184 -31.28 27.33 8.24
N LEU H 185 -30.22 27.35 7.43
CA LEU H 185 -28.93 26.87 7.87
C LEU H 185 -27.95 28.00 7.82
N LEU H 186 -27.30 28.30 8.92
CA LEU H 186 -26.22 29.31 8.92
C LEU H 186 -24.85 28.65 8.77
N CYS H 187 -23.91 29.31 8.11
CA CYS H 187 -22.59 28.71 7.90
C CYS H 187 -21.45 29.69 8.24
N ASP H 188 -20.79 29.43 9.39
CA ASP H 188 -19.72 30.27 9.93
C ASP H 188 -18.35 29.86 9.34
N GLN H 189 -17.91 30.51 8.26
CA GLN H 189 -16.68 30.11 7.61
C GLN H 189 -16.60 28.58 7.53
N ALA H 190 -17.74 27.96 7.23
CA ALA H 190 -17.92 26.52 7.33
C ALA H 190 -16.75 25.67 6.76
N THR H 191 -16.08 26.17 5.73
CA THR H 191 -15.02 25.41 5.04
C THR H 191 -13.66 26.08 5.01
N SER H 192 -13.44 27.02 5.93
CA SER H 192 -12.20 27.77 5.96
C SER H 192 -10.97 26.97 6.43
N ALA H 193 -11.21 25.83 7.08
CA ALA H 193 -10.12 25.02 7.62
C ALA H 193 -9.67 23.91 6.67
N LEU H 194 -10.55 23.51 5.76
CA LEU H 194 -10.38 22.28 4.98
C LEU H 194 -9.43 22.40 3.76
N ASP H 195 -8.96 21.25 3.26
CA ASP H 195 -8.16 21.14 2.04
C ASP H 195 -8.97 21.67 0.86
N PRO H 196 -8.33 22.38 -0.07
CA PRO H 196 -9.00 22.87 -1.27
C PRO H 196 -9.89 21.80 -1.93
N ALA H 197 -9.37 20.59 -2.11
CA ALA H 197 -10.14 19.47 -2.69
C ALA H 197 -11.30 19.03 -1.79
N THR H 198 -11.12 19.21 -0.49
CA THR H 198 -12.12 18.81 0.51
C THR H 198 -13.13 19.92 0.85
N THR H 199 -12.74 21.19 0.69
CA THR H 199 -13.68 22.31 0.80
C THR H 199 -14.67 22.20 -0.35
N ARG H 200 -14.12 21.88 -1.52
CA ARG H 200 -14.88 21.74 -2.74
C ARG H 200 -15.94 20.62 -2.64
N SER H 201 -15.67 19.65 -1.80
CA SER H 201 -16.52 18.49 -1.74
C SER H 201 -17.77 18.77 -0.91
N ILE H 202 -17.65 19.64 0.07
CA ILE H 202 -18.77 19.88 1.01
C ILE H 202 -19.80 20.90 0.52
N LEU H 203 -19.33 21.98 -0.10
CA LEU H 203 -20.21 22.95 -0.73
C LEU H 203 -21.16 22.24 -1.66
N GLU H 204 -20.60 21.23 -2.35
CA GLU H 204 -21.34 20.29 -3.20
C GLU H 204 -22.45 19.61 -2.40
N LEU H 205 -22.08 19.13 -1.22
CA LEU H 205 -23.00 18.46 -0.30
C LEU H 205 -24.03 19.44 0.23
N LEU H 206 -23.63 20.71 0.34
CA LEU H 206 -24.54 21.77 0.82
C LEU H 206 -25.59 22.21 -0.22
N LYS H 207 -25.22 22.34 -1.50
CA LYS H 207 -26.22 22.70 -2.50
C LYS H 207 -27.20 21.57 -2.75
N ASP H 208 -26.72 20.32 -2.69
CA ASP H 208 -27.62 19.18 -2.73
C ASP H 208 -28.81 19.43 -1.84
N ILE H 209 -28.51 19.93 -0.64
CA ILE H 209 -29.51 20.17 0.39
C ILE H 209 -30.42 21.34 0.04
N ASN H 210 -29.88 22.35 -0.62
CA ASN H 210 -30.69 23.50 -1.05
C ASN H 210 -31.70 23.13 -2.11
N ARG H 211 -31.27 22.25 -3.01
CA ARG H 211 -32.11 21.74 -4.09
C ARG H 211 -33.11 20.71 -3.57
N ARG H 212 -32.61 19.73 -2.81
CA ARG H 212 -33.46 18.62 -2.34
C ARG H 212 -34.56 19.04 -1.35
N LEU H 213 -34.21 19.91 -0.39
CA LEU H 213 -35.13 20.27 0.71
C LEU H 213 -35.71 21.71 0.69
N GLY H 214 -34.99 22.64 0.05
CA GLY H 214 -35.43 24.03 -0.05
C GLY H 214 -35.05 24.80 1.20
N LEU H 215 -33.98 24.33 1.83
CA LEU H 215 -33.49 24.85 3.08
C LEU H 215 -32.67 26.11 2.80
N THR H 216 -33.14 27.24 3.33
CA THR H 216 -32.50 28.52 3.07
C THR H 216 -31.10 28.53 3.65
N ILE H 217 -30.09 28.89 2.88
CA ILE H 217 -28.74 28.96 3.41
C ILE H 217 -28.23 30.39 3.45
N LEU H 218 -27.34 30.69 4.41
CA LEU H 218 -26.65 31.98 4.49
C LEU H 218 -25.19 31.69 4.85
N LEU H 219 -24.23 32.22 4.11
CA LEU H 219 -22.87 31.99 4.55
C LEU H 219 -21.98 33.25 4.62
N ILE H 220 -20.95 33.11 5.44
CA ILE H 220 -19.87 34.08 5.53
C ILE H 220 -18.54 33.41 5.12
N THR H 221 -17.69 34.13 4.40
CA THR H 221 -16.45 33.52 3.94
C THR H 221 -15.27 34.50 3.60
N HIS H 222 -14.04 34.01 3.84
CA HIS H 222 -12.75 34.58 3.37
C HIS H 222 -12.67 34.61 1.84
N GLU H 223 -12.74 33.39 1.28
CA GLU H 223 -12.50 33.13 -0.13
C GLU H 223 -13.68 33.53 -0.98
N MET H 224 -13.39 34.19 -2.10
CA MET H 224 -14.41 34.53 -3.08
C MET H 224 -14.72 33.24 -3.84
N ASP H 225 -13.80 32.30 -3.74
CA ASP H 225 -13.92 31.08 -4.51
C ASP H 225 -15.11 30.25 -4.01
N VAL H 226 -15.46 30.35 -2.74
CA VAL H 226 -16.60 29.59 -2.24
C VAL H 226 -17.95 30.16 -2.63
N VAL H 227 -18.02 31.48 -2.68
CA VAL H 227 -19.21 32.17 -3.19
C VAL H 227 -19.49 31.75 -4.64
N LYS H 228 -18.47 31.85 -5.50
CA LYS H 228 -18.51 31.41 -6.90
C LYS H 228 -19.34 30.15 -7.06
N ARG H 229 -18.95 29.08 -6.35
CA ARG H 229 -19.56 27.77 -6.58
C ARG H 229 -21.06 27.73 -6.32
N ILE H 230 -21.47 27.82 -5.06
CA ILE H 230 -22.85 27.51 -4.73
C ILE H 230 -23.84 28.67 -4.54
N CYS H 231 -23.31 29.89 -4.43
CA CYS H 231 -24.18 31.02 -4.07
C CYS H 231 -25.05 31.65 -5.11
N ASP H 232 -26.32 31.84 -4.75
CA ASP H 232 -27.27 32.48 -5.62
C ASP H 232 -27.22 33.99 -5.51
N CYS H 233 -27.12 34.53 -4.29
CA CYS H 233 -26.97 35.99 -4.08
C CYS H 233 -25.77 36.32 -3.23
N VAL H 234 -25.17 37.50 -3.37
CA VAL H 234 -23.98 37.76 -2.56
C VAL H 234 -23.90 39.17 -2.01
N ALA H 235 -23.62 39.31 -0.72
CA ALA H 235 -23.38 40.62 -0.14
C ALA H 235 -21.91 40.82 0.17
N VAL H 236 -21.39 41.98 -0.22
CA VAL H 236 -19.98 42.23 0.00
C VAL H 236 -19.79 43.22 1.10
N ILE H 237 -19.37 42.72 2.27
CA ILE H 237 -19.21 43.52 3.48
C ILE H 237 -17.80 44.10 3.67
N SER H 238 -17.77 45.34 4.15
CA SER H 238 -16.57 46.08 4.44
C SER H 238 -16.82 47.11 5.54
N ASN H 239 -16.15 46.98 6.69
CA ASN H 239 -16.30 47.96 7.77
C ASN H 239 -17.69 48.05 8.41
N GLY H 240 -18.36 46.91 8.48
CA GLY H 240 -19.64 46.82 9.14
C GLY H 240 -20.78 47.33 8.28
N GLU H 241 -20.47 47.65 7.03
CA GLU H 241 -21.48 48.10 6.09
C GLU H 241 -21.48 47.20 4.87
N LEU H 242 -22.67 46.95 4.31
CA LEU H 242 -22.77 46.18 3.07
C LEU H 242 -22.66 47.11 1.85
N ILE H 243 -21.63 46.93 1.02
CA ILE H 243 -21.43 47.81 -0.13
C ILE H 243 -22.14 47.37 -1.42
N GLU H 244 -22.10 46.07 -1.74
CA GLU H 244 -22.80 45.51 -2.89
C GLU H 244 -23.67 44.32 -2.52
N GLN H 245 -24.83 44.20 -3.16
CA GLN H 245 -25.81 43.22 -2.71
C GLN H 245 -26.52 42.49 -3.83
N ASP H 246 -25.93 42.44 -5.02
CA ASP H 246 -26.57 41.74 -6.13
C ASP H 246 -26.31 40.21 -6.23
N THR H 247 -26.86 39.56 -7.26
CA THR H 247 -26.60 38.13 -7.47
C THR H 247 -25.14 37.89 -7.89
N VAL H 248 -24.63 36.71 -7.58
CA VAL H 248 -23.23 36.37 -7.80
C VAL H 248 -22.76 36.67 -9.23
N SER H 249 -23.51 36.19 -10.21
CA SER H 249 -23.19 36.36 -11.62
C SER H 249 -23.21 37.83 -12.04
N GLU H 250 -24.15 38.59 -11.49
CA GLU H 250 -24.26 40.01 -11.78
C GLU H 250 -23.13 40.81 -11.14
N VAL H 251 -22.78 40.53 -9.88
CA VAL H 251 -21.65 41.23 -9.22
C VAL H 251 -20.33 40.89 -9.93
N PHE H 252 -20.26 39.68 -10.48
CA PHE H 252 -19.09 39.26 -11.26
C PHE H 252 -18.84 40.07 -12.53
N SER H 253 -19.82 40.10 -13.41
CA SER H 253 -19.70 40.84 -14.65
C SER H 253 -19.66 42.36 -14.44
N HIS H 254 -20.42 42.87 -13.47
CA HIS H 254 -20.43 44.30 -13.19
C HIS H 254 -20.19 44.64 -11.71
N PRO H 255 -18.94 44.58 -11.26
CA PRO H 255 -18.59 45.03 -9.92
C PRO H 255 -18.68 46.53 -9.87
N LYS H 256 -19.63 47.03 -9.08
CA LYS H 256 -19.93 48.46 -8.97
C LYS H 256 -18.87 49.23 -8.13
N THR H 257 -18.31 48.57 -7.12
CA THR H 257 -17.45 49.22 -6.14
C THR H 257 -16.01 48.74 -6.16
N PRO H 258 -15.08 49.70 -6.02
CA PRO H 258 -13.63 49.43 -6.12
C PRO H 258 -13.19 48.17 -5.37
N LEU H 259 -13.69 47.97 -4.16
CA LEU H 259 -13.24 46.82 -3.39
C LEU H 259 -13.76 45.53 -4.04
N ALA H 260 -15.01 45.54 -4.48
CA ALA H 260 -15.57 44.36 -5.11
C ALA H 260 -14.81 43.98 -6.36
N GLN H 261 -14.22 44.97 -7.01
CA GLN H 261 -13.38 44.70 -8.15
C GLN H 261 -12.08 44.01 -7.73
N LYS H 262 -11.55 44.40 -6.57
CA LYS H 262 -10.34 43.76 -6.06
C LYS H 262 -10.62 42.30 -5.71
N PHE H 263 -11.77 42.05 -5.09
CA PHE H 263 -12.12 40.70 -4.63
C PHE H 263 -12.30 39.70 -5.75
N ILE H 264 -12.74 40.18 -6.91
CA ILE H 264 -12.95 39.31 -8.07
C ILE H 264 -11.64 38.99 -8.80
N GLN H 265 -10.75 39.98 -8.92
CA GLN H 265 -9.43 39.75 -9.50
C GLN H 265 -8.71 38.60 -8.80
N SER H 266 -9.02 38.37 -7.53
CA SER H 266 -8.36 37.34 -6.73
C SER H 266 -8.77 35.91 -7.08
N THR H 267 -9.88 35.76 -7.77
CA THR H 267 -10.31 34.44 -8.22
C THR H 267 -9.99 34.21 -9.70
N LEU H 268 -9.72 35.29 -10.42
CA LEU H 268 -9.33 35.25 -11.83
C LEU H 268 -7.84 35.52 -11.95
N HIS H 269 -7.08 34.48 -12.26
CA HIS H 269 -5.63 34.61 -12.29
C HIS H 269 -5.12 35.49 -13.44
N LEU H 270 -6.03 36.06 -14.23
CA LEU H 270 -5.68 36.88 -15.39
C LEU H 270 -4.95 38.19 -15.07
N ASP H 271 -3.74 38.33 -15.62
CA ASP H 271 -2.93 39.54 -15.51
C ASP H 271 -1.84 39.56 -16.59
N ILE H 272 -1.22 40.72 -16.83
CA ILE H 272 -0.19 40.81 -17.85
C ILE H 272 1.22 40.74 -17.25
N PRO H 273 2.08 39.83 -17.77
CA PRO H 273 3.44 39.64 -17.26
C PRO H 273 4.24 40.95 -17.19
N GLU H 274 5.12 41.06 -16.17
CA GLU H 274 5.85 42.30 -15.86
C GLU H 274 6.89 42.79 -16.88
N ASP H 275 7.50 41.86 -17.61
CA ASP H 275 8.40 42.23 -18.70
C ASP H 275 7.60 42.36 -20.02
N TYR H 276 6.30 42.07 -19.94
CA TYR H 276 5.34 42.29 -21.02
C TYR H 276 4.47 43.49 -20.65
N GLN H 277 4.67 43.99 -19.42
CA GLN H 277 3.88 45.07 -18.81
C GLN H 277 4.63 46.43 -18.69
N GLU H 278 5.97 46.37 -18.62
CA GLU H 278 6.84 47.56 -18.63
C GLU H 278 7.19 47.96 -20.07
N ARG H 279 7.06 47.00 -20.97
CA ARG H 279 7.17 47.23 -22.39
C ARG H 279 5.83 46.87 -23.03
N LEU H 280 4.94 47.84 -23.18
CA LEU H 280 3.62 47.55 -23.72
C LEU H 280 3.33 48.37 -24.98
N GLN H 281 2.24 48.03 -25.65
CA GLN H 281 1.59 48.87 -26.67
C GLN H 281 0.91 50.03 -25.94
N ALA H 282 0.90 51.23 -26.53
CA ALA H 282 0.28 52.38 -25.87
C ALA H 282 -1.00 52.88 -26.58
N GLU H 283 -0.88 53.12 -27.89
CA GLU H 283 -1.99 53.62 -28.70
C GLU H 283 -1.93 52.97 -30.08
N PRO H 284 -3.09 52.81 -30.77
CA PRO H 284 -3.02 52.06 -32.02
C PRO H 284 -2.06 52.72 -32.97
N PHE H 285 -1.23 51.93 -33.62
CA PHE H 285 -0.30 52.44 -34.60
C PHE H 285 -0.10 51.33 -35.66
N THR H 286 0.34 51.73 -36.85
CA THR H 286 0.57 50.77 -37.94
C THR H 286 1.81 49.90 -37.68
N ASP H 287 1.74 48.66 -38.13
CA ASP H 287 2.84 47.68 -38.01
C ASP H 287 2.90 46.96 -36.65
N CYS H 288 2.01 47.31 -35.73
CA CYS H 288 1.84 46.49 -34.51
C CYS H 288 0.45 45.95 -34.34
N VAL H 289 0.46 44.73 -33.82
CA VAL H 289 -0.71 43.93 -33.53
C VAL H 289 -1.46 44.37 -32.28
N PRO H 290 -2.80 44.29 -32.34
CA PRO H 290 -3.69 44.63 -31.22
C PRO H 290 -3.65 43.56 -30.13
N MET H 291 -3.86 43.98 -28.88
CA MET H 291 -4.00 43.11 -27.71
C MET H 291 -5.49 42.87 -27.43
N LEU H 292 -5.96 41.62 -27.51
CA LEU H 292 -7.41 41.36 -27.42
C LEU H 292 -7.81 40.62 -26.14
N ARG H 293 -8.91 41.04 -25.51
CA ARG H 293 -9.43 40.30 -24.37
C ARG H 293 -10.72 39.57 -24.74
N LEU H 294 -10.76 38.25 -24.55
CA LEU H 294 -11.90 37.46 -25.00
C LEU H 294 -12.74 36.98 -23.85
N GLU H 295 -14.02 37.32 -23.85
CA GLU H 295 -14.90 36.88 -22.79
C GLU H 295 -15.95 35.90 -23.28
N PHE H 296 -15.62 34.62 -23.21
CA PHE H 296 -16.49 33.56 -23.69
C PHE H 296 -17.71 33.36 -22.82
N THR H 297 -18.82 32.99 -23.42
CA THR H 297 -20.05 32.74 -22.68
C THR H 297 -20.89 31.58 -23.23
N GLY H 298 -21.45 30.79 -22.33
CA GLY H 298 -22.36 29.72 -22.70
C GLY H 298 -21.71 28.40 -23.06
N GLN H 299 -22.29 27.72 -24.05
CA GLN H 299 -21.82 26.42 -24.48
C GLN H 299 -20.64 26.60 -25.45
N SER H 300 -20.34 27.87 -25.78
CA SER H 300 -19.29 28.22 -26.76
C SER H 300 -17.89 28.34 -26.13
N VAL H 301 -17.81 28.16 -24.82
CA VAL H 301 -16.53 28.14 -24.12
C VAL H 301 -15.77 26.87 -24.49
N ASP H 302 -16.48 25.92 -25.11
CA ASP H 302 -15.93 24.61 -25.44
C ASP H 302 -15.64 24.43 -26.93
N ALA H 303 -15.79 25.51 -27.69
CA ALA H 303 -15.54 25.47 -29.13
C ALA H 303 -14.14 25.94 -29.53
N PRO H 304 -13.44 25.17 -30.39
CA PRO H 304 -12.11 25.60 -30.83
C PRO H 304 -12.20 26.84 -31.72
N LEU H 305 -12.70 27.92 -31.16
CA LEU H 305 -12.99 29.13 -31.92
C LEU H 305 -11.74 29.84 -32.43
N LEU H 306 -10.73 29.95 -31.56
CA LEU H 306 -9.50 30.66 -31.89
C LEU H 306 -8.74 30.00 -33.02
N SER H 307 -8.91 28.69 -33.16
CA SER H 307 -8.22 27.99 -34.22
C SER H 307 -9.04 28.06 -35.52
N GLU H 308 -10.34 28.34 -35.42
CA GLU H 308 -11.16 28.61 -36.61
C GLU H 308 -10.84 30.01 -37.13
N THR H 309 -10.51 30.89 -36.21
CA THR H 309 -10.04 32.20 -36.55
C THR H 309 -8.67 32.11 -37.22
N ALA H 310 -7.89 31.09 -36.88
CA ALA H 310 -6.54 30.91 -37.44
C ALA H 310 -6.55 30.64 -38.94
N ARG H 311 -7.53 29.87 -39.42
CA ARG H 311 -7.57 29.55 -40.84
C ARG H 311 -8.28 30.60 -41.69
N ARG H 312 -9.56 30.84 -41.39
CA ARG H 312 -10.35 31.77 -42.20
C ARG H 312 -9.56 33.00 -42.62
N PHE H 313 -9.01 33.70 -41.65
CA PHE H 313 -8.43 35.01 -41.89
C PHE H 313 -6.90 34.97 -41.87
N ASN H 314 -6.33 33.77 -41.88
CA ASN H 314 -4.89 33.63 -41.70
C ASN H 314 -4.31 34.48 -40.59
N VAL H 315 -5.09 34.71 -39.52
CA VAL H 315 -4.57 35.35 -38.33
C VAL H 315 -3.86 34.35 -37.43
N ASN H 316 -2.87 34.86 -36.73
CA ASN H 316 -2.09 34.05 -35.81
C ASN H 316 -2.22 34.65 -34.42
N ASN H 317 -2.85 33.89 -33.52
CA ASN H 317 -3.07 34.36 -32.15
C ASN H 317 -1.91 33.94 -31.26
N ASN H 318 -1.26 34.93 -30.66
CA ASN H 318 -0.21 34.67 -29.69
C ASN H 318 -0.87 34.68 -28.30
N ILE H 319 -1.30 33.52 -27.83
CA ILE H 319 -2.07 33.43 -26.56
C ILE H 319 -1.22 33.80 -25.35
N ILE H 320 -1.71 34.72 -24.54
CA ILE H 320 -1.00 35.14 -23.33
C ILE H 320 -1.57 34.50 -22.05
N SER H 321 -2.88 34.37 -21.97
CA SER H 321 -3.49 33.78 -20.79
C SER H 321 -4.85 33.20 -21.20
N ALA H 322 -5.21 32.05 -20.67
CA ALA H 322 -6.51 31.48 -20.97
C ALA H 322 -7.03 30.77 -19.76
N GLN H 323 -8.26 31.06 -19.40
CA GLN H 323 -8.87 30.46 -18.23
C GLN H 323 -10.37 30.27 -18.38
N MET H 324 -10.87 29.16 -17.87
CA MET H 324 -12.32 28.94 -17.83
C MET H 324 -12.79 28.55 -16.43
N ASP H 325 -13.68 29.36 -15.85
CA ASP H 325 -14.30 29.15 -14.54
C ASP H 325 -15.82 29.09 -14.53
N TYR H 326 -16.40 28.81 -13.37
CA TYR H 326 -17.86 28.85 -13.16
C TYR H 326 -18.16 29.88 -12.09
N ALA H 327 -19.16 30.73 -12.27
CA ALA H 327 -19.55 31.64 -11.20
C ALA H 327 -21.04 31.91 -11.19
N GLY H 328 -21.71 31.48 -10.13
CA GLY H 328 -23.14 31.68 -10.03
C GLY H 328 -23.89 30.94 -11.11
N GLY H 329 -23.74 29.61 -11.14
CA GLY H 329 -24.56 28.75 -11.98
C GLY H 329 -24.14 28.60 -13.43
N VAL H 330 -23.33 29.55 -13.91
CA VAL H 330 -22.96 29.67 -15.34
C VAL H 330 -21.47 29.46 -15.67
N LYS H 331 -21.19 28.87 -16.82
CA LYS H 331 -19.82 28.57 -17.20
C LYS H 331 -19.31 29.67 -18.10
N PHE H 332 -18.21 30.29 -17.71
CA PHE H 332 -17.58 31.31 -18.55
C PHE H 332 -16.11 30.97 -18.86
N GLY H 333 -15.52 31.73 -19.76
CA GLY H 333 -14.11 31.60 -20.07
C GLY H 333 -13.58 32.98 -20.40
N ILE H 334 -12.34 33.26 -20.05
CA ILE H 334 -11.78 34.56 -20.32
C ILE H 334 -10.30 34.45 -20.75
N MET H 335 -9.95 35.03 -21.90
CA MET H 335 -8.55 34.96 -22.30
C MET H 335 -7.94 36.22 -22.93
N LEU H 336 -6.62 36.30 -22.83
CA LEU H 336 -5.85 37.37 -23.42
C LEU H 336 -4.97 36.85 -24.58
N THR H 337 -5.27 37.35 -25.77
CA THR H 337 -4.54 37.06 -26.98
C THR H 337 -4.10 38.31 -27.72
N GLU H 338 -2.89 38.27 -28.23
CA GLU H 338 -2.41 39.26 -29.14
C GLU H 338 -2.58 38.65 -30.54
N MET H 339 -3.25 39.36 -31.44
CA MET H 339 -3.58 38.83 -32.75
C MET H 339 -2.63 39.27 -33.85
N HIS H 340 -1.90 38.35 -34.47
CA HIS H 340 -1.00 38.73 -35.55
C HIS H 340 -1.69 38.50 -36.90
N GLY H 341 -1.69 39.54 -37.73
CA GLY H 341 -2.32 39.46 -39.03
C GLY H 341 -2.62 40.79 -39.72
N THR H 342 -3.24 40.68 -40.91
CA THR H 342 -3.61 41.82 -41.73
C THR H 342 -4.77 42.65 -41.17
N GLN H 343 -4.62 43.97 -41.22
CA GLN H 343 -5.61 44.88 -40.66
C GLN H 343 -6.99 44.69 -41.31
N GLN H 344 -7.01 44.11 -42.51
CA GLN H 344 -8.26 43.77 -43.16
C GLN H 344 -8.88 42.53 -42.50
N ASP H 345 -8.07 41.50 -42.28
CA ASP H 345 -8.55 40.24 -41.68
C ASP H 345 -8.83 40.34 -40.16
N THR H 346 -8.14 41.25 -39.48
CA THR H 346 -8.34 41.49 -38.06
C THR H 346 -9.72 42.06 -37.81
N GLN H 347 -10.04 43.16 -38.52
CA GLN H 347 -11.33 43.83 -38.39
C GLN H 347 -12.47 42.88 -38.77
N ALA H 348 -12.19 41.94 -39.68
CA ALA H 348 -13.18 40.98 -40.15
C ALA H 348 -13.17 39.69 -39.32
N ALA H 349 -12.07 39.44 -38.63
CA ALA H 349 -11.93 38.26 -37.76
C ALA H 349 -12.70 38.41 -36.45
N ILE H 350 -12.47 39.54 -35.77
CA ILE H 350 -13.19 39.86 -34.55
C ILE H 350 -14.70 39.81 -34.79
N ALA H 351 -15.12 40.28 -35.96
CA ALA H 351 -16.52 40.27 -36.36
C ALA H 351 -17.14 38.86 -36.27
N TRP H 352 -16.49 37.86 -36.89
CA TRP H 352 -16.98 36.48 -36.82
C TRP H 352 -17.12 36.03 -35.37
N LEU H 353 -16.12 36.35 -34.55
CA LEU H 353 -16.14 36.01 -33.13
C LEU H 353 -17.30 36.70 -32.39
N GLN H 354 -17.47 37.99 -32.66
CA GLN H 354 -18.55 38.77 -32.04
C GLN H 354 -19.91 38.18 -32.38
N GLU H 355 -20.06 37.66 -33.60
CA GLU H 355 -21.30 37.02 -34.06
C GLU H 355 -21.57 35.82 -33.17
N HIS H 356 -20.48 35.29 -32.62
CA HIS H 356 -20.56 34.14 -31.74
C HIS H 356 -20.67 34.56 -30.28
N HIS H 357 -21.11 35.80 -30.08
CA HIS H 357 -21.38 36.34 -28.74
C HIS H 357 -20.16 36.28 -27.82
N VAL H 358 -18.99 36.62 -28.37
CA VAL H 358 -17.78 36.66 -27.59
C VAL H 358 -17.34 38.11 -27.46
N LYS H 359 -17.14 38.59 -26.24
CA LYS H 359 -16.76 39.99 -26.04
C LYS H 359 -15.37 40.27 -26.62
N VAL H 360 -15.06 41.54 -26.84
CA VAL H 360 -13.76 41.90 -27.38
C VAL H 360 -13.30 43.27 -26.85
N GLU H 361 -11.99 43.49 -26.78
CA GLU H 361 -11.43 44.78 -26.37
C GLU H 361 -10.02 45.01 -26.86
N VAL H 362 -9.36 46.04 -26.30
CA VAL H 362 -7.94 46.30 -26.55
C VAL H 362 -7.22 46.78 -25.28
N MSE I . 7.28 -37.86 25.90
CA MSE I . 7.20 -36.46 26.27
C MSE I . 6.12 -36.30 27.33
O MSE I . 4.99 -36.72 27.12
OXT MSE I . 6.35 -35.82 28.43
CB MSE I . 6.87 -35.60 25.05
CG MSE I . 7.83 -35.79 23.85
SE MSE I . 7.17 -35.05 22.18
CE MSE I . 8.79 -35.29 21.07
PB ADP J . 18.12 -24.45 -6.55
O1B ADP J . 17.47 -25.77 -6.94
O2B ADP J . 17.41 -23.20 -7.07
O3B ADP J . 18.60 -24.32 -5.10
PA ADP J . 19.86 -23.35 -8.54
O1A ADP J . 21.04 -23.89 -9.31
O2A ADP J . 18.57 -23.02 -9.28
O3A ADP J . 19.54 -24.42 -7.35
O5' ADP J . 20.39 -22.07 -7.70
C5' ADP J . 21.61 -21.42 -8.09
C4' ADP J . 21.34 -19.97 -8.49
O4' ADP J . 22.09 -19.68 -9.68
C3' ADP J . 19.88 -19.77 -8.84
O3' ADP J . 19.21 -19.11 -7.75
C2' ADP J . 19.88 -18.90 -10.08
O2' ADP J . 19.76 -17.54 -9.67
C1' ADP J . 21.25 -19.15 -10.70
N9 ADP J . 21.23 -20.10 -11.86
C8 ADP J . 21.14 -21.44 -11.76
N7 ADP J . 21.16 -22.03 -12.99
C5 ADP J . 21.26 -21.06 -13.93
C6 ADP J . 21.35 -21.00 -15.44
N6 ADP J . 21.31 -22.10 -16.24
N1 ADP J . 21.46 -19.76 -15.99
C2 ADP J . 21.51 -18.65 -15.22
N3 ADP J . 21.43 -18.62 -13.87
C4 ADP J . 21.30 -19.78 -13.16
N MSE K . -3.67 -28.31 25.67
CA MSE K . -4.35 -29.44 26.28
C MSE K . -3.54 -30.01 27.47
O MSE K . -3.76 -31.14 27.92
OXT MSE K . -2.60 -29.37 27.98
CB MSE K . -4.56 -30.54 25.23
CG MSE K . -5.20 -30.10 23.91
SE MSE K . -4.61 -31.26 22.48
CE MSE K . -4.87 -30.15 20.98
PB ADP L . -14.83 -31.34 -10.04
O1B ADP L . -14.44 -29.86 -9.99
O2B ADP L . -13.93 -32.18 -10.93
O3B ADP L . -15.07 -31.95 -8.66
PA ADP L . -16.73 -31.62 -12.28
O1A ADP L . -17.90 -30.72 -12.61
O2A ADP L . -15.48 -31.60 -13.15
O3A ADP L . -16.33 -31.40 -10.70
O5' ADP L . -17.36 -33.10 -12.29
C5' ADP L . -17.98 -33.61 -13.46
C4' ADP L . -17.35 -34.93 -13.90
O4' ADP L . -17.60 -35.08 -15.30
C3' ADP L . -15.83 -35.01 -13.76
O3' ADP L . -15.44 -36.39 -13.64
C2' ADP L . -15.25 -34.51 -15.07
O2' ADP L . -14.07 -35.26 -15.42
C1' ADP L . -16.41 -34.72 -16.04
N9 ADP L . -16.69 -33.47 -16.79
C8 ADP L . -16.57 -32.19 -16.33
N7 ADP L . -16.89 -31.31 -17.30
C5 ADP L . -17.22 -32.00 -18.41
C6 ADP L . -17.68 -31.70 -19.79
N6 ADP L . -17.83 -30.42 -20.23
N1 ADP L . -17.90 -32.75 -20.62
C2 ADP L . -17.76 -34.03 -20.23
N3 ADP L . -17.37 -34.38 -18.99
C4 ADP L . -17.07 -33.43 -18.06
N MSE M . 1.92 31.65 -27.87
CA MSE M . 1.45 30.27 -27.83
C MSE M . 0.32 29.95 -28.85
O MSE M . 0.06 28.79 -29.12
OXT MSE M . -0.30 30.80 -29.46
CB MSE M . 0.91 30.01 -26.43
CG MSE M . 1.94 29.86 -25.32
SE MSE M . 1.01 29.77 -23.63
CE MSE M . 2.55 29.57 -22.51
PB ADP N . 9.42 19.25 7.18
O1B ADP N . 10.31 20.39 7.64
O2B ADP N . 8.05 19.17 7.85
O3B ADP N . 9.39 19.07 5.66
PA ADP N . 10.89 17.78 9.18
O1A ADP N . 12.41 17.93 9.06
O2A ADP N . 10.12 18.70 10.11
O3A ADP N . 10.22 17.91 7.69
O5' ADP N . 10.55 16.24 9.58
C5' ADP N . 10.70 15.11 8.71
C4' ADP N . 10.18 13.86 9.41
O4' ADP N . 11.03 13.52 10.53
C3' ADP N . 8.76 14.04 9.94
O3' ADP N . 7.91 12.99 9.44
C2' ADP N . 8.90 14.04 11.47
O2' ADP N . 7.84 13.35 12.16
C1' ADP N . 10.27 13.41 11.76
N9 ADP N . 10.97 14.06 12.91
C8 ADP N . 11.61 15.27 12.92
N7 ADP N . 12.13 15.56 14.13
C5 ADP N . 11.84 14.53 14.96
C6 ADP N . 12.09 14.19 16.40
N6 ADP N . 12.78 15.01 17.24
N1 ADP N . 11.59 13.00 16.85
C2 ADP N . 10.91 12.15 16.04
N3 ADP N . 10.64 12.39 14.73
C4 ADP N . 11.08 13.55 14.15
N MSE O . -12.89 27.09 -26.88
CA MSE O . -11.90 28.13 -26.77
C MSE O . -10.69 27.72 -27.58
O MSE O . -10.59 28.08 -28.74
OXT MSE O . -9.79 27.01 -27.13
CB MSE O . -11.55 28.36 -25.28
CG MSE O . -11.42 29.83 -24.83
SE MSE O . -11.26 30.05 -22.90
CE MSE O . -10.21 31.66 -22.80
PB ADP P . -14.95 39.18 10.70
O1B ADP P . -16.00 38.09 10.71
O2B ADP P . -13.62 38.69 11.28
O3B ADP P . -14.84 39.83 9.31
PA ADP P . -15.88 40.39 13.27
O1A ADP P . -17.36 40.70 13.39
O2A ADP P . -15.26 39.17 13.95
O3A ADP P . -15.44 40.40 11.69
O5' ADP P . -15.15 41.65 13.99
C5' ADP P . -15.41 43.02 13.69
C4' ADP P . -14.62 43.74 14.76
O4' ADP P . -15.25 43.52 16.03
C3' ADP P . -13.20 43.14 14.84
O3' ADP P . -12.18 44.09 14.51
C2' ADP P . -13.02 42.70 16.28
O2' ADP P . -11.84 43.34 16.79
C1' ADP P . -14.27 43.19 17.02
N9 ADP P . -14.84 42.20 17.99
C8 ADP P . -15.32 40.96 17.71
N7 ADP P . -15.76 40.34 18.84
C5 ADP P . -15.57 41.19 19.90
C6 ADP P . -15.83 41.18 21.38
N6 ADP P . -16.39 40.09 22.01
N1 ADP P . -15.47 42.31 22.09
C2 ADP P . -14.91 43.38 21.49
N3 ADP P . -14.66 43.46 20.15
C4 ADP P . -14.97 42.41 19.31
#